data_4ZCT
# 
_entry.id   4ZCT 
# 
_audit_conform.dict_name       mmcif_pdbx.dic 
_audit_conform.dict_version    5.383 
_audit_conform.dict_location   http://mmcif.pdb.org/dictionaries/ascii/mmcif_pdbx.dic 
# 
loop_
_database_2.database_id 
_database_2.database_code 
_database_2.pdbx_database_accession 
_database_2.pdbx_DOI 
PDB   4ZCT         pdb_00004zct 10.2210/pdb4zct/pdb 
WWPDB D_1000208859 ?            ?                   
# 
loop_
_pdbx_audit_revision_history.ordinal 
_pdbx_audit_revision_history.data_content_type 
_pdbx_audit_revision_history.major_revision 
_pdbx_audit_revision_history.minor_revision 
_pdbx_audit_revision_history.revision_date 
1 'Structure model' 1 0 2016-09-14 
2 'Structure model' 1 1 2018-08-29 
3 'Structure model' 1 2 2024-01-10 
# 
_pdbx_audit_revision_details.ordinal             1 
_pdbx_audit_revision_details.revision_ordinal    1 
_pdbx_audit_revision_details.data_content_type   'Structure model' 
_pdbx_audit_revision_details.provider            repository 
_pdbx_audit_revision_details.type                'Initial release' 
_pdbx_audit_revision_details.description         ? 
_pdbx_audit_revision_details.details             ? 
# 
loop_
_pdbx_audit_revision_group.ordinal 
_pdbx_audit_revision_group.revision_ordinal 
_pdbx_audit_revision_group.data_content_type 
_pdbx_audit_revision_group.group 
1 2 'Structure model' 'Data collection'        
2 2 'Structure model' 'Database references'    
3 3 'Structure model' 'Data collection'        
4 3 'Structure model' 'Database references'    
5 3 'Structure model' 'Refinement description' 
# 
loop_
_pdbx_audit_revision_category.ordinal 
_pdbx_audit_revision_category.revision_ordinal 
_pdbx_audit_revision_category.data_content_type 
_pdbx_audit_revision_category.category 
1 2 'Structure model' citation                      
2 2 'Structure model' citation_author               
3 3 'Structure model' chem_comp_atom                
4 3 'Structure model' chem_comp_bond                
5 3 'Structure model' database_2                    
6 3 'Structure model' pdbx_initial_refinement_model 
# 
loop_
_pdbx_audit_revision_item.ordinal 
_pdbx_audit_revision_item.revision_ordinal 
_pdbx_audit_revision_item.data_content_type 
_pdbx_audit_revision_item.item 
1  2 'Structure model' '_citation.country'                   
2  2 'Structure model' '_citation.journal_abbrev'            
3  2 'Structure model' '_citation.journal_id_CSD'            
4  2 'Structure model' '_citation.journal_id_ISSN'           
5  2 'Structure model' '_citation.journal_volume'            
6  2 'Structure model' '_citation.page_first'                
7  2 'Structure model' '_citation.page_last'                 
8  2 'Structure model' '_citation.pdbx_database_id_DOI'      
9  2 'Structure model' '_citation.pdbx_database_id_PubMed'   
10 2 'Structure model' '_citation.title'                     
11 2 'Structure model' '_citation.year'                      
12 3 'Structure model' '_database_2.pdbx_DOI'                
13 3 'Structure model' '_database_2.pdbx_database_accession' 
# 
_pdbx_database_status.status_code                     REL 
_pdbx_database_status.status_code_sf                  REL 
_pdbx_database_status.status_code_mr                  ? 
_pdbx_database_status.entry_id                        4ZCT 
_pdbx_database_status.recvd_initial_deposition_date   2015-04-16 
_pdbx_database_status.SG_entry                        N 
_pdbx_database_status.deposit_site                    RCSB 
_pdbx_database_status.process_site                    PDBE 
_pdbx_database_status.status_code_cs                  ? 
_pdbx_database_status.methods_development_category    ? 
_pdbx_database_status.pdb_format_compatible           Y 
_pdbx_database_status.status_code_nmr_data            ? 
# 
loop_
_pdbx_database_related.db_name 
_pdbx_database_related.details 
_pdbx_database_related.db_id 
_pdbx_database_related.content_type 
PDB '4ZCP contains the same protein complexed with CMP.'            4ZCP unspecified 
PDB '4ZCQ contains the same protein complexed with choline.'        4ZCQ unspecified 
PDB '4ZCR contains the same protein complexed with phosphocholine.' 4ZCR unspecified 
PDB '4ZCS contains the same protein complexed with CDP-choline.'    4ZCS unspecified 
# 
loop_
_audit_author.name 
_audit_author.pdbx_ordinal 
'Guca, E.'       1 
'Hoh, F.'        2 
'Guichou, J.-F.' 3 
'Cerdan, R.'     4 
# 
_citation.abstract                  ? 
_citation.abstract_id_CAS           ? 
_citation.book_id_ISBN              ? 
_citation.book_publisher            ? 
_citation.book_publisher_city       ? 
_citation.book_title                ? 
_citation.coordinate_linkage        ? 
_citation.country                   UK 
_citation.database_id_Medline       ? 
_citation.details                   ? 
_citation.id                        primary 
_citation.journal_abbrev            'Sci Rep' 
_citation.journal_id_ASTM           ? 
_citation.journal_id_CSD            ? 
_citation.journal_id_ISSN           2045-2322 
_citation.journal_full              ? 
_citation.journal_issue             ? 
_citation.journal_volume            8 
_citation.language                  ? 
_citation.page_first                11215 
_citation.page_last                 11215 
_citation.title                     
'Structural determinants of the catalytic mechanism of Plasmodium CCT, a key enzyme of malaria lipid biosynthesis.' 
_citation.year                      2018 
_citation.database_id_CSD           ? 
_citation.pdbx_database_id_DOI      10.1038/s41598-018-29500-9 
_citation.pdbx_database_id_PubMed   30046154 
_citation.unpublished_flag          ? 
# 
loop_
_citation_author.citation_id 
_citation_author.name 
_citation_author.ordinal 
_citation_author.identifier_ORCID 
primary 'Guca, E.'       1  ? 
primary 'Nagy, G.N.'     2  ? 
primary 'Hajdu, F.'      3  ? 
primary 'Marton, L.'     4  ? 
primary 'Izrael, R.'     5  ? 
primary 'Hoh, F.'        6  ? 
primary 'Yang, Y.'       7  ? 
primary 'Vial, H.'       8  ? 
primary 'Vertessy, B.G.' 9  ? 
primary 'Guichou, J.F.'  10 ? 
primary 'Cerdan, R.'     11 ? 
# 
loop_
_entity.id 
_entity.type 
_entity.src_method 
_entity.pdbx_description 
_entity.formula_weight 
_entity.pdbx_number_of_molecules 
_entity.pdbx_ec 
_entity.pdbx_mutation 
_entity.pdbx_fragment 
_entity.details 
1 polymer man 'Cholinephosphate cytidylyltransferase' 20810.123 1  2.7.7.15 ? 'UNP residues 581-775' ? 
2 water   nat water                                   18.015    98 ?        ? ?                      ? 
# 
_entity_poly.entity_id                      1 
_entity_poly.type                           'polypeptide(L)' 
_entity_poly.nstd_linkage                   no 
_entity_poly.nstd_monomer                   no 
_entity_poly.pdbx_seq_one_letter_code       
;GHMAVPDDDDDDDNSNDESEYESSQMDSEKNKGSIKNSKNVVIYADGVYDMLHLGHMKQLEQAKKLFENTTLIVGVTSDN
ETKLFKGQVVQTLEERTETLKHIRWVDEIISPCPWVVTPEFLEKYKIDYVAHDDIPYANNQKEDIYAWLKRAGKFKATQR
TEGVSTTDLIVRILKNYEDY
;
_entity_poly.pdbx_seq_one_letter_code_can   
;GHMAVPDDDDDDDNSNDESEYESSQMDSEKNKGSIKNSKNVVIYADGVYDMLHLGHMKQLEQAKKLFENTTLIVGVTSDN
ETKLFKGQVVQTLEERTETLKHIRWVDEIISPCPWVVTPEFLEKYKIDYVAHDDIPYANNQKEDIYAWLKRAGKFKATQR
TEGVSTTDLIVRILKNYEDY
;
_entity_poly.pdbx_strand_id                 A 
_entity_poly.pdbx_target_identifier         ? 
# 
_pdbx_entity_nonpoly.entity_id   2 
_pdbx_entity_nonpoly.name        water 
_pdbx_entity_nonpoly.comp_id     HOH 
# 
loop_
_entity_poly_seq.entity_id 
_entity_poly_seq.num 
_entity_poly_seq.mon_id 
_entity_poly_seq.hetero 
1 1   GLY n 
1 2   HIS n 
1 3   MET n 
1 4   ALA n 
1 5   VAL n 
1 6   PRO n 
1 7   ASP n 
1 8   ASP n 
1 9   ASP n 
1 10  ASP n 
1 11  ASP n 
1 12  ASP n 
1 13  ASP n 
1 14  ASN n 
1 15  SER n 
1 16  ASN n 
1 17  ASP n 
1 18  GLU n 
1 19  SER n 
1 20  GLU n 
1 21  TYR n 
1 22  GLU n 
1 23  SER n 
1 24  SER n 
1 25  GLN n 
1 26  MET n 
1 27  ASP n 
1 28  SER n 
1 29  GLU n 
1 30  LYS n 
1 31  ASN n 
1 32  LYS n 
1 33  GLY n 
1 34  SER n 
1 35  ILE n 
1 36  LYS n 
1 37  ASN n 
1 38  SER n 
1 39  LYS n 
1 40  ASN n 
1 41  VAL n 
1 42  VAL n 
1 43  ILE n 
1 44  TYR n 
1 45  ALA n 
1 46  ASP n 
1 47  GLY n 
1 48  VAL n 
1 49  TYR n 
1 50  ASP n 
1 51  MET n 
1 52  LEU n 
1 53  HIS n 
1 54  LEU n 
1 55  GLY n 
1 56  HIS n 
1 57  MET n 
1 58  LYS n 
1 59  GLN n 
1 60  LEU n 
1 61  GLU n 
1 62  GLN n 
1 63  ALA n 
1 64  LYS n 
1 65  LYS n 
1 66  LEU n 
1 67  PHE n 
1 68  GLU n 
1 69  ASN n 
1 70  THR n 
1 71  THR n 
1 72  LEU n 
1 73  ILE n 
1 74  VAL n 
1 75  GLY n 
1 76  VAL n 
1 77  THR n 
1 78  SER n 
1 79  ASP n 
1 80  ASN n 
1 81  GLU n 
1 82  THR n 
1 83  LYS n 
1 84  LEU n 
1 85  PHE n 
1 86  LYS n 
1 87  GLY n 
1 88  GLN n 
1 89  VAL n 
1 90  VAL n 
1 91  GLN n 
1 92  THR n 
1 93  LEU n 
1 94  GLU n 
1 95  GLU n 
1 96  ARG n 
1 97  THR n 
1 98  GLU n 
1 99  THR n 
1 100 LEU n 
1 101 LYS n 
1 102 HIS n 
1 103 ILE n 
1 104 ARG n 
1 105 TRP n 
1 106 VAL n 
1 107 ASP n 
1 108 GLU n 
1 109 ILE n 
1 110 ILE n 
1 111 SER n 
1 112 PRO n 
1 113 CYS n 
1 114 PRO n 
1 115 TRP n 
1 116 VAL n 
1 117 VAL n 
1 118 THR n 
1 119 PRO n 
1 120 GLU n 
1 121 PHE n 
1 122 LEU n 
1 123 GLU n 
1 124 LYS n 
1 125 TYR n 
1 126 LYS n 
1 127 ILE n 
1 128 ASP n 
1 129 TYR n 
1 130 VAL n 
1 131 ALA n 
1 132 HIS n 
1 133 ASP n 
1 134 ASP n 
1 135 ILE n 
1 136 PRO n 
1 137 TYR n 
1 138 ALA n 
1 139 ASN n 
1 140 ASN n 
1 141 GLN n 
1 142 LYS n 
1 143 GLU n 
1 144 ASP n 
1 145 ILE n 
1 146 TYR n 
1 147 ALA n 
1 148 TRP n 
1 149 LEU n 
1 150 LYS n 
1 151 ARG n 
1 152 ALA n 
1 153 GLY n 
1 154 LYS n 
1 155 PHE n 
1 156 LYS n 
1 157 ALA n 
1 158 THR n 
1 159 GLN n 
1 160 ARG n 
1 161 THR n 
1 162 GLU n 
1 163 GLY n 
1 164 VAL n 
1 165 SER n 
1 166 THR n 
1 167 THR n 
1 168 ASP n 
1 169 LEU n 
1 170 ILE n 
1 171 VAL n 
1 172 ARG n 
1 173 ILE n 
1 174 LEU n 
1 175 LYS n 
1 176 ASN n 
1 177 TYR n 
1 178 GLU n 
1 179 ASP n 
1 180 TYR n 
# 
_entity_src_gen.entity_id                          1 
_entity_src_gen.pdbx_src_id                        1 
_entity_src_gen.pdbx_alt_source_flag               sample 
_entity_src_gen.pdbx_seq_type                      'Biological sequence' 
_entity_src_gen.pdbx_beg_seq_num                   1 
_entity_src_gen.pdbx_end_seq_num                   180 
_entity_src_gen.gene_src_common_name               ? 
_entity_src_gen.gene_src_genus                     ? 
_entity_src_gen.pdbx_gene_src_gene                 'ctP, MAL13P1.86' 
_entity_src_gen.gene_src_species                   ? 
_entity_src_gen.gene_src_strain                    'isolate 3D7' 
_entity_src_gen.gene_src_tissue                    ? 
_entity_src_gen.gene_src_tissue_fraction           ? 
_entity_src_gen.gene_src_details                   ? 
_entity_src_gen.pdbx_gene_src_fragment             ? 
_entity_src_gen.pdbx_gene_src_scientific_name      'Plasmodium falciparum' 
_entity_src_gen.pdbx_gene_src_ncbi_taxonomy_id     36329 
_entity_src_gen.pdbx_gene_src_variant              ? 
_entity_src_gen.pdbx_gene_src_cell_line            ? 
_entity_src_gen.pdbx_gene_src_atcc                 ? 
_entity_src_gen.pdbx_gene_src_organ                ? 
_entity_src_gen.pdbx_gene_src_organelle            ? 
_entity_src_gen.pdbx_gene_src_cell                 ? 
_entity_src_gen.pdbx_gene_src_cellular_location    ? 
_entity_src_gen.host_org_common_name               ? 
_entity_src_gen.pdbx_host_org_scientific_name      'Escherichia coli' 
_entity_src_gen.pdbx_host_org_ncbi_taxonomy_id     562 
_entity_src_gen.host_org_genus                     ? 
_entity_src_gen.pdbx_host_org_gene                 ? 
_entity_src_gen.pdbx_host_org_organ                ? 
_entity_src_gen.host_org_species                   ? 
_entity_src_gen.pdbx_host_org_tissue               ? 
_entity_src_gen.pdbx_host_org_tissue_fraction      ? 
_entity_src_gen.pdbx_host_org_strain               ? 
_entity_src_gen.pdbx_host_org_variant              ? 
_entity_src_gen.pdbx_host_org_cell_line            ? 
_entity_src_gen.pdbx_host_org_atcc                 ? 
_entity_src_gen.pdbx_host_org_culture_collection   ? 
_entity_src_gen.pdbx_host_org_cell                 ? 
_entity_src_gen.pdbx_host_org_organelle            ? 
_entity_src_gen.pdbx_host_org_cellular_location    ? 
_entity_src_gen.pdbx_host_org_vector_type          ? 
_entity_src_gen.pdbx_host_org_vector               ? 
_entity_src_gen.host_org_details                   ? 
_entity_src_gen.expression_system_id               ? 
_entity_src_gen.plasmid_name                       ? 
_entity_src_gen.plasmid_details                    ? 
_entity_src_gen.pdbx_description                   ? 
# 
loop_
_chem_comp.id 
_chem_comp.type 
_chem_comp.mon_nstd_flag 
_chem_comp.name 
_chem_comp.pdbx_synonyms 
_chem_comp.formula 
_chem_comp.formula_weight 
ALA 'L-peptide linking' y ALANINE         ? 'C3 H7 N O2'     89.093  
ARG 'L-peptide linking' y ARGININE        ? 'C6 H15 N4 O2 1' 175.209 
ASN 'L-peptide linking' y ASPARAGINE      ? 'C4 H8 N2 O3'    132.118 
ASP 'L-peptide linking' y 'ASPARTIC ACID' ? 'C4 H7 N O4'     133.103 
CYS 'L-peptide linking' y CYSTEINE        ? 'C3 H7 N O2 S'   121.158 
GLN 'L-peptide linking' y GLUTAMINE       ? 'C5 H10 N2 O3'   146.144 
GLU 'L-peptide linking' y 'GLUTAMIC ACID' ? 'C5 H9 N O4'     147.129 
GLY 'peptide linking'   y GLYCINE         ? 'C2 H5 N O2'     75.067  
HIS 'L-peptide linking' y HISTIDINE       ? 'C6 H10 N3 O2 1' 156.162 
HOH non-polymer         . WATER           ? 'H2 O'           18.015  
ILE 'L-peptide linking' y ISOLEUCINE      ? 'C6 H13 N O2'    131.173 
LEU 'L-peptide linking' y LEUCINE         ? 'C6 H13 N O2'    131.173 
LYS 'L-peptide linking' y LYSINE          ? 'C6 H15 N2 O2 1' 147.195 
MET 'L-peptide linking' y METHIONINE      ? 'C5 H11 N O2 S'  149.211 
PHE 'L-peptide linking' y PHENYLALANINE   ? 'C9 H11 N O2'    165.189 
PRO 'L-peptide linking' y PROLINE         ? 'C5 H9 N O2'     115.130 
SER 'L-peptide linking' y SERINE          ? 'C3 H7 N O3'     105.093 
THR 'L-peptide linking' y THREONINE       ? 'C4 H9 N O3'     119.119 
TRP 'L-peptide linking' y TRYPTOPHAN      ? 'C11 H12 N2 O2'  204.225 
TYR 'L-peptide linking' y TYROSINE        ? 'C9 H11 N O3'    181.189 
VAL 'L-peptide linking' y VALINE          ? 'C5 H11 N O2'    117.146 
# 
loop_
_pdbx_poly_seq_scheme.asym_id 
_pdbx_poly_seq_scheme.entity_id 
_pdbx_poly_seq_scheme.seq_id 
_pdbx_poly_seq_scheme.mon_id 
_pdbx_poly_seq_scheme.ndb_seq_num 
_pdbx_poly_seq_scheme.pdb_seq_num 
_pdbx_poly_seq_scheme.auth_seq_num 
_pdbx_poly_seq_scheme.pdb_mon_id 
_pdbx_poly_seq_scheme.auth_mon_id 
_pdbx_poly_seq_scheme.pdb_strand_id 
_pdbx_poly_seq_scheme.pdb_ins_code 
_pdbx_poly_seq_scheme.hetero 
A 1 1   GLY 1   578 ?   ?   ?   A . n 
A 1 2   HIS 2   579 ?   ?   ?   A . n 
A 1 3   MET 3   580 ?   ?   ?   A . n 
A 1 4   ALA 4   581 ?   ?   ?   A . n 
A 1 5   VAL 5   582 ?   ?   ?   A . n 
A 1 6   PRO 6   583 ?   ?   ?   A . n 
A 1 7   ASP 7   584 ?   ?   ?   A . n 
A 1 8   ASP 8   585 ?   ?   ?   A . n 
A 1 9   ASP 9   586 ?   ?   ?   A . n 
A 1 10  ASP 10  587 ?   ?   ?   A . n 
A 1 11  ASP 11  588 ?   ?   ?   A . n 
A 1 12  ASP 12  589 ?   ?   ?   A . n 
A 1 13  ASP 13  590 ?   ?   ?   A . n 
A 1 14  ASN 14  591 ?   ?   ?   A . n 
A 1 15  SER 15  592 ?   ?   ?   A . n 
A 1 16  ASN 16  593 ?   ?   ?   A . n 
A 1 17  ASP 17  594 ?   ?   ?   A . n 
A 1 18  GLU 18  595 ?   ?   ?   A . n 
A 1 19  SER 19  596 ?   ?   ?   A . n 
A 1 20  GLU 20  597 ?   ?   ?   A . n 
A 1 21  TYR 21  598 ?   ?   ?   A . n 
A 1 22  GLU 22  599 ?   ?   ?   A . n 
A 1 23  SER 23  600 ?   ?   ?   A . n 
A 1 24  SER 24  601 ?   ?   ?   A . n 
A 1 25  GLN 25  602 ?   ?   ?   A . n 
A 1 26  MET 26  603 ?   ?   ?   A . n 
A 1 27  ASP 27  604 ?   ?   ?   A . n 
A 1 28  SER 28  605 ?   ?   ?   A . n 
A 1 29  GLU 29  606 ?   ?   ?   A . n 
A 1 30  LYS 30  607 ?   ?   ?   A . n 
A 1 31  ASN 31  608 ?   ?   ?   A . n 
A 1 32  LYS 32  609 ?   ?   ?   A . n 
A 1 33  GLY 33  610 ?   ?   ?   A . n 
A 1 34  SER 34  611 ?   ?   ?   A . n 
A 1 35  ILE 35  612 ?   ?   ?   A . n 
A 1 36  LYS 36  613 ?   ?   ?   A . n 
A 1 37  ASN 37  614 ?   ?   ?   A . n 
A 1 38  SER 38  615 ?   ?   ?   A . n 
A 1 39  LYS 39  616 616 LYS LYS A . n 
A 1 40  ASN 40  617 617 ASN ASN A . n 
A 1 41  VAL 41  618 618 VAL VAL A . n 
A 1 42  VAL 42  619 619 VAL VAL A . n 
A 1 43  ILE 43  620 620 ILE ILE A . n 
A 1 44  TYR 44  621 621 TYR TYR A . n 
A 1 45  ALA 45  622 622 ALA ALA A . n 
A 1 46  ASP 46  623 623 ASP ASP A . n 
A 1 47  GLY 47  624 624 GLY GLY A . n 
A 1 48  VAL 48  625 625 VAL VAL A . n 
A 1 49  TYR 49  626 626 TYR TYR A . n 
A 1 50  ASP 50  627 627 ASP ASP A . n 
A 1 51  MET 51  628 628 MET MET A . n 
A 1 52  LEU 52  629 629 LEU LEU A . n 
A 1 53  HIS 53  630 630 HIS HIS A . n 
A 1 54  LEU 54  631 631 LEU LEU A . n 
A 1 55  GLY 55  632 632 GLY GLY A . n 
A 1 56  HIS 56  633 633 HIS HIS A . n 
A 1 57  MET 57  634 634 MET MET A . n 
A 1 58  LYS 58  635 635 LYS LYS A . n 
A 1 59  GLN 59  636 636 GLN GLN A . n 
A 1 60  LEU 60  637 637 LEU LEU A . n 
A 1 61  GLU 61  638 638 GLU GLU A . n 
A 1 62  GLN 62  639 639 GLN GLN A . n 
A 1 63  ALA 63  640 640 ALA ALA A . n 
A 1 64  LYS 64  641 641 LYS LYS A . n 
A 1 65  LYS 65  642 642 LYS LYS A . n 
A 1 66  LEU 66  643 643 LEU LEU A . n 
A 1 67  PHE 67  644 644 PHE PHE A . n 
A 1 68  GLU 68  645 645 GLU GLU A . n 
A 1 69  ASN 69  646 646 ASN ASN A . n 
A 1 70  THR 70  647 647 THR THR A . n 
A 1 71  THR 71  648 648 THR THR A . n 
A 1 72  LEU 72  649 649 LEU LEU A . n 
A 1 73  ILE 73  650 650 ILE ILE A . n 
A 1 74  VAL 74  651 651 VAL VAL A . n 
A 1 75  GLY 75  652 652 GLY GLY A . n 
A 1 76  VAL 76  653 653 VAL VAL A . n 
A 1 77  THR 77  654 654 THR THR A . n 
A 1 78  SER 78  655 655 SER SER A . n 
A 1 79  ASP 79  656 656 ASP ASP A . n 
A 1 80  ASN 80  657 657 ASN ASN A . n 
A 1 81  GLU 81  658 658 GLU GLU A . n 
A 1 82  THR 82  659 659 THR THR A . n 
A 1 83  LYS 83  660 660 LYS LYS A . n 
A 1 84  LEU 84  661 661 LEU LEU A . n 
A 1 85  PHE 85  662 662 PHE PHE A . n 
A 1 86  LYS 86  663 663 LYS LYS A . n 
A 1 87  GLY 87  664 664 GLY GLY A . n 
A 1 88  GLN 88  665 665 GLN GLN A . n 
A 1 89  VAL 89  666 666 VAL VAL A . n 
A 1 90  VAL 90  667 667 VAL VAL A . n 
A 1 91  GLN 91  668 668 GLN GLN A . n 
A 1 92  THR 92  669 669 THR THR A . n 
A 1 93  LEU 93  670 670 LEU LEU A . n 
A 1 94  GLU 94  671 671 GLU GLU A . n 
A 1 95  GLU 95  672 672 GLU GLU A . n 
A 1 96  ARG 96  673 673 ARG ARG A . n 
A 1 97  THR 97  674 674 THR THR A . n 
A 1 98  GLU 98  675 675 GLU GLU A . n 
A 1 99  THR 99  676 676 THR THR A . n 
A 1 100 LEU 100 677 677 LEU LEU A . n 
A 1 101 LYS 101 678 678 LYS LYS A . n 
A 1 102 HIS 102 679 679 HIS HIS A . n 
A 1 103 ILE 103 680 680 ILE ILE A . n 
A 1 104 ARG 104 681 681 ARG ARG A . n 
A 1 105 TRP 105 682 682 TRP TRP A . n 
A 1 106 VAL 106 683 683 VAL VAL A . n 
A 1 107 ASP 107 684 684 ASP ASP A . n 
A 1 108 GLU 108 685 685 GLU GLU A . n 
A 1 109 ILE 109 686 686 ILE ILE A . n 
A 1 110 ILE 110 687 687 ILE ILE A . n 
A 1 111 SER 111 688 688 SER SER A . n 
A 1 112 PRO 112 689 689 PRO PRO A . n 
A 1 113 CYS 113 690 690 CYS CYS A . n 
A 1 114 PRO 114 691 691 PRO PRO A . n 
A 1 115 TRP 115 692 692 TRP TRP A . n 
A 1 116 VAL 116 693 693 VAL VAL A . n 
A 1 117 VAL 117 694 694 VAL VAL A . n 
A 1 118 THR 118 695 695 THR THR A . n 
A 1 119 PRO 119 696 696 PRO PRO A . n 
A 1 120 GLU 120 697 697 GLU GLU A . n 
A 1 121 PHE 121 698 698 PHE PHE A . n 
A 1 122 LEU 122 699 699 LEU LEU A . n 
A 1 123 GLU 123 700 700 GLU GLU A . n 
A 1 124 LYS 124 701 701 LYS LYS A . n 
A 1 125 TYR 125 702 702 TYR TYR A . n 
A 1 126 LYS 126 703 703 LYS LYS A . n 
A 1 127 ILE 127 704 704 ILE ILE A . n 
A 1 128 ASP 128 705 705 ASP ASP A . n 
A 1 129 TYR 129 706 706 TYR TYR A . n 
A 1 130 VAL 130 707 707 VAL VAL A . n 
A 1 131 ALA 131 708 708 ALA ALA A . n 
A 1 132 HIS 132 709 709 HIS HIS A . n 
A 1 133 ASP 133 710 710 ASP ASP A . n 
A 1 134 ASP 134 711 711 ASP ASP A . n 
A 1 135 ILE 135 730 ?   ?   ?   A . n 
A 1 136 PRO 136 731 ?   ?   ?   A . n 
A 1 137 TYR 137 732 ?   ?   ?   A . n 
A 1 138 ALA 138 733 ?   ?   ?   A . n 
A 1 139 ASN 139 734 ?   ?   ?   A . n 
A 1 140 ASN 140 735 ?   ?   ?   A . n 
A 1 141 GLN 141 736 ?   ?   ?   A . n 
A 1 142 LYS 142 737 ?   ?   ?   A . n 
A 1 143 GLU 143 738 ?   ?   ?   A . n 
A 1 144 ASP 144 739 739 ASP ASP A . n 
A 1 145 ILE 145 740 740 ILE ILE A . n 
A 1 146 TYR 146 741 741 TYR TYR A . n 
A 1 147 ALA 147 742 742 ALA ALA A . n 
A 1 148 TRP 148 743 743 TRP TRP A . n 
A 1 149 LEU 149 744 744 LEU LEU A . n 
A 1 150 LYS 150 745 745 LYS LYS A . n 
A 1 151 ARG 151 746 746 ARG ARG A . n 
A 1 152 ALA 152 747 747 ALA ALA A . n 
A 1 153 GLY 153 748 748 GLY GLY A . n 
A 1 154 LYS 154 749 749 LYS LYS A . n 
A 1 155 PHE 155 750 750 PHE PHE A . n 
A 1 156 LYS 156 751 751 LYS LYS A . n 
A 1 157 ALA 157 752 752 ALA ALA A . n 
A 1 158 THR 158 753 753 THR THR A . n 
A 1 159 GLN 159 754 754 GLN GLN A . n 
A 1 160 ARG 160 755 755 ARG ARG A . n 
A 1 161 THR 161 756 756 THR THR A . n 
A 1 162 GLU 162 757 757 GLU GLU A . n 
A 1 163 GLY 163 758 758 GLY GLY A . n 
A 1 164 VAL 164 759 759 VAL VAL A . n 
A 1 165 SER 165 760 760 SER SER A . n 
A 1 166 THR 166 761 761 THR THR A . n 
A 1 167 THR 167 762 762 THR THR A . n 
A 1 168 ASP 168 763 763 ASP ASP A . n 
A 1 169 LEU 169 764 764 LEU LEU A . n 
A 1 170 ILE 170 765 765 ILE ILE A . n 
A 1 171 VAL 171 766 766 VAL VAL A . n 
A 1 172 ARG 172 767 767 ARG ARG A . n 
A 1 173 ILE 173 768 768 ILE ILE A . n 
A 1 174 LEU 174 769 769 LEU LEU A . n 
A 1 175 LYS 175 770 770 LYS LYS A . n 
A 1 176 ASN 176 771 771 ASN ASN A . n 
A 1 177 TYR 177 772 772 TYR TYR A . n 
A 1 178 GLU 178 773 773 GLU GLU A . n 
A 1 179 ASP 179 774 774 ASP ASP A . n 
A 1 180 TYR 180 775 775 TYR TYR A . n 
# 
loop_
_pdbx_nonpoly_scheme.asym_id 
_pdbx_nonpoly_scheme.entity_id 
_pdbx_nonpoly_scheme.mon_id 
_pdbx_nonpoly_scheme.ndb_seq_num 
_pdbx_nonpoly_scheme.pdb_seq_num 
_pdbx_nonpoly_scheme.auth_seq_num 
_pdbx_nonpoly_scheme.pdb_mon_id 
_pdbx_nonpoly_scheme.auth_mon_id 
_pdbx_nonpoly_scheme.pdb_strand_id 
_pdbx_nonpoly_scheme.pdb_ins_code 
B 2 HOH 1  801 98  HOH HOH A . 
B 2 HOH 2  802 79  HOH HOH A . 
B 2 HOH 3  803 55  HOH HOH A . 
B 2 HOH 4  804 92  HOH HOH A . 
B 2 HOH 5  805 56  HOH HOH A . 
B 2 HOH 6  806 34  HOH HOH A . 
B 2 HOH 7  807 57  HOH HOH A . 
B 2 HOH 8  808 19  HOH HOH A . 
B 2 HOH 9  809 61  HOH HOH A . 
B 2 HOH 10 810 38  HOH HOH A . 
B 2 HOH 11 811 104 HOH HOH A . 
B 2 HOH 12 812 1   HOH HOH A . 
B 2 HOH 13 813 78  HOH HOH A . 
B 2 HOH 14 814 73  HOH HOH A . 
B 2 HOH 15 815 18  HOH HOH A . 
B 2 HOH 16 816 53  HOH HOH A . 
B 2 HOH 17 817 97  HOH HOH A . 
B 2 HOH 18 818 21  HOH HOH A . 
B 2 HOH 19 819 6   HOH HOH A . 
B 2 HOH 20 820 101 HOH HOH A . 
B 2 HOH 21 821 28  HOH HOH A . 
B 2 HOH 22 822 13  HOH HOH A . 
B 2 HOH 23 823 70  HOH HOH A . 
B 2 HOH 24 824 51  HOH HOH A . 
B 2 HOH 25 825 86  HOH HOH A . 
B 2 HOH 26 826 36  HOH HOH A . 
B 2 HOH 27 827 50  HOH HOH A . 
B 2 HOH 28 828 100 HOH HOH A . 
B 2 HOH 29 829 105 HOH HOH A . 
B 2 HOH 30 830 41  HOH HOH A . 
B 2 HOH 31 831 37  HOH HOH A . 
B 2 HOH 32 832 12  HOH HOH A . 
B 2 HOH 33 833 46  HOH HOH A . 
B 2 HOH 34 834 33  HOH HOH A . 
B 2 HOH 35 835 14  HOH HOH A . 
B 2 HOH 36 836 5   HOH HOH A . 
B 2 HOH 37 837 15  HOH HOH A . 
B 2 HOH 38 838 82  HOH HOH A . 
B 2 HOH 39 839 67  HOH HOH A . 
B 2 HOH 40 840 7   HOH HOH A . 
B 2 HOH 41 841 80  HOH HOH A . 
B 2 HOH 42 842 25  HOH HOH A . 
B 2 HOH 43 843 71  HOH HOH A . 
B 2 HOH 44 844 63  HOH HOH A . 
B 2 HOH 45 845 17  HOH HOH A . 
B 2 HOH 46 846 20  HOH HOH A . 
B 2 HOH 47 847 103 HOH HOH A . 
B 2 HOH 48 848 8   HOH HOH A . 
B 2 HOH 49 849 68  HOH HOH A . 
B 2 HOH 50 850 99  HOH HOH A . 
B 2 HOH 51 851 23  HOH HOH A . 
B 2 HOH 52 852 54  HOH HOH A . 
B 2 HOH 53 853 44  HOH HOH A . 
B 2 HOH 54 854 4   HOH HOH A . 
B 2 HOH 55 855 96  HOH HOH A . 
B 2 HOH 56 856 90  HOH HOH A . 
B 2 HOH 57 857 42  HOH HOH A . 
B 2 HOH 58 858 102 HOH HOH A . 
B 2 HOH 59 859 2   HOH HOH A . 
B 2 HOH 60 860 11  HOH HOH A . 
B 2 HOH 61 861 72  HOH HOH A . 
B 2 HOH 62 862 88  HOH HOH A . 
B 2 HOH 63 863 39  HOH HOH A . 
B 2 HOH 64 864 77  HOH HOH A . 
B 2 HOH 65 865 22  HOH HOH A . 
B 2 HOH 66 866 59  HOH HOH A . 
B 2 HOH 67 867 16  HOH HOH A . 
B 2 HOH 68 868 3   HOH HOH A . 
B 2 HOH 69 869 75  HOH HOH A . 
B 2 HOH 70 870 29  HOH HOH A . 
B 2 HOH 71 871 81  HOH HOH A . 
B 2 HOH 72 872 26  HOH HOH A . 
B 2 HOH 73 873 31  HOH HOH A . 
B 2 HOH 74 874 24  HOH HOH A . 
B 2 HOH 75 875 49  HOH HOH A . 
B 2 HOH 76 876 40  HOH HOH A . 
B 2 HOH 77 877 107 HOH HOH A . 
B 2 HOH 78 878 30  HOH HOH A . 
B 2 HOH 79 879 43  HOH HOH A . 
B 2 HOH 80 880 58  HOH HOH A . 
B 2 HOH 81 881 91  HOH HOH A . 
B 2 HOH 82 882 85  HOH HOH A . 
B 2 HOH 83 883 62  HOH HOH A . 
B 2 HOH 84 884 65  HOH HOH A . 
B 2 HOH 85 885 76  HOH HOH A . 
B 2 HOH 86 886 87  HOH HOH A . 
B 2 HOH 87 887 95  HOH HOH A . 
B 2 HOH 88 888 60  HOH HOH A . 
B 2 HOH 89 889 48  HOH HOH A . 
B 2 HOH 90 890 89  HOH HOH A . 
B 2 HOH 91 891 106 HOH HOH A . 
B 2 HOH 92 892 66  HOH HOH A . 
B 2 HOH 93 893 45  HOH HOH A . 
B 2 HOH 94 894 84  HOH HOH A . 
B 2 HOH 95 895 32  HOH HOH A . 
B 2 HOH 96 896 52  HOH HOH A . 
B 2 HOH 97 897 74  HOH HOH A . 
B 2 HOH 98 898 108 HOH HOH A . 
# 
loop_
_pdbx_unobs_or_zero_occ_atoms.id 
_pdbx_unobs_or_zero_occ_atoms.PDB_model_num 
_pdbx_unobs_or_zero_occ_atoms.polymer_flag 
_pdbx_unobs_or_zero_occ_atoms.occupancy_flag 
_pdbx_unobs_or_zero_occ_atoms.auth_asym_id 
_pdbx_unobs_or_zero_occ_atoms.auth_comp_id 
_pdbx_unobs_or_zero_occ_atoms.auth_seq_id 
_pdbx_unobs_or_zero_occ_atoms.PDB_ins_code 
_pdbx_unobs_or_zero_occ_atoms.auth_atom_id 
_pdbx_unobs_or_zero_occ_atoms.label_alt_id 
_pdbx_unobs_or_zero_occ_atoms.label_asym_id 
_pdbx_unobs_or_zero_occ_atoms.label_comp_id 
_pdbx_unobs_or_zero_occ_atoms.label_seq_id 
_pdbx_unobs_or_zero_occ_atoms.label_atom_id 
1  1 Y 1 A PHE 662 ? CG  ? A PHE 85  CG  
2  1 Y 1 A PHE 662 ? CD1 ? A PHE 85  CD1 
3  1 Y 1 A PHE 662 ? CD2 ? A PHE 85  CD2 
4  1 Y 1 A PHE 662 ? CE1 ? A PHE 85  CE1 
5  1 Y 1 A PHE 662 ? CE2 ? A PHE 85  CE2 
6  1 Y 1 A PHE 662 ? CZ  ? A PHE 85  CZ  
7  1 Y 1 A LYS 663 ? CE  ? A LYS 86  CE  
8  1 Y 1 A LYS 663 ? NZ  ? A LYS 86  NZ  
9  1 Y 1 A GLN 665 ? CD  ? A GLN 88  CD  
10 1 Y 1 A GLN 665 ? OE1 ? A GLN 88  OE1 
11 1 Y 1 A GLN 665 ? NE2 ? A GLN 88  NE2 
12 1 Y 1 A ASP 710 ? CG  ? A ASP 133 CG  
13 1 Y 1 A ASP 710 ? OD1 ? A ASP 133 OD1 
14 1 Y 1 A ASP 710 ? OD2 ? A ASP 133 OD2 
# 
loop_
_software.citation_id 
_software.classification 
_software.compiler_name 
_software.compiler_version 
_software.contact_author 
_software.contact_author_email 
_software.date 
_software.description 
_software.dependencies 
_software.hardware 
_software.language 
_software.location 
_software.mods 
_software.name 
_software.os 
_software.os_version 
_software.type 
_software.version 
_software.pdbx_ordinal 
? refinement       ? ? ? ? ? ? ? ? ? ? ? PHENIX ? ? ? 1.9_1692 1 
? 'data reduction' ? ? ? ? ? ? ? ? ? ? ? XDS    ? ? ? .        2 
? 'data scaling'   ? ? ? ? ? ? ? ? ? ? ? SCALA  ? ? ? .        3 
? phasing          ? ? ? ? ? ? ? ? ? ? ? PHENIX ? ? ? .        4 
# 
_cell.angle_alpha                  90.00 
_cell.angle_alpha_esd              ? 
_cell.angle_beta                   90.00 
_cell.angle_beta_esd               ? 
_cell.angle_gamma                  90.00 
_cell.angle_gamma_esd              ? 
_cell.entry_id                     4ZCT 
_cell.details                      ? 
_cell.formula_units_Z              ? 
_cell.length_a                     48.500 
_cell.length_a_esd                 ? 
_cell.length_b                     74.390 
_cell.length_b_esd                 ? 
_cell.length_c                     118.980 
_cell.length_c_esd                 ? 
_cell.volume                       ? 
_cell.volume_esd                   ? 
_cell.Z_PDB                        8 
_cell.reciprocal_angle_alpha       ? 
_cell.reciprocal_angle_beta        ? 
_cell.reciprocal_angle_gamma       ? 
_cell.reciprocal_angle_alpha_esd   ? 
_cell.reciprocal_angle_beta_esd    ? 
_cell.reciprocal_angle_gamma_esd   ? 
_cell.reciprocal_length_a          ? 
_cell.reciprocal_length_b          ? 
_cell.reciprocal_length_c          ? 
_cell.reciprocal_length_a_esd      ? 
_cell.reciprocal_length_b_esd      ? 
_cell.reciprocal_length_c_esd      ? 
_cell.pdbx_unique_axis             ? 
# 
_symmetry.entry_id                         4ZCT 
_symmetry.cell_setting                     ? 
_symmetry.Int_Tables_number                23 
_symmetry.space_group_name_Hall            ? 
_symmetry.space_group_name_H-M             'I 2 2 2' 
_symmetry.pdbx_full_space_group_name_H-M   ? 
# 
_exptl.absorpt_coefficient_mu     ? 
_exptl.absorpt_correction_T_max   ? 
_exptl.absorpt_correction_T_min   ? 
_exptl.absorpt_correction_type    ? 
_exptl.absorpt_process_details    ? 
_exptl.entry_id                   4ZCT 
_exptl.crystals_number            ? 
_exptl.details                    ? 
_exptl.method                     'X-RAY DIFFRACTION' 
_exptl.method_details             ? 
# 
_exptl_crystal.colour                      ? 
_exptl_crystal.density_diffrn              ? 
_exptl_crystal.density_Matthews            2.58 
_exptl_crystal.density_method              ? 
_exptl_crystal.density_percent_sol         52.30 
_exptl_crystal.description                 ? 
_exptl_crystal.F_000                       ? 
_exptl_crystal.id                          1 
_exptl_crystal.preparation                 ? 
_exptl_crystal.size_max                    ? 
_exptl_crystal.size_mid                    ? 
_exptl_crystal.size_min                    ? 
_exptl_crystal.size_rad                    ? 
_exptl_crystal.colour_lustre               ? 
_exptl_crystal.colour_modifier             ? 
_exptl_crystal.colour_primary              ? 
_exptl_crystal.density_meas                ? 
_exptl_crystal.density_meas_esd            ? 
_exptl_crystal.density_meas_gt             ? 
_exptl_crystal.density_meas_lt             ? 
_exptl_crystal.density_meas_temp           ? 
_exptl_crystal.density_meas_temp_esd       ? 
_exptl_crystal.density_meas_temp_gt        ? 
_exptl_crystal.density_meas_temp_lt        ? 
_exptl_crystal.pdbx_crystal_image_url      ? 
_exptl_crystal.pdbx_crystal_image_format   ? 
_exptl_crystal.pdbx_mosaicity              ? 
_exptl_crystal.pdbx_mosaicity_esd          ? 
# 
_exptl_crystal_grow.apparatus       ? 
_exptl_crystal_grow.atmosphere      ? 
_exptl_crystal_grow.crystal_id      1 
_exptl_crystal_grow.details         ? 
_exptl_crystal_grow.method          'VAPOR DIFFUSION, HANGING DROP' 
_exptl_crystal_grow.method_ref      ? 
_exptl_crystal_grow.pH              7.5 
_exptl_crystal_grow.pressure        ? 
_exptl_crystal_grow.pressure_esd    ? 
_exptl_crystal_grow.seeding         ? 
_exptl_crystal_grow.seeding_ref     ? 
_exptl_crystal_grow.temp            277 
_exptl_crystal_grow.temp_details    ? 
_exptl_crystal_grow.temp_esd        ? 
_exptl_crystal_grow.time            ? 
_exptl_crystal_grow.pdbx_details    '20% PEG 43350, 0.1M NaF' 
_exptl_crystal_grow.pdbx_pH_range   ? 
# 
_diffrn.ambient_environment    ? 
_diffrn.ambient_temp           100 
_diffrn.ambient_temp_details   ? 
_diffrn.ambient_temp_esd       ? 
_diffrn.crystal_id             1 
_diffrn.crystal_support        ? 
_diffrn.crystal_treatment      ? 
_diffrn.details                ? 
_diffrn.id                     1 
_diffrn.ambient_pressure       ? 
_diffrn.ambient_pressure_esd   ? 
_diffrn.ambient_pressure_gt    ? 
_diffrn.ambient_pressure_lt    ? 
_diffrn.ambient_temp_gt        ? 
_diffrn.ambient_temp_lt        ? 
# 
_diffrn_detector.details                      ? 
_diffrn_detector.detector                     PIXEL 
_diffrn_detector.diffrn_id                    1 
_diffrn_detector.type                         'DECTRIS PILATUS 6M-F' 
_diffrn_detector.area_resol_mean              ? 
_diffrn_detector.dtime                        ? 
_diffrn_detector.pdbx_frames_total            ? 
_diffrn_detector.pdbx_collection_time_total   ? 
_diffrn_detector.pdbx_collection_date         2014-06-25 
# 
_diffrn_radiation.collimation                      ? 
_diffrn_radiation.diffrn_id                        1 
_diffrn_radiation.filter_edge                      ? 
_diffrn_radiation.inhomogeneity                    ? 
_diffrn_radiation.monochromator                    ? 
_diffrn_radiation.polarisn_norm                    ? 
_diffrn_radiation.polarisn_ratio                   ? 
_diffrn_radiation.probe                            ? 
_diffrn_radiation.type                             ? 
_diffrn_radiation.xray_symbol                      ? 
_diffrn_radiation.wavelength_id                    1 
_diffrn_radiation.pdbx_monochromatic_or_laue_m_l   M 
_diffrn_radiation.pdbx_wavelength_list             ? 
_diffrn_radiation.pdbx_wavelength                  ? 
_diffrn_radiation.pdbx_diffrn_protocol             'SINGLE WAVELENGTH' 
_diffrn_radiation.pdbx_analyzer                    ? 
_diffrn_radiation.pdbx_scattering_type             x-ray 
# 
_diffrn_radiation_wavelength.id           1 
_diffrn_radiation_wavelength.wavelength   0.97625 
_diffrn_radiation_wavelength.wt           1.0 
# 
_diffrn_source.current                     ? 
_diffrn_source.details                     ? 
_diffrn_source.diffrn_id                   1 
_diffrn_source.power                       ? 
_diffrn_source.size                        ? 
_diffrn_source.source                      SYNCHROTRON 
_diffrn_source.target                      ? 
_diffrn_source.type                        'ESRF BEAMLINE ID29' 
_diffrn_source.voltage                     ? 
_diffrn_source.take-off_angle              ? 
_diffrn_source.pdbx_wavelength_list        0.97625 
_diffrn_source.pdbx_wavelength             ? 
_diffrn_source.pdbx_synchrotron_beamline   ID29 
_diffrn_source.pdbx_synchrotron_site       ESRF 
# 
_reflns.B_iso_Wilson_estimate            ? 
_reflns.entry_id                         4ZCT 
_reflns.data_reduction_details           ? 
_reflns.data_reduction_method            ? 
_reflns.d_resolution_high                2.220 
_reflns.d_resolution_low                 40.628 
_reflns.details                          ? 
_reflns.limit_h_max                      ? 
_reflns.limit_h_min                      ? 
_reflns.limit_k_max                      ? 
_reflns.limit_k_min                      ? 
_reflns.limit_l_max                      ? 
_reflns.limit_l_min                      ? 
_reflns.number_all                       ? 
_reflns.number_obs                       10780 
_reflns.observed_criterion               ? 
_reflns.observed_criterion_F_max         ? 
_reflns.observed_criterion_F_min         ? 
_reflns.observed_criterion_I_max         ? 
_reflns.observed_criterion_I_min         ? 
_reflns.observed_criterion_sigma_F       ? 
_reflns.observed_criterion_sigma_I       ? 
_reflns.percent_possible_obs             97.93 
_reflns.R_free_details                   ? 
_reflns.Rmerge_F_all                     ? 
_reflns.Rmerge_F_obs                     ? 
_reflns.Friedel_coverage                 ? 
_reflns.number_gt                        ? 
_reflns.threshold_expression             ? 
_reflns.pdbx_redundancy                  3.9 
_reflns.pdbx_Rmerge_I_obs                ? 
_reflns.pdbx_Rmerge_I_all                ? 
_reflns.pdbx_Rsym_value                  0.087 
_reflns.pdbx_netI_over_av_sigmaI         ? 
_reflns.pdbx_netI_over_sigmaI            7.9 
_reflns.pdbx_res_netI_over_av_sigmaI_2   ? 
_reflns.pdbx_res_netI_over_sigmaI_2      ? 
_reflns.pdbx_chi_squared                 ? 
_reflns.pdbx_scaling_rejects             ? 
_reflns.pdbx_d_res_high_opt              ? 
_reflns.pdbx_d_res_low_opt               ? 
_reflns.pdbx_d_res_opt_method            ? 
_reflns.phase_calculation_details        ? 
_reflns.pdbx_Rrim_I_all                  ? 
_reflns.pdbx_Rpim_I_all                  ? 
_reflns.pdbx_d_opt                       ? 
_reflns.pdbx_number_measured_all         ? 
_reflns.pdbx_diffrn_id                   1 
_reflns.pdbx_ordinal                     1 
_reflns.pdbx_CC_half                     ? 
_reflns.pdbx_R_split                     ? 
# 
_refine.aniso_B[1][1]                            ? 
_refine.aniso_B[1][2]                            ? 
_refine.aniso_B[1][3]                            ? 
_refine.aniso_B[2][2]                            ? 
_refine.aniso_B[2][3]                            ? 
_refine.aniso_B[3][3]                            ? 
_refine.B_iso_max                                ? 
_refine.B_iso_mean                               ? 
_refine.B_iso_min                                ? 
_refine.correlation_coeff_Fo_to_Fc               ? 
_refine.correlation_coeff_Fo_to_Fc_free          ? 
_refine.details                                  ? 
_refine.diff_density_max                         ? 
_refine.diff_density_max_esd                     ? 
_refine.diff_density_min                         ? 
_refine.diff_density_min_esd                     ? 
_refine.diff_density_rms                         ? 
_refine.diff_density_rms_esd                     ? 
_refine.entry_id                                 4ZCT 
_refine.pdbx_refine_id                           'X-RAY DIFFRACTION' 
_refine.ls_abs_structure_details                 ? 
_refine.ls_abs_structure_Flack                   ? 
_refine.ls_abs_structure_Flack_esd               ? 
_refine.ls_abs_structure_Rogers                  ? 
_refine.ls_abs_structure_Rogers_esd              ? 
_refine.ls_d_res_high                            2.220 
_refine.ls_d_res_low                             40.628 
_refine.ls_extinction_coef                       ? 
_refine.ls_extinction_coef_esd                   ? 
_refine.ls_extinction_expression                 ? 
_refine.ls_extinction_method                     ? 
_refine.ls_goodness_of_fit_all                   ? 
_refine.ls_goodness_of_fit_all_esd               ? 
_refine.ls_goodness_of_fit_obs                   ? 
_refine.ls_goodness_of_fit_obs_esd               ? 
_refine.ls_hydrogen_treatment                    ? 
_refine.ls_matrix_type                           ? 
_refine.ls_number_constraints                    ? 
_refine.ls_number_parameters                     ? 
_refine.ls_number_reflns_all                     ? 
_refine.ls_number_reflns_obs                     10780 
_refine.ls_number_reflns_R_free                  517 
_refine.ls_number_reflns_R_work                  ? 
_refine.ls_number_restraints                     ? 
_refine.ls_percent_reflns_obs                    97.93 
_refine.ls_percent_reflns_R_free                 4.80 
_refine.ls_R_factor_all                          ? 
_refine.ls_R_factor_obs                          0.2021 
_refine.ls_R_factor_R_free                       0.2426 
_refine.ls_R_factor_R_free_error                 ? 
_refine.ls_R_factor_R_free_error_details         ? 
_refine.ls_R_factor_R_work                       0.2000 
_refine.ls_R_Fsqd_factor_obs                     ? 
_refine.ls_R_I_factor_obs                        ? 
_refine.ls_redundancy_reflns_all                 ? 
_refine.ls_redundancy_reflns_obs                 ? 
_refine.ls_restrained_S_all                      ? 
_refine.ls_restrained_S_obs                      ? 
_refine.ls_shift_over_esd_max                    ? 
_refine.ls_shift_over_esd_mean                   ? 
_refine.ls_structure_factor_coef                 ? 
_refine.ls_weighting_details                     ? 
_refine.ls_weighting_scheme                      ? 
_refine.ls_wR_factor_all                         ? 
_refine.ls_wR_factor_obs                         ? 
_refine.ls_wR_factor_R_free                      ? 
_refine.ls_wR_factor_R_work                      ? 
_refine.occupancy_max                            ? 
_refine.occupancy_min                            ? 
_refine.solvent_model_details                    'FLAT BULK SOLVENT MODEL' 
_refine.solvent_model_param_bsol                 ? 
_refine.solvent_model_param_ksol                 ? 
_refine.ls_R_factor_gt                           ? 
_refine.ls_goodness_of_fit_gt                    ? 
_refine.ls_goodness_of_fit_ref                   ? 
_refine.ls_shift_over_su_max                     ? 
_refine.ls_shift_over_su_max_lt                  ? 
_refine.ls_shift_over_su_mean                    ? 
_refine.ls_shift_over_su_mean_lt                 ? 
_refine.pdbx_ls_sigma_I                          ? 
_refine.pdbx_ls_sigma_F                          1.39 
_refine.pdbx_ls_sigma_Fsqd                       ? 
_refine.pdbx_data_cutoff_high_absF               ? 
_refine.pdbx_data_cutoff_high_rms_absF           ? 
_refine.pdbx_data_cutoff_low_absF                ? 
_refine.pdbx_isotropic_thermal_model             ? 
_refine.pdbx_ls_cross_valid_method               'FREE R-VALUE' 
_refine.pdbx_method_to_determine_struct          'MOLECULAR REPLACEMENT' 
_refine.pdbx_starting_model                      4ZCS 
_refine.pdbx_stereochemistry_target_values       ML 
_refine.pdbx_R_Free_selection_details            random 
_refine.pdbx_stereochem_target_val_spec_case     ? 
_refine.pdbx_overall_ESU_R                       ? 
_refine.pdbx_overall_ESU_R_Free                  ? 
_refine.pdbx_solvent_vdw_probe_radii             1.11 
_refine.pdbx_solvent_ion_probe_radii             ? 
_refine.pdbx_solvent_shrinkage_radii             0.90 
_refine.pdbx_real_space_R                        ? 
_refine.pdbx_density_correlation                 ? 
_refine.pdbx_pd_number_of_powder_patterns        ? 
_refine.pdbx_pd_number_of_points                 ? 
_refine.pdbx_pd_meas_number_of_points            ? 
_refine.pdbx_pd_proc_ls_prof_R_factor            ? 
_refine.pdbx_pd_proc_ls_prof_wR_factor           ? 
_refine.pdbx_pd_Marquardt_correlation_coeff      ? 
_refine.pdbx_pd_Fsqrd_R_factor                   ? 
_refine.pdbx_pd_ls_matrix_band_width             ? 
_refine.pdbx_overall_phase_error                 22.37 
_refine.pdbx_overall_SU_R_free_Cruickshank_DPI   ? 
_refine.pdbx_overall_SU_R_free_Blow_DPI          ? 
_refine.pdbx_overall_SU_R_Blow_DPI               ? 
_refine.pdbx_TLS_residual_ADP_flag               ? 
_refine.pdbx_diffrn_id                           1 
_refine.overall_SU_B                             ? 
_refine.overall_SU_ML                            0.18 
_refine.overall_SU_R_Cruickshank_DPI             ? 
_refine.overall_SU_R_free                        ? 
_refine.overall_FOM_free_R_set                   ? 
_refine.overall_FOM_work_R_set                   ? 
_refine.pdbx_average_fsc_overall                 ? 
_refine.pdbx_average_fsc_work                    ? 
_refine.pdbx_average_fsc_free                    ? 
# 
_refine_hist.pdbx_refine_id                   'X-RAY DIFFRACTION' 
_refine_hist.cycle_id                         LAST 
_refine_hist.pdbx_number_atoms_protein        1083 
_refine_hist.pdbx_number_atoms_nucleic_acid   0 
_refine_hist.pdbx_number_atoms_ligand         0 
_refine_hist.number_atoms_solvent             98 
_refine_hist.number_atoms_total               1181 
_refine_hist.d_res_high                       2.220 
_refine_hist.d_res_low                        40.628 
# 
loop_
_refine_ls_restr.pdbx_refine_id 
_refine_ls_restr.criterion 
_refine_ls_restr.dev_ideal 
_refine_ls_restr.dev_ideal_target 
_refine_ls_restr.number 
_refine_ls_restr.rejects 
_refine_ls_restr.type 
_refine_ls_restr.weight 
_refine_ls_restr.pdbx_restraint_function 
'X-RAY DIFFRACTION' ? 0.007  ? 1142 ? f_bond_d           ? ? 
'X-RAY DIFFRACTION' ? 1.003  ? 1554 ? f_angle_d          ? ? 
'X-RAY DIFFRACTION' ? 14.034 ? 434  ? f_dihedral_angle_d ? ? 
'X-RAY DIFFRACTION' ? 0.039  ? 180  ? f_chiral_restr     ? ? 
'X-RAY DIFFRACTION' ? 0.005  ? 193  ? f_plane_restr      ? ? 
# 
loop_
_refine_ls_shell.pdbx_refine_id 
_refine_ls_shell.d_res_high 
_refine_ls_shell.d_res_low 
_refine_ls_shell.number_reflns_all 
_refine_ls_shell.number_reflns_obs 
_refine_ls_shell.number_reflns_R_free 
_refine_ls_shell.number_reflns_R_work 
_refine_ls_shell.percent_reflns_obs 
_refine_ls_shell.percent_reflns_R_free 
_refine_ls_shell.R_factor_all 
_refine_ls_shell.R_factor_obs 
_refine_ls_shell.R_factor_R_free 
_refine_ls_shell.R_factor_R_free_error 
_refine_ls_shell.R_factor_R_work 
_refine_ls_shell.redundancy_reflns_all 
_refine_ls_shell.redundancy_reflns_obs 
_refine_ls_shell.wR_factor_all 
_refine_ls_shell.wR_factor_obs 
_refine_ls_shell.wR_factor_R_free 
_refine_ls_shell.wR_factor_R_work 
_refine_ls_shell.pdbx_total_number_of_bins_used 
_refine_ls_shell.pdbx_phase_error 
_refine_ls_shell.pdbx_fsc_work 
_refine_ls_shell.pdbx_fsc_free 
'X-RAY DIFFRACTION' 2.2200 2.4434  . . 125 2495 98.00 . . . 0.2888 . 0.2182 . . . . . . . . . . 
'X-RAY DIFFRACTION' 2.4434 2.7969  . . 134 2544 99.00 . . . 0.2697 . 0.2143 . . . . . . . . . . 
'X-RAY DIFFRACTION' 2.7969 3.5235  . . 124 2567 98.00 . . . 0.2385 . 0.1988 . . . . . . . . . . 
'X-RAY DIFFRACTION' 3.5235 40.6347 . . 134 2657 98.00 . . . 0.2148 . 0.1869 . . . . . . . . . . 
# 
_struct.entry_id                     4ZCT 
_struct.title                        
'Crystal structure of the C-terminal catalytic domain of Plasmodium falciparum CTP:phosphocholine cytidylyltransferase' 
_struct.pdbx_model_details           ? 
_struct.pdbx_formula_weight          ? 
_struct.pdbx_formula_weight_method   ? 
_struct.pdbx_model_type_details      ? 
_struct.pdbx_CASP_flag               ? 
# 
_struct_keywords.entry_id        4ZCT 
_struct_keywords.text            'transferase, malaria, cytidylyltransferase, phosphatidylcholine' 
_struct_keywords.pdbx_keywords   TRANSFERASE 
# 
loop_
_struct_asym.id 
_struct_asym.pdbx_blank_PDB_chainid_flag 
_struct_asym.pdbx_modified 
_struct_asym.entity_id 
_struct_asym.details 
A N N 1 ? 
B N N 2 ? 
# 
_struct_ref.id                         1 
_struct_ref.db_name                    UNP 
_struct_ref.db_code                    Q8IEE9_PLAF7 
_struct_ref.pdbx_db_accession          Q8IEE9 
_struct_ref.pdbx_db_isoform            ? 
_struct_ref.entity_id                  1 
_struct_ref.pdbx_seq_one_letter_code   
;AVPDDDDDDDNSNDESEYESSQMDSEKNKGSIKNSKNVVIYADGVYDMLHLGHMKQLEQAKKLFENTTLIVGVTSDNETK
LFKGQVVQTLEERTETLKHIRWVDEIISPCPWVVTPEFLEKYKIDYVAHDDIPYANNQKKKKKKKSKGKSFSFDEENEDI
YAWLKRAGKFKATQRTEGVSTTDLIVRILKNYEDY
;
_struct_ref.pdbx_align_begin           581 
# 
_struct_ref_seq.align_id                      1 
_struct_ref_seq.ref_id                        1 
_struct_ref_seq.pdbx_PDB_id_code              4ZCT 
_struct_ref_seq.pdbx_strand_id                A 
_struct_ref_seq.seq_align_beg                 4 
_struct_ref_seq.pdbx_seq_align_beg_ins_code   ? 
_struct_ref_seq.seq_align_end                 180 
_struct_ref_seq.pdbx_seq_align_end_ins_code   ? 
_struct_ref_seq.pdbx_db_accession             Q8IEE9 
_struct_ref_seq.db_align_beg                  581 
_struct_ref_seq.pdbx_db_align_beg_ins_code    ? 
_struct_ref_seq.db_align_end                  775 
_struct_ref_seq.pdbx_db_align_end_ins_code    ? 
_struct_ref_seq.pdbx_auth_seq_align_beg       581 
_struct_ref_seq.pdbx_auth_seq_align_end       775 
# 
loop_
_struct_ref_seq_dif.align_id 
_struct_ref_seq_dif.pdbx_pdb_id_code 
_struct_ref_seq_dif.mon_id 
_struct_ref_seq_dif.pdbx_pdb_strand_id 
_struct_ref_seq_dif.seq_num 
_struct_ref_seq_dif.pdbx_pdb_ins_code 
_struct_ref_seq_dif.pdbx_seq_db_name 
_struct_ref_seq_dif.pdbx_seq_db_accession_code 
_struct_ref_seq_dif.db_mon_id 
_struct_ref_seq_dif.pdbx_seq_db_seq_num 
_struct_ref_seq_dif.details 
_struct_ref_seq_dif.pdbx_auth_seq_num 
_struct_ref_seq_dif.pdbx_ordinal 
1 4ZCT GLY A 1 ? UNP Q8IEE9 ?   ?   'expression tag' 578 1  
1 4ZCT HIS A 2 ? UNP Q8IEE9 ?   ?   'expression tag' 579 2  
1 4ZCT MET A 3 ? UNP Q8IEE9 ?   ?   'expression tag' 580 3  
1 4ZCT ?   A ? ? UNP Q8IEE9 LYS 720 deletion         ?   4  
1 4ZCT ?   A ? ? UNP Q8IEE9 LYS 721 deletion         ?   5  
1 4ZCT ?   A ? ? UNP Q8IEE9 LYS 722 deletion         ?   6  
1 4ZCT ?   A ? ? UNP Q8IEE9 LYS 723 deletion         ?   7  
1 4ZCT ?   A ? ? UNP Q8IEE9 LYS 724 deletion         ?   8  
1 4ZCT ?   A ? ? UNP Q8IEE9 LYS 725 deletion         ?   9  
1 4ZCT ?   A ? ? UNP Q8IEE9 SER 726 deletion         ?   10 
1 4ZCT ?   A ? ? UNP Q8IEE9 LYS 727 deletion         ?   11 
1 4ZCT ?   A ? ? UNP Q8IEE9 GLY 728 deletion         ?   12 
1 4ZCT ?   A ? ? UNP Q8IEE9 LYS 729 deletion         ?   13 
1 4ZCT ?   A ? ? UNP Q8IEE9 SER 730 deletion         ?   14 
1 4ZCT ?   A ? ? UNP Q8IEE9 PHE 731 deletion         ?   15 
1 4ZCT ?   A ? ? UNP Q8IEE9 SER 732 deletion         ?   16 
1 4ZCT ?   A ? ? UNP Q8IEE9 PHE 733 deletion         ?   17 
1 4ZCT ?   A ? ? UNP Q8IEE9 ASP 734 deletion         ?   18 
1 4ZCT ?   A ? ? UNP Q8IEE9 GLU 735 deletion         ?   19 
1 4ZCT ?   A ? ? UNP Q8IEE9 GLU 736 deletion         ?   20 
1 4ZCT ?   A ? ? UNP Q8IEE9 ASN 737 deletion         ?   21 
# 
_pdbx_struct_assembly.id                   1 
_pdbx_struct_assembly.details              author_and_software_defined_assembly 
_pdbx_struct_assembly.method_details       PISA 
_pdbx_struct_assembly.oligomeric_details   dimeric 
_pdbx_struct_assembly.oligomeric_count     2 
# 
loop_
_pdbx_struct_assembly_prop.biol_id 
_pdbx_struct_assembly_prop.type 
_pdbx_struct_assembly_prop.value 
_pdbx_struct_assembly_prop.details 
1 'ABSA (A^2)' 2070  ? 
1 MORE         -7    ? 
1 'SSA (A^2)'  14840 ? 
# 
_pdbx_struct_assembly_gen.assembly_id       1 
_pdbx_struct_assembly_gen.oper_expression   1,2 
_pdbx_struct_assembly_gen.asym_id_list      A,B 
# 
loop_
_pdbx_struct_oper_list.id 
_pdbx_struct_oper_list.type 
_pdbx_struct_oper_list.name 
_pdbx_struct_oper_list.symmetry_operation 
_pdbx_struct_oper_list.matrix[1][1] 
_pdbx_struct_oper_list.matrix[1][2] 
_pdbx_struct_oper_list.matrix[1][3] 
_pdbx_struct_oper_list.vector[1] 
_pdbx_struct_oper_list.matrix[2][1] 
_pdbx_struct_oper_list.matrix[2][2] 
_pdbx_struct_oper_list.matrix[2][3] 
_pdbx_struct_oper_list.vector[2] 
_pdbx_struct_oper_list.matrix[3][1] 
_pdbx_struct_oper_list.matrix[3][2] 
_pdbx_struct_oper_list.matrix[3][3] 
_pdbx_struct_oper_list.vector[3] 
1 'identity operation'         1_555 x,y,z   1.0000000000  0.0000000000 0.0000000000 0.0000000000  0.0000000000 1.0000000000  0.0000000000 0.0000000000   0.0000000000 0.0000000000 1.0000000000 0.0000000000  
2 'crystal symmetry operation' 2_555 -x,-y,z -0.8836337277 0.2198537587 0.4133470214 -7.0876304769 0.2198537587 -0.5846247006 0.7809470431 -21.1023868598 0.4133470214 0.7809470431 0.4682584283 13.2194014309 
# 
loop_
_struct_conf.conf_type_id 
_struct_conf.id 
_struct_conf.pdbx_PDB_helix_id 
_struct_conf.beg_label_comp_id 
_struct_conf.beg_label_asym_id 
_struct_conf.beg_label_seq_id 
_struct_conf.pdbx_beg_PDB_ins_code 
_struct_conf.end_label_comp_id 
_struct_conf.end_label_asym_id 
_struct_conf.end_label_seq_id 
_struct_conf.pdbx_end_PDB_ins_code 
_struct_conf.beg_auth_comp_id 
_struct_conf.beg_auth_asym_id 
_struct_conf.beg_auth_seq_id 
_struct_conf.end_auth_comp_id 
_struct_conf.end_auth_asym_id 
_struct_conf.end_auth_seq_id 
_struct_conf.pdbx_PDB_helix_class 
_struct_conf.details 
_struct_conf.pdbx_PDB_helix_length 
HELX_P HELX_P1 AA1 HIS A 53  ? LYS A 65  ? HIS A 630 LYS A 642 1 ? 13 
HELX_P HELX_P2 AA2 SER A 78  ? LYS A 86  ? SER A 655 LYS A 663 1 ? 9  
HELX_P HELX_P3 AA3 THR A 92  ? LYS A 101 ? THR A 669 LYS A 678 1 ? 10 
HELX_P HELX_P4 AA4 THR A 118 ? TYR A 125 ? THR A 695 TYR A 702 1 ? 8  
HELX_P HELX_P5 AA5 TYR A 146 ? ALA A 152 ? TYR A 741 ALA A 747 1 ? 7  
HELX_P HELX_P6 AA6 SER A 165 ? LYS A 175 ? SER A 760 LYS A 770 1 ? 11 
# 
_struct_conf_type.id          HELX_P 
_struct_conf_type.criteria    ? 
_struct_conf_type.reference   ? 
# 
_struct_mon_prot_cis.pdbx_id                1 
_struct_mon_prot_cis.label_comp_id          SER 
_struct_mon_prot_cis.label_seq_id           111 
_struct_mon_prot_cis.label_asym_id          A 
_struct_mon_prot_cis.label_alt_id           . 
_struct_mon_prot_cis.pdbx_PDB_ins_code      ? 
_struct_mon_prot_cis.auth_comp_id           SER 
_struct_mon_prot_cis.auth_seq_id            688 
_struct_mon_prot_cis.auth_asym_id           A 
_struct_mon_prot_cis.pdbx_label_comp_id_2   PRO 
_struct_mon_prot_cis.pdbx_label_seq_id_2    112 
_struct_mon_prot_cis.pdbx_label_asym_id_2   A 
_struct_mon_prot_cis.pdbx_PDB_ins_code_2    ? 
_struct_mon_prot_cis.pdbx_auth_comp_id_2    PRO 
_struct_mon_prot_cis.pdbx_auth_seq_id_2     689 
_struct_mon_prot_cis.pdbx_auth_asym_id_2    A 
_struct_mon_prot_cis.pdbx_PDB_model_num     1 
_struct_mon_prot_cis.pdbx_omega_angle       1.26 
# 
_struct_sheet.id               AA1 
_struct_sheet.type             ? 
_struct_sheet.number_strands   5 
_struct_sheet.details          ? 
# 
loop_
_struct_sheet_order.sheet_id 
_struct_sheet_order.range_id_1 
_struct_sheet_order.range_id_2 
_struct_sheet_order.offset 
_struct_sheet_order.sense 
AA1 1 2 ? parallel 
AA1 2 3 ? parallel 
AA1 3 4 ? parallel 
AA1 4 5 ? parallel 
# 
loop_
_struct_sheet_range.sheet_id 
_struct_sheet_range.id 
_struct_sheet_range.beg_label_comp_id 
_struct_sheet_range.beg_label_asym_id 
_struct_sheet_range.beg_label_seq_id 
_struct_sheet_range.pdbx_beg_PDB_ins_code 
_struct_sheet_range.end_label_comp_id 
_struct_sheet_range.end_label_asym_id 
_struct_sheet_range.end_label_seq_id 
_struct_sheet_range.pdbx_end_PDB_ins_code 
_struct_sheet_range.beg_auth_comp_id 
_struct_sheet_range.beg_auth_asym_id 
_struct_sheet_range.beg_auth_seq_id 
_struct_sheet_range.end_auth_comp_id 
_struct_sheet_range.end_auth_asym_id 
_struct_sheet_range.end_auth_seq_id 
AA1 1 GLU A 108 ? ILE A 110 ? GLU A 685 ILE A 687 
AA1 2 THR A 70  ? VAL A 76  ? THR A 647 VAL A 653 
AA1 3 VAL A 41  ? GLY A 47  ? VAL A 618 GLY A 624 
AA1 4 TYR A 129 ? ASP A 133 ? TYR A 706 ASP A 710 
AA1 5 PHE A 155 ? THR A 158 ? PHE A 750 THR A 753 
# 
loop_
_pdbx_struct_sheet_hbond.sheet_id 
_pdbx_struct_sheet_hbond.range_id_1 
_pdbx_struct_sheet_hbond.range_id_2 
_pdbx_struct_sheet_hbond.range_1_label_atom_id 
_pdbx_struct_sheet_hbond.range_1_label_comp_id 
_pdbx_struct_sheet_hbond.range_1_label_asym_id 
_pdbx_struct_sheet_hbond.range_1_label_seq_id 
_pdbx_struct_sheet_hbond.range_1_PDB_ins_code 
_pdbx_struct_sheet_hbond.range_1_auth_atom_id 
_pdbx_struct_sheet_hbond.range_1_auth_comp_id 
_pdbx_struct_sheet_hbond.range_1_auth_asym_id 
_pdbx_struct_sheet_hbond.range_1_auth_seq_id 
_pdbx_struct_sheet_hbond.range_2_label_atom_id 
_pdbx_struct_sheet_hbond.range_2_label_comp_id 
_pdbx_struct_sheet_hbond.range_2_label_asym_id 
_pdbx_struct_sheet_hbond.range_2_label_seq_id 
_pdbx_struct_sheet_hbond.range_2_PDB_ins_code 
_pdbx_struct_sheet_hbond.range_2_auth_atom_id 
_pdbx_struct_sheet_hbond.range_2_auth_comp_id 
_pdbx_struct_sheet_hbond.range_2_auth_asym_id 
_pdbx_struct_sheet_hbond.range_2_auth_seq_id 
AA1 1 2 O ILE A 110 ? O ILE A 687 N VAL A 74  ? N VAL A 651 
AA1 2 3 O ILE A 73  ? O ILE A 650 N ILE A 43  ? N ILE A 620 
AA1 3 4 N TYR A 44  ? N TYR A 621 O ALA A 131 ? O ALA A 708 
AA1 4 5 N VAL A 130 ? N VAL A 707 O LYS A 156 ? O LYS A 751 
# 
_pdbx_validate_close_contact.id               1 
_pdbx_validate_close_contact.PDB_model_num    1 
_pdbx_validate_close_contact.auth_atom_id_1   NH2 
_pdbx_validate_close_contact.auth_asym_id_1   A 
_pdbx_validate_close_contact.auth_comp_id_1   ARG 
_pdbx_validate_close_contact.auth_seq_id_1    746 
_pdbx_validate_close_contact.PDB_ins_code_1   ? 
_pdbx_validate_close_contact.label_alt_id_1   A 
_pdbx_validate_close_contact.auth_atom_id_2   O 
_pdbx_validate_close_contact.auth_asym_id_2   A 
_pdbx_validate_close_contact.auth_comp_id_2   HOH 
_pdbx_validate_close_contact.auth_seq_id_2    801 
_pdbx_validate_close_contact.PDB_ins_code_2   ? 
_pdbx_validate_close_contact.label_alt_id_2   ? 
_pdbx_validate_close_contact.dist             2.15 
# 
loop_
_pdbx_validate_symm_contact.id 
_pdbx_validate_symm_contact.PDB_model_num 
_pdbx_validate_symm_contact.auth_atom_id_1 
_pdbx_validate_symm_contact.auth_asym_id_1 
_pdbx_validate_symm_contact.auth_comp_id_1 
_pdbx_validate_symm_contact.auth_seq_id_1 
_pdbx_validate_symm_contact.PDB_ins_code_1 
_pdbx_validate_symm_contact.label_alt_id_1 
_pdbx_validate_symm_contact.site_symmetry_1 
_pdbx_validate_symm_contact.auth_atom_id_2 
_pdbx_validate_symm_contact.auth_asym_id_2 
_pdbx_validate_symm_contact.auth_comp_id_2 
_pdbx_validate_symm_contact.auth_seq_id_2 
_pdbx_validate_symm_contact.PDB_ins_code_2 
_pdbx_validate_symm_contact.label_alt_id_2 
_pdbx_validate_symm_contact.site_symmetry_2 
_pdbx_validate_symm_contact.dist 
1 1 O A ASN 657 ? ? 1_555 CD2 A LEU 661 ? ? 2_455 1.01 
2 1 C A ASN 657 ? ? 1_555 CD2 A LEU 661 ? ? 2_455 1.93 
# 
_pdbx_validate_rmsd_bond.id                        1 
_pdbx_validate_rmsd_bond.PDB_model_num             1 
_pdbx_validate_rmsd_bond.auth_atom_id_1            CD 
_pdbx_validate_rmsd_bond.auth_asym_id_1            A 
_pdbx_validate_rmsd_bond.auth_comp_id_1            GLU 
_pdbx_validate_rmsd_bond.auth_seq_id_1             658 
_pdbx_validate_rmsd_bond.PDB_ins_code_1            ? 
_pdbx_validate_rmsd_bond.label_alt_id_1            ? 
_pdbx_validate_rmsd_bond.auth_atom_id_2            OE2 
_pdbx_validate_rmsd_bond.auth_asym_id_2            A 
_pdbx_validate_rmsd_bond.auth_comp_id_2            GLU 
_pdbx_validate_rmsd_bond.auth_seq_id_2             658 
_pdbx_validate_rmsd_bond.PDB_ins_code_2            ? 
_pdbx_validate_rmsd_bond.label_alt_id_2            ? 
_pdbx_validate_rmsd_bond.bond_value                1.186 
_pdbx_validate_rmsd_bond.bond_target_value         1.252 
_pdbx_validate_rmsd_bond.bond_deviation            -0.066 
_pdbx_validate_rmsd_bond.bond_standard_deviation   0.011 
_pdbx_validate_rmsd_bond.linker_flag               N 
# 
_pdbx_validate_rmsd_angle.id                         1 
_pdbx_validate_rmsd_angle.PDB_model_num              1 
_pdbx_validate_rmsd_angle.auth_atom_id_1             CA 
_pdbx_validate_rmsd_angle.auth_asym_id_1             A 
_pdbx_validate_rmsd_angle.auth_comp_id_1             LEU 
_pdbx_validate_rmsd_angle.auth_seq_id_1              661 
_pdbx_validate_rmsd_angle.PDB_ins_code_1             ? 
_pdbx_validate_rmsd_angle.label_alt_id_1             ? 
_pdbx_validate_rmsd_angle.auth_atom_id_2             CB 
_pdbx_validate_rmsd_angle.auth_asym_id_2             A 
_pdbx_validate_rmsd_angle.auth_comp_id_2             LEU 
_pdbx_validate_rmsd_angle.auth_seq_id_2              661 
_pdbx_validate_rmsd_angle.PDB_ins_code_2             ? 
_pdbx_validate_rmsd_angle.label_alt_id_2             ? 
_pdbx_validate_rmsd_angle.auth_atom_id_3             CG 
_pdbx_validate_rmsd_angle.auth_asym_id_3             A 
_pdbx_validate_rmsd_angle.auth_comp_id_3             LEU 
_pdbx_validate_rmsd_angle.auth_seq_id_3              661 
_pdbx_validate_rmsd_angle.PDB_ins_code_3             ? 
_pdbx_validate_rmsd_angle.label_alt_id_3             ? 
_pdbx_validate_rmsd_angle.angle_value                129.24 
_pdbx_validate_rmsd_angle.angle_target_value         115.30 
_pdbx_validate_rmsd_angle.angle_deviation            13.94 
_pdbx_validate_rmsd_angle.angle_standard_deviation   2.30 
_pdbx_validate_rmsd_angle.linker_flag                N 
# 
loop_
_pdbx_validate_torsion.id 
_pdbx_validate_torsion.PDB_model_num 
_pdbx_validate_torsion.auth_comp_id 
_pdbx_validate_torsion.auth_asym_id 
_pdbx_validate_torsion.auth_seq_id 
_pdbx_validate_torsion.PDB_ins_code 
_pdbx_validate_torsion.label_alt_id 
_pdbx_validate_torsion.phi 
_pdbx_validate_torsion.psi 
1 1 LYS A 663 ? ? -121.12 -77.10 
2 1 ILE A 740 ? ? -69.27  11.00  
# 
loop_
_pdbx_struct_special_symmetry.id 
_pdbx_struct_special_symmetry.PDB_model_num 
_pdbx_struct_special_symmetry.auth_asym_id 
_pdbx_struct_special_symmetry.auth_comp_id 
_pdbx_struct_special_symmetry.auth_seq_id 
_pdbx_struct_special_symmetry.PDB_ins_code 
_pdbx_struct_special_symmetry.label_asym_id 
_pdbx_struct_special_symmetry.label_comp_id 
_pdbx_struct_special_symmetry.label_seq_id 
1 1 A GLU 658 ? A GLU 81 
2 1 A GLU 658 ? A GLU 81 
# 
loop_
_pdbx_unobs_or_zero_occ_residues.id 
_pdbx_unobs_or_zero_occ_residues.PDB_model_num 
_pdbx_unobs_or_zero_occ_residues.polymer_flag 
_pdbx_unobs_or_zero_occ_residues.occupancy_flag 
_pdbx_unobs_or_zero_occ_residues.auth_asym_id 
_pdbx_unobs_or_zero_occ_residues.auth_comp_id 
_pdbx_unobs_or_zero_occ_residues.auth_seq_id 
_pdbx_unobs_or_zero_occ_residues.PDB_ins_code 
_pdbx_unobs_or_zero_occ_residues.label_asym_id 
_pdbx_unobs_or_zero_occ_residues.label_comp_id 
_pdbx_unobs_or_zero_occ_residues.label_seq_id 
1  1 Y 1 A GLY 578 ? A GLY 1   
2  1 Y 1 A HIS 579 ? A HIS 2   
3  1 Y 1 A MET 580 ? A MET 3   
4  1 Y 1 A ALA 581 ? A ALA 4   
5  1 Y 1 A VAL 582 ? A VAL 5   
6  1 Y 1 A PRO 583 ? A PRO 6   
7  1 Y 1 A ASP 584 ? A ASP 7   
8  1 Y 1 A ASP 585 ? A ASP 8   
9  1 Y 1 A ASP 586 ? A ASP 9   
10 1 Y 1 A ASP 587 ? A ASP 10  
11 1 Y 1 A ASP 588 ? A ASP 11  
12 1 Y 1 A ASP 589 ? A ASP 12  
13 1 Y 1 A ASP 590 ? A ASP 13  
14 1 Y 1 A ASN 591 ? A ASN 14  
15 1 Y 1 A SER 592 ? A SER 15  
16 1 Y 1 A ASN 593 ? A ASN 16  
17 1 Y 1 A ASP 594 ? A ASP 17  
18 1 Y 1 A GLU 595 ? A GLU 18  
19 1 Y 1 A SER 596 ? A SER 19  
20 1 Y 1 A GLU 597 ? A GLU 20  
21 1 Y 1 A TYR 598 ? A TYR 21  
22 1 Y 1 A GLU 599 ? A GLU 22  
23 1 Y 1 A SER 600 ? A SER 23  
24 1 Y 1 A SER 601 ? A SER 24  
25 1 Y 1 A GLN 602 ? A GLN 25  
26 1 Y 1 A MET 603 ? A MET 26  
27 1 Y 1 A ASP 604 ? A ASP 27  
28 1 Y 1 A SER 605 ? A SER 28  
29 1 Y 1 A GLU 606 ? A GLU 29  
30 1 Y 1 A LYS 607 ? A LYS 30  
31 1 Y 1 A ASN 608 ? A ASN 31  
32 1 Y 1 A LYS 609 ? A LYS 32  
33 1 Y 1 A GLY 610 ? A GLY 33  
34 1 Y 1 A SER 611 ? A SER 34  
35 1 Y 1 A ILE 612 ? A ILE 35  
36 1 Y 1 A LYS 613 ? A LYS 36  
37 1 Y 1 A ASN 614 ? A ASN 37  
38 1 Y 1 A SER 615 ? A SER 38  
39 1 Y 1 A ILE 730 ? A ILE 135 
40 1 Y 1 A PRO 731 ? A PRO 136 
41 1 Y 1 A TYR 732 ? A TYR 137 
42 1 Y 1 A ALA 733 ? A ALA 138 
43 1 Y 1 A ASN 734 ? A ASN 139 
44 1 Y 1 A ASN 735 ? A ASN 140 
45 1 Y 1 A GLN 736 ? A GLN 141 
46 1 Y 1 A LYS 737 ? A LYS 142 
47 1 Y 1 A GLU 738 ? A GLU 143 
# 
loop_
_chem_comp_atom.comp_id 
_chem_comp_atom.atom_id 
_chem_comp_atom.type_symbol 
_chem_comp_atom.pdbx_aromatic_flag 
_chem_comp_atom.pdbx_stereo_config 
_chem_comp_atom.pdbx_ordinal 
ALA N    N N N 1   
ALA CA   C N S 2   
ALA C    C N N 3   
ALA O    O N N 4   
ALA CB   C N N 5   
ALA OXT  O N N 6   
ALA H    H N N 7   
ALA H2   H N N 8   
ALA HA   H N N 9   
ALA HB1  H N N 10  
ALA HB2  H N N 11  
ALA HB3  H N N 12  
ALA HXT  H N N 13  
ARG N    N N N 14  
ARG CA   C N S 15  
ARG C    C N N 16  
ARG O    O N N 17  
ARG CB   C N N 18  
ARG CG   C N N 19  
ARG CD   C N N 20  
ARG NE   N N N 21  
ARG CZ   C N N 22  
ARG NH1  N N N 23  
ARG NH2  N N N 24  
ARG OXT  O N N 25  
ARG H    H N N 26  
ARG H2   H N N 27  
ARG HA   H N N 28  
ARG HB2  H N N 29  
ARG HB3  H N N 30  
ARG HG2  H N N 31  
ARG HG3  H N N 32  
ARG HD2  H N N 33  
ARG HD3  H N N 34  
ARG HE   H N N 35  
ARG HH11 H N N 36  
ARG HH12 H N N 37  
ARG HH21 H N N 38  
ARG HH22 H N N 39  
ARG HXT  H N N 40  
ASN N    N N N 41  
ASN CA   C N S 42  
ASN C    C N N 43  
ASN O    O N N 44  
ASN CB   C N N 45  
ASN CG   C N N 46  
ASN OD1  O N N 47  
ASN ND2  N N N 48  
ASN OXT  O N N 49  
ASN H    H N N 50  
ASN H2   H N N 51  
ASN HA   H N N 52  
ASN HB2  H N N 53  
ASN HB3  H N N 54  
ASN HD21 H N N 55  
ASN HD22 H N N 56  
ASN HXT  H N N 57  
ASP N    N N N 58  
ASP CA   C N S 59  
ASP C    C N N 60  
ASP O    O N N 61  
ASP CB   C N N 62  
ASP CG   C N N 63  
ASP OD1  O N N 64  
ASP OD2  O N N 65  
ASP OXT  O N N 66  
ASP H    H N N 67  
ASP H2   H N N 68  
ASP HA   H N N 69  
ASP HB2  H N N 70  
ASP HB3  H N N 71  
ASP HD2  H N N 72  
ASP HXT  H N N 73  
CYS N    N N N 74  
CYS CA   C N R 75  
CYS C    C N N 76  
CYS O    O N N 77  
CYS CB   C N N 78  
CYS SG   S N N 79  
CYS OXT  O N N 80  
CYS H    H N N 81  
CYS H2   H N N 82  
CYS HA   H N N 83  
CYS HB2  H N N 84  
CYS HB3  H N N 85  
CYS HG   H N N 86  
CYS HXT  H N N 87  
GLN N    N N N 88  
GLN CA   C N S 89  
GLN C    C N N 90  
GLN O    O N N 91  
GLN CB   C N N 92  
GLN CG   C N N 93  
GLN CD   C N N 94  
GLN OE1  O N N 95  
GLN NE2  N N N 96  
GLN OXT  O N N 97  
GLN H    H N N 98  
GLN H2   H N N 99  
GLN HA   H N N 100 
GLN HB2  H N N 101 
GLN HB3  H N N 102 
GLN HG2  H N N 103 
GLN HG3  H N N 104 
GLN HE21 H N N 105 
GLN HE22 H N N 106 
GLN HXT  H N N 107 
GLU N    N N N 108 
GLU CA   C N S 109 
GLU C    C N N 110 
GLU O    O N N 111 
GLU CB   C N N 112 
GLU CG   C N N 113 
GLU CD   C N N 114 
GLU OE1  O N N 115 
GLU OE2  O N N 116 
GLU OXT  O N N 117 
GLU H    H N N 118 
GLU H2   H N N 119 
GLU HA   H N N 120 
GLU HB2  H N N 121 
GLU HB3  H N N 122 
GLU HG2  H N N 123 
GLU HG3  H N N 124 
GLU HE2  H N N 125 
GLU HXT  H N N 126 
GLY N    N N N 127 
GLY CA   C N N 128 
GLY C    C N N 129 
GLY O    O N N 130 
GLY OXT  O N N 131 
GLY H    H N N 132 
GLY H2   H N N 133 
GLY HA2  H N N 134 
GLY HA3  H N N 135 
GLY HXT  H N N 136 
HIS N    N N N 137 
HIS CA   C N S 138 
HIS C    C N N 139 
HIS O    O N N 140 
HIS CB   C N N 141 
HIS CG   C Y N 142 
HIS ND1  N Y N 143 
HIS CD2  C Y N 144 
HIS CE1  C Y N 145 
HIS NE2  N Y N 146 
HIS OXT  O N N 147 
HIS H    H N N 148 
HIS H2   H N N 149 
HIS HA   H N N 150 
HIS HB2  H N N 151 
HIS HB3  H N N 152 
HIS HD1  H N N 153 
HIS HD2  H N N 154 
HIS HE1  H N N 155 
HIS HE2  H N N 156 
HIS HXT  H N N 157 
HOH O    O N N 158 
HOH H1   H N N 159 
HOH H2   H N N 160 
ILE N    N N N 161 
ILE CA   C N S 162 
ILE C    C N N 163 
ILE O    O N N 164 
ILE CB   C N S 165 
ILE CG1  C N N 166 
ILE CG2  C N N 167 
ILE CD1  C N N 168 
ILE OXT  O N N 169 
ILE H    H N N 170 
ILE H2   H N N 171 
ILE HA   H N N 172 
ILE HB   H N N 173 
ILE HG12 H N N 174 
ILE HG13 H N N 175 
ILE HG21 H N N 176 
ILE HG22 H N N 177 
ILE HG23 H N N 178 
ILE HD11 H N N 179 
ILE HD12 H N N 180 
ILE HD13 H N N 181 
ILE HXT  H N N 182 
LEU N    N N N 183 
LEU CA   C N S 184 
LEU C    C N N 185 
LEU O    O N N 186 
LEU CB   C N N 187 
LEU CG   C N N 188 
LEU CD1  C N N 189 
LEU CD2  C N N 190 
LEU OXT  O N N 191 
LEU H    H N N 192 
LEU H2   H N N 193 
LEU HA   H N N 194 
LEU HB2  H N N 195 
LEU HB3  H N N 196 
LEU HG   H N N 197 
LEU HD11 H N N 198 
LEU HD12 H N N 199 
LEU HD13 H N N 200 
LEU HD21 H N N 201 
LEU HD22 H N N 202 
LEU HD23 H N N 203 
LEU HXT  H N N 204 
LYS N    N N N 205 
LYS CA   C N S 206 
LYS C    C N N 207 
LYS O    O N N 208 
LYS CB   C N N 209 
LYS CG   C N N 210 
LYS CD   C N N 211 
LYS CE   C N N 212 
LYS NZ   N N N 213 
LYS OXT  O N N 214 
LYS H    H N N 215 
LYS H2   H N N 216 
LYS HA   H N N 217 
LYS HB2  H N N 218 
LYS HB3  H N N 219 
LYS HG2  H N N 220 
LYS HG3  H N N 221 
LYS HD2  H N N 222 
LYS HD3  H N N 223 
LYS HE2  H N N 224 
LYS HE3  H N N 225 
LYS HZ1  H N N 226 
LYS HZ2  H N N 227 
LYS HZ3  H N N 228 
LYS HXT  H N N 229 
MET N    N N N 230 
MET CA   C N S 231 
MET C    C N N 232 
MET O    O N N 233 
MET CB   C N N 234 
MET CG   C N N 235 
MET SD   S N N 236 
MET CE   C N N 237 
MET OXT  O N N 238 
MET H    H N N 239 
MET H2   H N N 240 
MET HA   H N N 241 
MET HB2  H N N 242 
MET HB3  H N N 243 
MET HG2  H N N 244 
MET HG3  H N N 245 
MET HE1  H N N 246 
MET HE2  H N N 247 
MET HE3  H N N 248 
MET HXT  H N N 249 
PHE N    N N N 250 
PHE CA   C N S 251 
PHE C    C N N 252 
PHE O    O N N 253 
PHE CB   C N N 254 
PHE CG   C Y N 255 
PHE CD1  C Y N 256 
PHE CD2  C Y N 257 
PHE CE1  C Y N 258 
PHE CE2  C Y N 259 
PHE CZ   C Y N 260 
PHE OXT  O N N 261 
PHE H    H N N 262 
PHE H2   H N N 263 
PHE HA   H N N 264 
PHE HB2  H N N 265 
PHE HB3  H N N 266 
PHE HD1  H N N 267 
PHE HD2  H N N 268 
PHE HE1  H N N 269 
PHE HE2  H N N 270 
PHE HZ   H N N 271 
PHE HXT  H N N 272 
PRO N    N N N 273 
PRO CA   C N S 274 
PRO C    C N N 275 
PRO O    O N N 276 
PRO CB   C N N 277 
PRO CG   C N N 278 
PRO CD   C N N 279 
PRO OXT  O N N 280 
PRO H    H N N 281 
PRO HA   H N N 282 
PRO HB2  H N N 283 
PRO HB3  H N N 284 
PRO HG2  H N N 285 
PRO HG3  H N N 286 
PRO HD2  H N N 287 
PRO HD3  H N N 288 
PRO HXT  H N N 289 
SER N    N N N 290 
SER CA   C N S 291 
SER C    C N N 292 
SER O    O N N 293 
SER CB   C N N 294 
SER OG   O N N 295 
SER OXT  O N N 296 
SER H    H N N 297 
SER H2   H N N 298 
SER HA   H N N 299 
SER HB2  H N N 300 
SER HB3  H N N 301 
SER HG   H N N 302 
SER HXT  H N N 303 
THR N    N N N 304 
THR CA   C N S 305 
THR C    C N N 306 
THR O    O N N 307 
THR CB   C N R 308 
THR OG1  O N N 309 
THR CG2  C N N 310 
THR OXT  O N N 311 
THR H    H N N 312 
THR H2   H N N 313 
THR HA   H N N 314 
THR HB   H N N 315 
THR HG1  H N N 316 
THR HG21 H N N 317 
THR HG22 H N N 318 
THR HG23 H N N 319 
THR HXT  H N N 320 
TRP N    N N N 321 
TRP CA   C N S 322 
TRP C    C N N 323 
TRP O    O N N 324 
TRP CB   C N N 325 
TRP CG   C Y N 326 
TRP CD1  C Y N 327 
TRP CD2  C Y N 328 
TRP NE1  N Y N 329 
TRP CE2  C Y N 330 
TRP CE3  C Y N 331 
TRP CZ2  C Y N 332 
TRP CZ3  C Y N 333 
TRP CH2  C Y N 334 
TRP OXT  O N N 335 
TRP H    H N N 336 
TRP H2   H N N 337 
TRP HA   H N N 338 
TRP HB2  H N N 339 
TRP HB3  H N N 340 
TRP HD1  H N N 341 
TRP HE1  H N N 342 
TRP HE3  H N N 343 
TRP HZ2  H N N 344 
TRP HZ3  H N N 345 
TRP HH2  H N N 346 
TRP HXT  H N N 347 
TYR N    N N N 348 
TYR CA   C N S 349 
TYR C    C N N 350 
TYR O    O N N 351 
TYR CB   C N N 352 
TYR CG   C Y N 353 
TYR CD1  C Y N 354 
TYR CD2  C Y N 355 
TYR CE1  C Y N 356 
TYR CE2  C Y N 357 
TYR CZ   C Y N 358 
TYR OH   O N N 359 
TYR OXT  O N N 360 
TYR H    H N N 361 
TYR H2   H N N 362 
TYR HA   H N N 363 
TYR HB2  H N N 364 
TYR HB3  H N N 365 
TYR HD1  H N N 366 
TYR HD2  H N N 367 
TYR HE1  H N N 368 
TYR HE2  H N N 369 
TYR HH   H N N 370 
TYR HXT  H N N 371 
VAL N    N N N 372 
VAL CA   C N S 373 
VAL C    C N N 374 
VAL O    O N N 375 
VAL CB   C N N 376 
VAL CG1  C N N 377 
VAL CG2  C N N 378 
VAL OXT  O N N 379 
VAL H    H N N 380 
VAL H2   H N N 381 
VAL HA   H N N 382 
VAL HB   H N N 383 
VAL HG11 H N N 384 
VAL HG12 H N N 385 
VAL HG13 H N N 386 
VAL HG21 H N N 387 
VAL HG22 H N N 388 
VAL HG23 H N N 389 
VAL HXT  H N N 390 
# 
loop_
_chem_comp_bond.comp_id 
_chem_comp_bond.atom_id_1 
_chem_comp_bond.atom_id_2 
_chem_comp_bond.value_order 
_chem_comp_bond.pdbx_aromatic_flag 
_chem_comp_bond.pdbx_stereo_config 
_chem_comp_bond.pdbx_ordinal 
ALA N   CA   sing N N 1   
ALA N   H    sing N N 2   
ALA N   H2   sing N N 3   
ALA CA  C    sing N N 4   
ALA CA  CB   sing N N 5   
ALA CA  HA   sing N N 6   
ALA C   O    doub N N 7   
ALA C   OXT  sing N N 8   
ALA CB  HB1  sing N N 9   
ALA CB  HB2  sing N N 10  
ALA CB  HB3  sing N N 11  
ALA OXT HXT  sing N N 12  
ARG N   CA   sing N N 13  
ARG N   H    sing N N 14  
ARG N   H2   sing N N 15  
ARG CA  C    sing N N 16  
ARG CA  CB   sing N N 17  
ARG CA  HA   sing N N 18  
ARG C   O    doub N N 19  
ARG C   OXT  sing N N 20  
ARG CB  CG   sing N N 21  
ARG CB  HB2  sing N N 22  
ARG CB  HB3  sing N N 23  
ARG CG  CD   sing N N 24  
ARG CG  HG2  sing N N 25  
ARG CG  HG3  sing N N 26  
ARG CD  NE   sing N N 27  
ARG CD  HD2  sing N N 28  
ARG CD  HD3  sing N N 29  
ARG NE  CZ   sing N N 30  
ARG NE  HE   sing N N 31  
ARG CZ  NH1  sing N N 32  
ARG CZ  NH2  doub N N 33  
ARG NH1 HH11 sing N N 34  
ARG NH1 HH12 sing N N 35  
ARG NH2 HH21 sing N N 36  
ARG NH2 HH22 sing N N 37  
ARG OXT HXT  sing N N 38  
ASN N   CA   sing N N 39  
ASN N   H    sing N N 40  
ASN N   H2   sing N N 41  
ASN CA  C    sing N N 42  
ASN CA  CB   sing N N 43  
ASN CA  HA   sing N N 44  
ASN C   O    doub N N 45  
ASN C   OXT  sing N N 46  
ASN CB  CG   sing N N 47  
ASN CB  HB2  sing N N 48  
ASN CB  HB3  sing N N 49  
ASN CG  OD1  doub N N 50  
ASN CG  ND2  sing N N 51  
ASN ND2 HD21 sing N N 52  
ASN ND2 HD22 sing N N 53  
ASN OXT HXT  sing N N 54  
ASP N   CA   sing N N 55  
ASP N   H    sing N N 56  
ASP N   H2   sing N N 57  
ASP CA  C    sing N N 58  
ASP CA  CB   sing N N 59  
ASP CA  HA   sing N N 60  
ASP C   O    doub N N 61  
ASP C   OXT  sing N N 62  
ASP CB  CG   sing N N 63  
ASP CB  HB2  sing N N 64  
ASP CB  HB3  sing N N 65  
ASP CG  OD1  doub N N 66  
ASP CG  OD2  sing N N 67  
ASP OD2 HD2  sing N N 68  
ASP OXT HXT  sing N N 69  
CYS N   CA   sing N N 70  
CYS N   H    sing N N 71  
CYS N   H2   sing N N 72  
CYS CA  C    sing N N 73  
CYS CA  CB   sing N N 74  
CYS CA  HA   sing N N 75  
CYS C   O    doub N N 76  
CYS C   OXT  sing N N 77  
CYS CB  SG   sing N N 78  
CYS CB  HB2  sing N N 79  
CYS CB  HB3  sing N N 80  
CYS SG  HG   sing N N 81  
CYS OXT HXT  sing N N 82  
GLN N   CA   sing N N 83  
GLN N   H    sing N N 84  
GLN N   H2   sing N N 85  
GLN CA  C    sing N N 86  
GLN CA  CB   sing N N 87  
GLN CA  HA   sing N N 88  
GLN C   O    doub N N 89  
GLN C   OXT  sing N N 90  
GLN CB  CG   sing N N 91  
GLN CB  HB2  sing N N 92  
GLN CB  HB3  sing N N 93  
GLN CG  CD   sing N N 94  
GLN CG  HG2  sing N N 95  
GLN CG  HG3  sing N N 96  
GLN CD  OE1  doub N N 97  
GLN CD  NE2  sing N N 98  
GLN NE2 HE21 sing N N 99  
GLN NE2 HE22 sing N N 100 
GLN OXT HXT  sing N N 101 
GLU N   CA   sing N N 102 
GLU N   H    sing N N 103 
GLU N   H2   sing N N 104 
GLU CA  C    sing N N 105 
GLU CA  CB   sing N N 106 
GLU CA  HA   sing N N 107 
GLU C   O    doub N N 108 
GLU C   OXT  sing N N 109 
GLU CB  CG   sing N N 110 
GLU CB  HB2  sing N N 111 
GLU CB  HB3  sing N N 112 
GLU CG  CD   sing N N 113 
GLU CG  HG2  sing N N 114 
GLU CG  HG3  sing N N 115 
GLU CD  OE1  doub N N 116 
GLU CD  OE2  sing N N 117 
GLU OE2 HE2  sing N N 118 
GLU OXT HXT  sing N N 119 
GLY N   CA   sing N N 120 
GLY N   H    sing N N 121 
GLY N   H2   sing N N 122 
GLY CA  C    sing N N 123 
GLY CA  HA2  sing N N 124 
GLY CA  HA3  sing N N 125 
GLY C   O    doub N N 126 
GLY C   OXT  sing N N 127 
GLY OXT HXT  sing N N 128 
HIS N   CA   sing N N 129 
HIS N   H    sing N N 130 
HIS N   H2   sing N N 131 
HIS CA  C    sing N N 132 
HIS CA  CB   sing N N 133 
HIS CA  HA   sing N N 134 
HIS C   O    doub N N 135 
HIS C   OXT  sing N N 136 
HIS CB  CG   sing N N 137 
HIS CB  HB2  sing N N 138 
HIS CB  HB3  sing N N 139 
HIS CG  ND1  sing Y N 140 
HIS CG  CD2  doub Y N 141 
HIS ND1 CE1  doub Y N 142 
HIS ND1 HD1  sing N N 143 
HIS CD2 NE2  sing Y N 144 
HIS CD2 HD2  sing N N 145 
HIS CE1 NE2  sing Y N 146 
HIS CE1 HE1  sing N N 147 
HIS NE2 HE2  sing N N 148 
HIS OXT HXT  sing N N 149 
HOH O   H1   sing N N 150 
HOH O   H2   sing N N 151 
ILE N   CA   sing N N 152 
ILE N   H    sing N N 153 
ILE N   H2   sing N N 154 
ILE CA  C    sing N N 155 
ILE CA  CB   sing N N 156 
ILE CA  HA   sing N N 157 
ILE C   O    doub N N 158 
ILE C   OXT  sing N N 159 
ILE CB  CG1  sing N N 160 
ILE CB  CG2  sing N N 161 
ILE CB  HB   sing N N 162 
ILE CG1 CD1  sing N N 163 
ILE CG1 HG12 sing N N 164 
ILE CG1 HG13 sing N N 165 
ILE CG2 HG21 sing N N 166 
ILE CG2 HG22 sing N N 167 
ILE CG2 HG23 sing N N 168 
ILE CD1 HD11 sing N N 169 
ILE CD1 HD12 sing N N 170 
ILE CD1 HD13 sing N N 171 
ILE OXT HXT  sing N N 172 
LEU N   CA   sing N N 173 
LEU N   H    sing N N 174 
LEU N   H2   sing N N 175 
LEU CA  C    sing N N 176 
LEU CA  CB   sing N N 177 
LEU CA  HA   sing N N 178 
LEU C   O    doub N N 179 
LEU C   OXT  sing N N 180 
LEU CB  CG   sing N N 181 
LEU CB  HB2  sing N N 182 
LEU CB  HB3  sing N N 183 
LEU CG  CD1  sing N N 184 
LEU CG  CD2  sing N N 185 
LEU CG  HG   sing N N 186 
LEU CD1 HD11 sing N N 187 
LEU CD1 HD12 sing N N 188 
LEU CD1 HD13 sing N N 189 
LEU CD2 HD21 sing N N 190 
LEU CD2 HD22 sing N N 191 
LEU CD2 HD23 sing N N 192 
LEU OXT HXT  sing N N 193 
LYS N   CA   sing N N 194 
LYS N   H    sing N N 195 
LYS N   H2   sing N N 196 
LYS CA  C    sing N N 197 
LYS CA  CB   sing N N 198 
LYS CA  HA   sing N N 199 
LYS C   O    doub N N 200 
LYS C   OXT  sing N N 201 
LYS CB  CG   sing N N 202 
LYS CB  HB2  sing N N 203 
LYS CB  HB3  sing N N 204 
LYS CG  CD   sing N N 205 
LYS CG  HG2  sing N N 206 
LYS CG  HG3  sing N N 207 
LYS CD  CE   sing N N 208 
LYS CD  HD2  sing N N 209 
LYS CD  HD3  sing N N 210 
LYS CE  NZ   sing N N 211 
LYS CE  HE2  sing N N 212 
LYS CE  HE3  sing N N 213 
LYS NZ  HZ1  sing N N 214 
LYS NZ  HZ2  sing N N 215 
LYS NZ  HZ3  sing N N 216 
LYS OXT HXT  sing N N 217 
MET N   CA   sing N N 218 
MET N   H    sing N N 219 
MET N   H2   sing N N 220 
MET CA  C    sing N N 221 
MET CA  CB   sing N N 222 
MET CA  HA   sing N N 223 
MET C   O    doub N N 224 
MET C   OXT  sing N N 225 
MET CB  CG   sing N N 226 
MET CB  HB2  sing N N 227 
MET CB  HB3  sing N N 228 
MET CG  SD   sing N N 229 
MET CG  HG2  sing N N 230 
MET CG  HG3  sing N N 231 
MET SD  CE   sing N N 232 
MET CE  HE1  sing N N 233 
MET CE  HE2  sing N N 234 
MET CE  HE3  sing N N 235 
MET OXT HXT  sing N N 236 
PHE N   CA   sing N N 237 
PHE N   H    sing N N 238 
PHE N   H2   sing N N 239 
PHE CA  C    sing N N 240 
PHE CA  CB   sing N N 241 
PHE CA  HA   sing N N 242 
PHE C   O    doub N N 243 
PHE C   OXT  sing N N 244 
PHE CB  CG   sing N N 245 
PHE CB  HB2  sing N N 246 
PHE CB  HB3  sing N N 247 
PHE CG  CD1  doub Y N 248 
PHE CG  CD2  sing Y N 249 
PHE CD1 CE1  sing Y N 250 
PHE CD1 HD1  sing N N 251 
PHE CD2 CE2  doub Y N 252 
PHE CD2 HD2  sing N N 253 
PHE CE1 CZ   doub Y N 254 
PHE CE1 HE1  sing N N 255 
PHE CE2 CZ   sing Y N 256 
PHE CE2 HE2  sing N N 257 
PHE CZ  HZ   sing N N 258 
PHE OXT HXT  sing N N 259 
PRO N   CA   sing N N 260 
PRO N   CD   sing N N 261 
PRO N   H    sing N N 262 
PRO CA  C    sing N N 263 
PRO CA  CB   sing N N 264 
PRO CA  HA   sing N N 265 
PRO C   O    doub N N 266 
PRO C   OXT  sing N N 267 
PRO CB  CG   sing N N 268 
PRO CB  HB2  sing N N 269 
PRO CB  HB3  sing N N 270 
PRO CG  CD   sing N N 271 
PRO CG  HG2  sing N N 272 
PRO CG  HG3  sing N N 273 
PRO CD  HD2  sing N N 274 
PRO CD  HD3  sing N N 275 
PRO OXT HXT  sing N N 276 
SER N   CA   sing N N 277 
SER N   H    sing N N 278 
SER N   H2   sing N N 279 
SER CA  C    sing N N 280 
SER CA  CB   sing N N 281 
SER CA  HA   sing N N 282 
SER C   O    doub N N 283 
SER C   OXT  sing N N 284 
SER CB  OG   sing N N 285 
SER CB  HB2  sing N N 286 
SER CB  HB3  sing N N 287 
SER OG  HG   sing N N 288 
SER OXT HXT  sing N N 289 
THR N   CA   sing N N 290 
THR N   H    sing N N 291 
THR N   H2   sing N N 292 
THR CA  C    sing N N 293 
THR CA  CB   sing N N 294 
THR CA  HA   sing N N 295 
THR C   O    doub N N 296 
THR C   OXT  sing N N 297 
THR CB  OG1  sing N N 298 
THR CB  CG2  sing N N 299 
THR CB  HB   sing N N 300 
THR OG1 HG1  sing N N 301 
THR CG2 HG21 sing N N 302 
THR CG2 HG22 sing N N 303 
THR CG2 HG23 sing N N 304 
THR OXT HXT  sing N N 305 
TRP N   CA   sing N N 306 
TRP N   H    sing N N 307 
TRP N   H2   sing N N 308 
TRP CA  C    sing N N 309 
TRP CA  CB   sing N N 310 
TRP CA  HA   sing N N 311 
TRP C   O    doub N N 312 
TRP C   OXT  sing N N 313 
TRP CB  CG   sing N N 314 
TRP CB  HB2  sing N N 315 
TRP CB  HB3  sing N N 316 
TRP CG  CD1  doub Y N 317 
TRP CG  CD2  sing Y N 318 
TRP CD1 NE1  sing Y N 319 
TRP CD1 HD1  sing N N 320 
TRP CD2 CE2  doub Y N 321 
TRP CD2 CE3  sing Y N 322 
TRP NE1 CE2  sing Y N 323 
TRP NE1 HE1  sing N N 324 
TRP CE2 CZ2  sing Y N 325 
TRP CE3 CZ3  doub Y N 326 
TRP CE3 HE3  sing N N 327 
TRP CZ2 CH2  doub Y N 328 
TRP CZ2 HZ2  sing N N 329 
TRP CZ3 CH2  sing Y N 330 
TRP CZ3 HZ3  sing N N 331 
TRP CH2 HH2  sing N N 332 
TRP OXT HXT  sing N N 333 
TYR N   CA   sing N N 334 
TYR N   H    sing N N 335 
TYR N   H2   sing N N 336 
TYR CA  C    sing N N 337 
TYR CA  CB   sing N N 338 
TYR CA  HA   sing N N 339 
TYR C   O    doub N N 340 
TYR C   OXT  sing N N 341 
TYR CB  CG   sing N N 342 
TYR CB  HB2  sing N N 343 
TYR CB  HB3  sing N N 344 
TYR CG  CD1  doub Y N 345 
TYR CG  CD2  sing Y N 346 
TYR CD1 CE1  sing Y N 347 
TYR CD1 HD1  sing N N 348 
TYR CD2 CE2  doub Y N 349 
TYR CD2 HD2  sing N N 350 
TYR CE1 CZ   doub Y N 351 
TYR CE1 HE1  sing N N 352 
TYR CE2 CZ   sing Y N 353 
TYR CE2 HE2  sing N N 354 
TYR CZ  OH   sing N N 355 
TYR OH  HH   sing N N 356 
TYR OXT HXT  sing N N 357 
VAL N   CA   sing N N 358 
VAL N   H    sing N N 359 
VAL N   H2   sing N N 360 
VAL CA  C    sing N N 361 
VAL CA  CB   sing N N 362 
VAL CA  HA   sing N N 363 
VAL C   O    doub N N 364 
VAL C   OXT  sing N N 365 
VAL CB  CG1  sing N N 366 
VAL CB  CG2  sing N N 367 
VAL CB  HB   sing N N 368 
VAL CG1 HG11 sing N N 369 
VAL CG1 HG12 sing N N 370 
VAL CG1 HG13 sing N N 371 
VAL CG2 HG21 sing N N 372 
VAL CG2 HG22 sing N N 373 
VAL CG2 HG23 sing N N 374 
VAL OXT HXT  sing N N 375 
# 
_pdbx_audit_support.funding_organization   'EU Marie Curie ITN ParaMet' 
_pdbx_audit_support.country                France 
_pdbx_audit_support.grant_number           290080 
_pdbx_audit_support.ordinal                1 
# 
_pdbx_initial_refinement_model.id               1 
_pdbx_initial_refinement_model.entity_id_list   ? 
_pdbx_initial_refinement_model.type             'experimental model' 
_pdbx_initial_refinement_model.source_name      PDB 
_pdbx_initial_refinement_model.accession_code   4ZCS 
_pdbx_initial_refinement_model.details          ? 
# 
_atom_sites.entry_id                    4ZCT 
_atom_sites.fract_transf_matrix[1][1]   0.00515271 
_atom_sites.fract_transf_matrix[1][2]   -0.01819168 
_atom_sites.fract_transf_matrix[1][3]   0.00822531 
_atom_sites.fract_transf_matrix[2][1]   -0.01260611 
_atom_sites.fract_transf_matrix[2][2]   -0.00158486 
_atom_sites.fract_transf_matrix[2][3]   0.00439186 
_atom_sites.fract_transf_matrix[3][1]   -0.00202739 
_atom_sites.fract_transf_matrix[3][2]   -0.00383039 
_atom_sites.fract_transf_matrix[3][3]   -0.00720152 
_atom_sites.fract_transf_vector[1]      -0.228050 
_atom_sites.fract_transf_vector[2]      -0.090425 
_atom_sites.fract_transf_vector[3]      -0.170249 
# 
loop_
_atom_type.symbol 
C 
N 
O 
S 
# 
loop_
_atom_site.group_PDB 
_atom_site.id 
_atom_site.type_symbol 
_atom_site.label_atom_id 
_atom_site.label_alt_id 
_atom_site.label_comp_id 
_atom_site.label_asym_id 
_atom_site.label_entity_id 
_atom_site.label_seq_id 
_atom_site.pdbx_PDB_ins_code 
_atom_site.Cartn_x 
_atom_site.Cartn_y 
_atom_site.Cartn_z 
_atom_site.occupancy 
_atom_site.B_iso_or_equiv 
_atom_site.pdbx_formal_charge 
_atom_site.auth_seq_id 
_atom_site.auth_comp_id 
_atom_site.auth_asym_id 
_atom_site.auth_atom_id 
_atom_site.pdbx_PDB_model_num 
ATOM   1    N N   . LYS A 1 39  ? 10.242  12.927  17.699  1.00 35.34 ?  616 LYS A N   1 
ATOM   2    C CA  A LYS A 1 39  ? 10.795  11.578  17.594  0.50 35.61 ?  616 LYS A CA  1 
ATOM   3    C CA  B LYS A 1 39  ? 10.786  11.574  17.611  0.50 35.61 ?  616 LYS A CA  1 
ATOM   4    C C   . LYS A 1 39  ? 9.895   10.666  16.763  1.00 36.97 ?  616 LYS A C   1 
ATOM   5    O O   . LYS A 1 39  ? 10.372  10.004  15.842  1.00 33.08 ?  616 LYS A O   1 
ATOM   6    C CB  A LYS A 1 39  ? 11.016  10.970  18.986  0.50 31.95 ?  616 LYS A CB  1 
ATOM   7    C CB  B LYS A 1 39  ? 10.965  10.972  19.008  0.50 31.97 ?  616 LYS A CB  1 
ATOM   8    C CG  A LYS A 1 39  ? 11.372  9.489   18.970  0.50 28.29 ?  616 LYS A CG  1 
ATOM   9    C CG  B LYS A 1 39  ? 11.614  9.602   19.012  0.50 28.47 ?  616 LYS A CG  1 
ATOM   10   C CD  A LYS A 1 39  ? 11.773  8.997   20.353  0.50 31.17 ?  616 LYS A CD  1 
ATOM   11   C CD  B LYS A 1 39  ? 12.982  9.652   18.357  0.50 29.17 ?  616 LYS A CD  1 
ATOM   12   C CE  A LYS A 1 39  ? 13.179  9.446   20.721  0.50 24.74 ?  616 LYS A CE  1 
ATOM   13   C CE  B LYS A 1 39  ? 13.676  8.309   18.436  0.50 26.65 ?  616 LYS A CE  1 
ATOM   14   N NZ  A LYS A 1 39  ? 13.547  9.071   22.112  0.50 28.78 1  616 LYS A NZ  1 
ATOM   15   N NZ  B LYS A 1 39  ? 13.860  7.722   17.082  0.50 27.27 1  616 LYS A NZ  1 
ATOM   16   N N   . ASN A 1 40  ? 8.601   10.628  17.086  1.00 27.93 ?  617 ASN A N   1 
ATOM   17   C CA  . ASN A 1 40  ? 7.668   9.818   16.304  1.00 26.24 ?  617 ASN A CA  1 
ATOM   18   C C   . ASN A 1 40  ? 7.565   10.358  14.888  1.00 25.15 ?  617 ASN A C   1 
ATOM   19   O O   . ASN A 1 40  ? 7.343   11.551  14.685  1.00 30.12 ?  617 ASN A O   1 
ATOM   20   C CB  . ASN A 1 40  ? 6.281   9.766   16.945  1.00 23.42 ?  617 ASN A CB  1 
ATOM   21   C CG  . ASN A 1 40  ? 5.340   8.796   16.222  1.00 27.70 ?  617 ASN A CG  1 
ATOM   22   O OD1 . ASN A 1 40  ? 5.406   7.585   16.420  1.00 26.87 ?  617 ASN A OD1 1 
ATOM   23   N ND2 . ASN A 1 40  ? 4.446   9.334   15.405  1.00 22.54 ?  617 ASN A ND2 1 
ATOM   24   N N   . VAL A 1 41  ? 7.741   9.469   13.918  1.00 18.60 ?  618 VAL A N   1 
ATOM   25   C CA  . VAL A 1 41  ? 7.738   9.840   12.511  1.00 21.90 ?  618 VAL A CA  1 
ATOM   26   C C   . VAL A 1 41  ? 6.466   9.309   11.851  1.00 24.00 ?  618 VAL A C   1 
ATOM   27   O O   . VAL A 1 41  ? 6.154   8.130   11.958  1.00 19.64 ?  618 VAL A O   1 
ATOM   28   C CB  . VAL A 1 41  ? 9.004   9.294   11.784  1.00 17.24 ?  618 VAL A CB  1 
ATOM   29   C CG1 . VAL A 1 41  ? 8.982   9.618   10.316  1.00 11.65 ?  618 VAL A CG1 1 
ATOM   30   C CG2 . VAL A 1 41  ? 10.255  9.870   12.422  1.00 16.91 ?  618 VAL A CG2 1 
ATOM   31   N N   . VAL A 1 42  ? 5.722   10.185  11.185  1.00 19.25 ?  619 VAL A N   1 
ATOM   32   C CA  . VAL A 1 42  ? 4.476   9.771   10.565  1.00 13.62 ?  619 VAL A CA  1 
ATOM   33   C C   . VAL A 1 42  ? 4.717   9.297   9.144   1.00 14.38 ?  619 VAL A C   1 
ATOM   34   O O   . VAL A 1 42  ? 5.246   10.043  8.318   1.00 16.66 ?  619 VAL A O   1 
ATOM   35   C CB  . VAL A 1 42  ? 3.450   10.913  10.573  1.00 20.26 ?  619 VAL A CB  1 
ATOM   36   C CG1 . VAL A 1 42  ? 2.218   10.531  9.779   1.00 10.56 ?  619 VAL A CG1 1 
ATOM   37   C CG2 . VAL A 1 42  ? 3.079   11.254  11.995  1.00 15.10 ?  619 VAL A CG2 1 
ATOM   38   N N   . ILE A 1 43  ? 4.332   8.050   8.865   1.00 12.63 ?  620 ILE A N   1 
ATOM   39   C CA  . ILE A 1 43  ? 4.590   7.417   7.576   1.00 10.57 ?  620 ILE A CA  1 
ATOM   40   C C   . ILE A 1 43  ? 3.273   7.176   6.844   1.00 11.16 ?  620 ILE A C   1 
ATOM   41   O O   . ILE A 1 43  ? 2.304   6.751   7.457   1.00 12.20 ?  620 ILE A O   1 
ATOM   42   C CB  . ILE A 1 43  ? 5.329   6.054   7.724   1.00 9.13  ?  620 ILE A CB  1 
ATOM   43   C CG1 . ILE A 1 43  ? 6.572   6.185   8.597   1.00 12.26 ?  620 ILE A CG1 1 
ATOM   44   C CG2 . ILE A 1 43  ? 5.689   5.499   6.365   1.00 11.02 ?  620 ILE A CG2 1 
ATOM   45   C CD1 . ILE A 1 43  ? 7.664   7.065   8.009   1.00 11.62 ?  620 ILE A CD1 1 
ATOM   46   N N   . TYR A 1 44  ? 3.247   7.423   5.539   1.00 10.59 ?  621 TYR A N   1 
ATOM   47   C CA  . TYR A 1 44  ? 2.035   7.235   4.754   1.00 7.87  ?  621 TYR A CA  1 
ATOM   48   C C   . TYR A 1 44  ? 2.290   6.286   3.600   1.00 13.12 ?  621 TYR A C   1 
ATOM   49   O O   . TYR A 1 44  ? 3.220   6.487   2.825   1.00 11.79 ?  621 TYR A O   1 
ATOM   50   C CB  . TYR A 1 44  ? 1.519   8.583   4.240   1.00 10.74 ?  621 TYR A CB  1 
ATOM   51   C CG  . TYR A 1 44  ? 0.269   8.483   3.412   1.00 12.98 ?  621 TYR A CG  1 
ATOM   52   C CD1 . TYR A 1 44  ? -0.964  8.232   4.011   1.00 13.63 ?  621 TYR A CD1 1 
ATOM   53   C CD2 . TYR A 1 44  ? 0.307   8.647   2.030   1.00 11.15 ?  621 TYR A CD2 1 
ATOM   54   C CE1 . TYR A 1 44  ? -2.123  8.124   3.246   1.00 7.80  ?  621 TYR A CE1 1 
ATOM   55   C CE2 . TYR A 1 44  ? -0.840  8.543   1.268   1.00 11.54 ?  621 TYR A CE2 1 
ATOM   56   C CZ  . TYR A 1 44  ? -2.055  8.291   1.888   1.00 10.11 ?  621 TYR A CZ  1 
ATOM   57   O OH  . TYR A 1 44  ? -3.203  8.188   1.129   1.00 14.66 ?  621 TYR A OH  1 
ATOM   58   N N   . ALA A 1 45  ? 1.480   5.236   3.505   1.00 12.77 ?  622 ALA A N   1 
ATOM   59   C CA  . ALA A 1 45  ? 1.510   4.334   2.354   1.00 12.11 ?  622 ALA A CA  1 
ATOM   60   C C   . ALA A 1 45  ? 0.110   4.196   1.757   1.00 13.52 ?  622 ALA A C   1 
ATOM   61   O O   . ALA A 1 45  ? -0.835  3.888   2.486   1.00 21.18 ?  622 ALA A O   1 
ATOM   62   C CB  . ALA A 1 45  ? 2.056   2.950   2.770   1.00 12.20 ?  622 ALA A CB  1 
ATOM   63   N N   . ASP A 1 46  ? -0.049  4.426   0.453   1.00 18.87 ?  623 ASP A N   1 
ATOM   64   C CA  . ASP A 1 46  ? -1.352  4.209   -0.168  1.00 12.60 ?  623 ASP A CA  1 
ATOM   65   C C   . ASP A 1 46  ? -1.279  3.087   -1.179  1.00 13.28 ?  623 ASP A C   1 
ATOM   66   O O   . ASP A 1 46  ? -0.196  2.618   -1.518  1.00 18.35 ?  623 ASP A O   1 
ATOM   67   C CB  . ASP A 1 46  ? -1.902  5.493   -0.816  1.00 14.32 ?  623 ASP A CB  1 
ATOM   68   C CG  . ASP A 1 46  ? -1.027  6.038   -1.946  1.00 23.78 ?  623 ASP A CG  1 
ATOM   69   O OD1 . ASP A 1 46  ? -0.177  5.314   -2.495  1.00 32.69 ?  623 ASP A OD1 1 
ATOM   70   O OD2 . ASP A 1 46  ? -1.213  7.221   -2.304  1.00 30.66 -1 623 ASP A OD2 1 
ATOM   71   N N   . GLY A 1 47  ? -2.446  2.662   -1.651  1.00 12.41 ?  624 GLY A N   1 
ATOM   72   C CA  . GLY A 1 47  ? -2.554  1.545   -2.565  1.00 11.17 ?  624 GLY A CA  1 
ATOM   73   C C   . GLY A 1 47  ? -3.970  1.010   -2.610  1.00 12.15 ?  624 GLY A C   1 
ATOM   74   O O   . GLY A 1 47  ? -4.851  1.460   -1.889  1.00 9.60  ?  624 GLY A O   1 
ATOM   75   N N   . VAL A 1 48  ? -4.184  0.042   -3.481  1.00 11.85 ?  625 VAL A N   1 
ATOM   76   C CA  . VAL A 1 48  ? -5.458  -0.644  -3.576  1.00 14.07 ?  625 VAL A CA  1 
ATOM   77   C C   . VAL A 1 48  ? -5.636  -1.662  -2.446  1.00 13.46 ?  625 VAL A C   1 
ATOM   78   O O   . VAL A 1 48  ? -6.678  -1.703  -1.795  1.00 11.70 ?  625 VAL A O   1 
ATOM   79   C CB  . VAL A 1 48  ? -5.573  -1.361  -4.929  1.00 17.29 ?  625 VAL A CB  1 
ATOM   80   C CG1 . VAL A 1 48  ? -7.009  -1.772  -5.194  1.00 16.86 ?  625 VAL A CG1 1 
ATOM   81   C CG2 . VAL A 1 48  ? -5.048  -0.450  -6.029  1.00 26.25 ?  625 VAL A CG2 1 
ATOM   82   N N   . TYR A 1 49  ? -4.612  -2.482  -2.229  1.00 13.30 ?  626 TYR A N   1 
ATOM   83   C CA  . TYR A 1 49  ? -4.691  -3.560  -1.256  1.00 12.91 ?  626 TYR A CA  1 
ATOM   84   C C   . TYR A 1 49  ? -5.819  -4.504  -1.615  1.00 13.26 ?  626 TYR A C   1 
ATOM   85   O O   . TYR A 1 49  ? -6.607  -4.936  -0.765  1.00 9.56  ?  626 TYR A O   1 
ATOM   86   C CB  . TYR A 1 49  ? -4.866  -2.990  0.147   1.00 14.97 ?  626 TYR A CB  1 
ATOM   87   C CG  . TYR A 1 49  ? -3.758  -2.039  0.489   1.00 11.05 ?  626 TYR A CG  1 
ATOM   88   C CD1 . TYR A 1 49  ? -2.484  -2.518  0.767   1.00 12.44 ?  626 TYR A CD1 1 
ATOM   89   C CD2 . TYR A 1 49  ? -3.967  -0.664  0.505   1.00 10.46 ?  626 TYR A CD2 1 
ATOM   90   C CE1 . TYR A 1 49  ? -1.461  -1.674  1.057   1.00 11.99 ?  626 TYR A CE1 1 
ATOM   91   C CE2 . TYR A 1 49  ? -2.940  0.193   0.812   1.00 8.97  ?  626 TYR A CE2 1 
ATOM   92   C CZ  . TYR A 1 49  ? -1.679  -0.324  1.082   1.00 10.98 ?  626 TYR A CZ  1 
ATOM   93   O OH  . TYR A 1 49  ? -0.623  0.508   1.401   1.00 13.50 ?  626 TYR A OH  1 
ATOM   94   N N   . ASP A 1 50  ? -5.909  -4.818  -2.898  1.00 12.15 ?  627 ASP A N   1 
ATOM   95   C CA  . ASP A 1 50  ? -6.881  -5.811  -3.342  1.00 14.29 ?  627 ASP A CA  1 
ATOM   96   C C   . ASP A 1 50  ? -6.338  -7.196  -2.988  1.00 7.20  ?  627 ASP A C   1 
ATOM   97   O O   . ASP A 1 50  ? -5.141  -7.429  -3.119  1.00 12.87 ?  627 ASP A O   1 
ATOM   98   C CB  . ASP A 1 50  ? -7.125  -5.655  -4.842  1.00 19.52 ?  627 ASP A CB  1 
ATOM   99   C CG  . ASP A 1 50  ? -8.329  -6.426  -5.328  1.00 22.92 ?  627 ASP A CG  1 
ATOM   100  O OD1 . ASP A 1 50  ? -9.280  -6.626  -4.535  1.00 22.05 ?  627 ASP A OD1 1 
ATOM   101  O OD2 . ASP A 1 50  ? -8.321  -6.807  -6.521  1.00 19.18 -1 627 ASP A OD2 1 
ATOM   102  N N   . MET A 1 51  ? -7.200  -8.084  -2.497  1.00 15.56 ?  628 MET A N   1 
ATOM   103  C CA  . MET A 1 51  ? -6.811  -9.447  -2.129  1.00 14.46 ?  628 MET A CA  1 
ATOM   104  C C   . MET A 1 51  ? -5.500  -9.457  -1.377  1.00 16.78 ?  628 MET A C   1 
ATOM   105  O O   . MET A 1 51  ? -4.480  -9.957  -1.872  1.00 15.16 ?  628 MET A O   1 
ATOM   106  C CB  . MET A 1 51  ? -6.715  -10.330 -3.375  1.00 16.10 ?  628 MET A CB  1 
ATOM   107  C CG  . MET A 1 51  ? -8.020  -10.381 -4.145  1.00 20.98 ?  628 MET A CG  1 
ATOM   108  S SD  . MET A 1 51  ? -7.987  -11.563 -5.492  1.00 23.30 ?  628 MET A SD  1 
ATOM   109  C CE  . MET A 1 51  ? -6.907  -10.743 -6.670  1.00 19.17 ?  628 MET A CE  1 
ATOM   110  N N   . LEU A 1 52  ? -5.532  -8.859  -0.197  1.00 16.34 ?  629 LEU A N   1 
ATOM   111  C CA  . LEU A 1 52  ? -4.336  -8.616  0.579   1.00 13.70 ?  629 LEU A CA  1 
ATOM   112  C C   . LEU A 1 52  ? -3.519  -9.891  0.767   1.00 17.38 ?  629 LEU A C   1 
ATOM   113  O O   . LEU A 1 52  ? -4.056  -10.923 1.143   1.00 11.12 ?  629 LEU A O   1 
ATOM   114  C CB  . LEU A 1 52  ? -4.722  -8.043  1.923   1.00 14.00 ?  629 LEU A CB  1 
ATOM   115  C CG  . LEU A 1 52  ? -3.630  -7.332  2.706   1.00 17.68 ?  629 LEU A CG  1 
ATOM   116  C CD1 . LEU A 1 52  ? -3.371  -5.983  2.070   1.00 10.85 ?  629 LEU A CD1 1 
ATOM   117  C CD2 . LEU A 1 52  ? -4.087  -7.191  4.159   1.00 18.09 ?  629 LEU A CD2 1 
ATOM   118  N N   . HIS A 1 53  ? -2.221  -9.807  0.496   1.00 11.59 ?  630 HIS A N   1 
ATOM   119  C CA  . HIS A 1 53  ? -1.332  -10.944 0.633   1.00 15.64 ?  630 HIS A CA  1 
ATOM   120  C C   . HIS A 1 53  ? -0.054  -10.523 1.338   1.00 12.27 ?  630 HIS A C   1 
ATOM   121  O O   . HIS A 1 53  ? 0.098   -9.359  1.733   1.00 11.82 ?  630 HIS A O   1 
ATOM   122  C CB  . HIS A 1 53  ? -1.014  -11.555 -0.744  1.00 18.67 ?  630 HIS A CB  1 
ATOM   123  C CG  . HIS A 1 53  ? -0.568  -10.554 -1.766  1.00 14.14 ?  630 HIS A CG  1 
ATOM   124  N ND1 . HIS A 1 53  ? 0.717   -10.048 -1.807  1.00 26.03 ?  630 HIS A ND1 1 
ATOM   125  C CD2 . HIS A 1 53  ? -1.231  -9.968  -2.791  1.00 17.44 ?  630 HIS A CD2 1 
ATOM   126  C CE1 . HIS A 1 53  ? 0.820   -9.185  -2.802  1.00 19.66 ?  630 HIS A CE1 1 
ATOM   127  N NE2 . HIS A 1 53  ? -0.348  -9.123  -3.418  1.00 20.62 ?  630 HIS A NE2 1 
ATOM   128  N N   . LEU A 1 54  ? 0.864   -11.477 1.473   1.00 15.26 ?  631 LEU A N   1 
ATOM   129  C CA  . LEU A 1 54  ? 2.092   -11.305 2.234   1.00 12.06 ?  631 LEU A CA  1 
ATOM   130  C C   . LEU A 1 54  ? 2.969   -10.182 1.685   1.00 14.16 ?  631 LEU A C   1 
ATOM   131  O O   . LEU A 1 54  ? 3.749   -9.574  2.414   1.00 14.99 ?  631 LEU A O   1 
ATOM   132  C CB  . LEU A 1 54  ? 2.870   -12.626 2.256   1.00 15.81 ?  631 LEU A CB  1 
ATOM   133  C CG  . LEU A 1 54  ? 4.192   -12.645 3.027   1.00 22.78 ?  631 LEU A CG  1 
ATOM   134  C CD1 . LEU A 1 54  ? 3.965   -12.220 4.472   1.00 16.78 ?  631 LEU A CD1 1 
ATOM   135  C CD2 . LEU A 1 54  ? 4.853   -14.010 2.960   1.00 15.91 ?  631 LEU A CD2 1 
ATOM   136  N N   . GLY A 1 55  ? 2.829   -9.890  0.403   1.00 14.42 ?  632 GLY A N   1 
ATOM   137  C CA  . GLY A 1 55  ? 3.621   -8.840  -0.207  1.00 16.42 ?  632 GLY A CA  1 
ATOM   138  C C   . GLY A 1 55  ? 3.192   -7.484  0.303   1.00 15.70 ?  632 GLY A C   1 
ATOM   139  O O   . GLY A 1 55  ? 4.034   -6.665  0.680   1.00 17.94 ?  632 GLY A O   1 
ATOM   140  N N   . HIS A 1 56  ? 1.884   -7.236  0.304   1.00 13.15 ?  633 HIS A N   1 
ATOM   141  C CA  . HIS A 1 56  ? 1.347   -6.033  0.923   1.00 11.70 ?  633 HIS A CA  1 
ATOM   142  C C   . HIS A 1 56  ? 1.821   -5.950  2.368   1.00 13.35 ?  633 HIS A C   1 
ATOM   143  O O   . HIS A 1 56  ? 2.314   -4.927  2.813   1.00 12.32 ?  633 HIS A O   1 
ATOM   144  C CB  . HIS A 1 56  ? -0.172  -6.030  0.917   1.00 11.04 ?  633 HIS A CB  1 
ATOM   145  C CG  . HIS A 1 56  ? -0.789  -6.020  -0.440  1.00 17.74 ?  633 HIS A CG  1 
ATOM   146  N ND1 . HIS A 1 56  ? -1.532  -7.076  -0.926  1.00 13.09 ?  633 HIS A ND1 1 
ATOM   147  C CD2 . HIS A 1 56  ? -0.823  -5.066  -1.400  1.00 18.08 ?  633 HIS A CD2 1 
ATOM   148  C CE1 . HIS A 1 56  ? -1.989  -6.774  -2.125  1.00 13.41 ?  633 HIS A CE1 1 
ATOM   149  N NE2 . HIS A 1 56  ? -1.573  -5.559  -2.438  1.00 16.63 ?  633 HIS A NE2 1 
ATOM   150  N N   . MET A 1 57  ? 1.651   -7.052  3.089   1.00 11.20 ?  634 MET A N   1 
ATOM   151  C CA  . MET A 1 57  ? 1.987   -7.096  4.499   1.00 16.57 ?  634 MET A CA  1 
ATOM   152  C C   . MET A 1 57  ? 3.450   -6.759  4.732   1.00 13.15 ?  634 MET A C   1 
ATOM   153  O O   . MET A 1 57  ? 3.769   -5.992  5.637   1.00 16.10 ?  634 MET A O   1 
ATOM   154  C CB  . MET A 1 57  ? 1.653   -8.466  5.077   1.00 11.42 ?  634 MET A CB  1 
ATOM   155  C CG  . MET A 1 57  ? 0.157   -8.767  5.070   1.00 10.04 ?  634 MET A CG  1 
ATOM   156  S SD  . MET A 1 57  ? -0.127  -10.490 5.473   1.00 16.90 ?  634 MET A SD  1 
ATOM   157  C CE  . MET A 1 57  ? -1.791  -10.750 4.845   1.00 7.00  ?  634 MET A CE  1 
ATOM   158  N N   . LYS A 1 58  ? 4.339   -7.295  3.903   1.00 11.71 ?  635 LYS A N   1 
ATOM   159  C CA  . LYS A 1 58  ? 5.762   -7.032  4.097   1.00 17.49 ?  635 LYS A CA  1 
ATOM   160  C C   . LYS A 1 58  ? 6.106   -5.584  3.748   1.00 12.59 ?  635 LYS A C   1 
ATOM   161  O O   . LYS A 1 58  ? 6.954   -4.981  4.405   1.00 13.79 ?  635 LYS A O   1 
ATOM   162  C CB  . LYS A 1 58  ? 6.602   -8.003  3.293   1.00 15.39 ?  635 LYS A CB  1 
ATOM   163  C CG  . LYS A 1 58  ? 6.633   -9.379  3.943   1.00 12.73 ?  635 LYS A CG  1 
ATOM   164  C CD  . LYS A 1 58  ? 7.213   -10.410 3.002   1.00 20.73 ?  635 LYS A CD  1 
ATOM   165  C CE  . LYS A 1 58  ? 8.689   -10.164 2.788   1.00 35.10 ?  635 LYS A CE  1 
ATOM   166  N NZ  . LYS A 1 58  ? 9.459   -10.242 4.072   1.00 45.95 1  635 LYS A NZ  1 
ATOM   167  N N   . GLN A 1 59  ? 5.428   -5.009  2.786   1.00 8.81  ?  636 GLN A N   1 
ATOM   168  C CA  . GLN A 1 59  ? 5.573   -3.608  2.520   1.00 17.72 ?  636 GLN A CA  1 
ATOM   169  C C   . GLN A 1 59  ? 5.109   -2.755  3.652   1.00 11.82 ?  636 GLN A C   1 
ATOM   170  O O   . GLN A 1 59  ? 5.744   -1.863  4.012   1.00 13.54 ?  636 GLN A O   1 
ATOM   171  C CB  . GLN A 1 59  ? 4.870   -3.141  1.268   1.00 23.30 ?  636 GLN A CB  1 
ATOM   172  C CG  . GLN A 1 59  ? 5.728   -3.247  0.072   1.00 36.20 ?  636 GLN A CG  1 
ATOM   173  C CD  . GLN A 1 59  ? 5.395   -2.245  -0.969  1.00 44.00 ?  636 GLN A CD  1 
ATOM   174  O OE1 . GLN A 1 59  ? 4.253   -2.024  -1.296  1.00 51.80 ?  636 GLN A OE1 1 
ATOM   175  N NE2 . GLN A 1 59  ? 6.411   -1.643  -1.516  1.00 61.42 ?  636 GLN A NE2 1 
ATOM   176  N N   . LEU A 1 60  ? 3.984   -3.098  4.203   1.00 11.53 ?  637 LEU A N   1 
ATOM   177  C CA  . LEU A 1 60  ? 3.459   -2.395  5.354   1.00 11.62 ?  637 LEU A CA  1 
ATOM   178  C C   . LEU A 1 60  ? 4.366   -2.547  6.563   1.00 10.30 ?  637 LEU A C   1 
ATOM   179  O O   . LEU A 1 60  ? 4.560   -1.594  7.323   1.00 14.65 ?  637 LEU A O   1 
ATOM   180  C CB  . LEU A 1 60  ? 2.054   -2.898  5.671   1.00 15.43 ?  637 LEU A CB  1 
ATOM   181  C CG  . LEU A 1 60  ? 1.036   -2.528  4.586   1.00 15.61 ?  637 LEU A CG  1 
ATOM   182  C CD1 . LEU A 1 60  ? -0.328  -3.209  4.818   1.00 13.29 ?  637 LEU A CD1 1 
ATOM   183  C CD2 . LEU A 1 60  ? 0.883   -1.012  4.530   1.00 11.12 ?  637 LEU A CD2 1 
ATOM   184  N N   . GLU A 1 61  ? 4.912   -3.743  6.752   1.00 9.05  ?  638 GLU A N   1 
ATOM   185  C CA  . GLU A 1 61  ? 5.854   -3.976  7.830   1.00 12.86 ?  638 GLU A CA  1 
ATOM   186  C C   . GLU A 1 61  ? 7.034   -3.042  7.668   1.00 15.38 ?  638 GLU A C   1 
ATOM   187  O O   . GLU A 1 61  ? 7.438   -2.351  8.607   1.00 12.27 ?  638 GLU A O   1 
ATOM   188  C CB  . GLU A 1 61  ? 6.339   -5.421  7.847   1.00 10.58 ?  638 GLU A CB  1 
ATOM   189  C CG  . GLU A 1 61  ? 7.451   -5.641  8.852   1.00 10.35 ?  638 GLU A CG  1 
ATOM   190  C CD  . GLU A 1 61  ? 7.838   -7.097  8.966   1.00 13.94 ?  638 GLU A CD  1 
ATOM   191  O OE1 . GLU A 1 61  ? 7.596   -7.843  7.998   1.00 13.37 ?  638 GLU A OE1 1 
ATOM   192  O OE2 . GLU A 1 61  ? 8.377   -7.497  10.025  1.00 19.15 -1 638 GLU A OE2 1 
ATOM   193  N N   . GLN A 1 62  ? 7.574   -3.026  6.457   1.00 13.00 ?  639 GLN A N   1 
ATOM   194  C CA  . GLN A 1 62  ? 8.738   -2.220  6.156   1.00 15.04 ?  639 GLN A CA  1 
ATOM   195  C C   . GLN A 1 62  ? 8.467   -0.747  6.410   1.00 22.21 ?  639 GLN A C   1 
ATOM   196  O O   . GLN A 1 62  ? 9.289   -0.063  7.009   1.00 15.03 ?  639 GLN A O   1 
ATOM   197  C CB  . GLN A 1 62  ? 9.160   -2.435  4.708   1.00 15.39 ?  639 GLN A CB  1 
ATOM   198  C CG  . GLN A 1 62  ? 10.634  -2.302  4.515   1.00 26.60 ?  639 GLN A CG  1 
ATOM   199  C CD  . GLN A 1 62  ? 11.040  -2.342  3.060   1.00 35.96 ?  639 GLN A CD  1 
ATOM   200  O OE1 . GLN A 1 62  ? 10.335  -2.917  2.217   1.00 23.42 ?  639 GLN A OE1 1 
ATOM   201  N NE2 . GLN A 1 62  ? 12.202  -1.758  2.758   1.00 33.19 ?  639 GLN A NE2 1 
ATOM   202  N N   . ALA A 1 63  ? 7.296   -0.270  5.981   1.00 12.90 ?  640 ALA A N   1 
ATOM   203  C CA  . ALA A 1 63  ? 6.962   1.128   6.161   1.00 11.71 ?  640 ALA A CA  1 
ATOM   204  C C   . ALA A 1 63  ? 6.863   1.428   7.651   1.00 12.83 ?  640 ALA A C   1 
ATOM   205  O O   . ALA A 1 63  ? 7.296   2.472   8.119   1.00 13.33 ?  640 ALA A O   1 
ATOM   206  C CB  . ALA A 1 63  ? 5.677   1.462   5.453   1.00 8.93  ?  640 ALA A CB  1 
ATOM   207  N N   . LYS A 1 64  ? 6.318   0.489   8.406   1.00 14.58 ?  641 LYS A N   1 
ATOM   208  C CA  . LYS A 1 64  ? 6.119   0.695   9.831   1.00 14.54 ?  641 LYS A CA  1 
ATOM   209  C C   . LYS A 1 64  ? 7.453   0.812   10.568  1.00 13.70 ?  641 LYS A C   1 
ATOM   210  O O   . LYS A 1 64  ? 7.617   1.626   11.489  1.00 15.28 ?  641 LYS A O   1 
ATOM   211  C CB  . LYS A 1 64  ? 5.285   -0.455  10.409  1.00 12.11 ?  641 LYS A CB  1 
ATOM   212  C CG  . LYS A 1 64  ? 5.134   -0.414  11.917  1.00 13.87 ?  641 LYS A CG  1 
ATOM   213  C CD  . LYS A 1 64  ? 4.479   0.883   12.392  1.00 14.54 ?  641 LYS A CD  1 
ATOM   214  C CE  . LYS A 1 64  ? 4.455   0.910   13.924  1.00 14.28 ?  641 LYS A CE  1 
ATOM   215  N NZ  . LYS A 1 64  ? 3.871   2.176   14.443  1.00 20.08 1  641 LYS A NZ  1 
ATOM   216  N N   . LYS A 1 65  ? 8.414   0.008   10.139  1.00 13.16 ?  642 LYS A N   1 
ATOM   217  C CA  . LYS A 1 65  ? 9.686   -0.095  10.840  1.00 15.64 ?  642 LYS A CA  1 
ATOM   218  C C   . LYS A 1 65  ? 10.795  0.814   10.275  1.00 21.23 ?  642 LYS A C   1 
ATOM   219  O O   . LYS A 1 65  ? 11.978  0.640   10.610  1.00 19.12 ?  642 LYS A O   1 
ATOM   220  C CB  . LYS A 1 65  ? 10.146  -1.555  10.836  1.00 13.05 ?  642 LYS A CB  1 
ATOM   221  C CG  . LYS A 1 65  ? 9.189   -2.501  11.565  1.00 14.18 ?  642 LYS A CG  1 
ATOM   222  C CD  . LYS A 1 65  ? 9.730   -3.941  11.561  1.00 13.69 ?  642 LYS A CD  1 
ATOM   223  C CE  . LYS A 1 65  ? 8.793   -4.910  12.277  1.00 14.66 ?  642 LYS A CE  1 
ATOM   224  N NZ  . LYS A 1 65  ? 9.280   -6.342  12.247  1.00 16.67 1  642 LYS A NZ  1 
ATOM   225  N N   . LEU A 1 66  ? 10.417  1.796   9.455   1.00 16.27 ?  643 LEU A N   1 
ATOM   226  C CA  . LEU A 1 66  ? 11.393  2.729   8.874   1.00 17.86 ?  643 LEU A CA  1 
ATOM   227  C C   . LEU A 1 66  ? 12.149  3.492   9.937   1.00 15.34 ?  643 LEU A C   1 
ATOM   228  O O   . LEU A 1 66  ? 13.291  3.893   9.735   1.00 17.41 ?  643 LEU A O   1 
ATOM   229  C CB  . LEU A 1 66  ? 10.714  3.732   7.946   1.00 13.27 ?  643 LEU A CB  1 
ATOM   230  C CG  . LEU A 1 66  ? 10.321  3.175   6.589   1.00 15.18 ?  643 LEU A CG  1 
ATOM   231  C CD1 . LEU A 1 66  ? 9.487   4.220   5.859   1.00 13.60 ?  643 LEU A CD1 1 
ATOM   232  C CD2 . LEU A 1 66  ? 11.575  2.791   5.795   1.00 11.76 ?  643 LEU A CD2 1 
ATOM   233  N N   . PHE A 1 67  ? 11.495  3.701   11.071  1.00 16.69 ?  644 PHE A N   1 
ATOM   234  C CA  . PHE A 1 67  ? 12.087  4.434   12.175  1.00 19.58 ?  644 PHE A CA  1 
ATOM   235  C C   . PHE A 1 67  ? 11.726  3.722   13.458  1.00 17.29 ?  644 PHE A C   1 
ATOM   236  O O   . PHE A 1 67  ? 10.904  2.817   13.449  1.00 14.08 ?  644 PHE A O   1 
ATOM   237  C CB  . PHE A 1 67  ? 11.604  5.891   12.193  1.00 14.82 ?  644 PHE A CB  1 
ATOM   238  C CG  . PHE A 1 67  ? 11.998  6.666   10.975  1.00 15.43 ?  644 PHE A CG  1 
ATOM   239  C CD1 . PHE A 1 67  ? 13.226  7.312   10.917  1.00 18.99 ?  644 PHE A CD1 1 
ATOM   240  C CD2 . PHE A 1 67  ? 11.146  6.754   9.884   1.00 18.77 ?  644 PHE A CD2 1 
ATOM   241  C CE1 . PHE A 1 67  ? 13.600  8.033   9.788   1.00 17.86 ?  644 PHE A CE1 1 
ATOM   242  C CE2 . PHE A 1 67  ? 11.513  7.475   8.739   1.00 17.40 ?  644 PHE A CE2 1 
ATOM   243  C CZ  . PHE A 1 67  ? 12.741  8.113   8.697   1.00 23.21 ?  644 PHE A CZ  1 
ATOM   244  N N   . GLU A 1 68  ? 12.345  4.127   14.557  1.00 19.21 ?  645 GLU A N   1 
ATOM   245  C CA  . GLU A 1 68  ? 12.122  3.478   15.841  1.00 22.48 ?  645 GLU A CA  1 
ATOM   246  C C   . GLU A 1 68  ? 10.679  3.609   16.293  1.00 20.62 ?  645 GLU A C   1 
ATOM   247  O O   . GLU A 1 68  ? 10.059  2.637   16.748  1.00 25.48 ?  645 GLU A O   1 
ATOM   248  C CB  . GLU A 1 68  ? 13.055  4.074   16.910  1.00 22.65 ?  645 GLU A CB  1 
ATOM   249  C CG  . GLU A 1 68  ? 12.888  3.444   18.290  1.00 26.40 ?  645 GLU A CG  1 
ATOM   250  C CD  . GLU A 1 68  ? 13.502  4.270   19.412  1.00 36.80 ?  645 GLU A CD  1 
ATOM   251  O OE1 . GLU A 1 68  ? 14.317  5.176   19.121  1.00 34.24 ?  645 GLU A OE1 1 
ATOM   252  O OE2 . GLU A 1 68  ? 13.156  4.020   20.589  1.00 47.08 -1 645 GLU A OE2 1 
ATOM   253  N N   . ASN A 1 69  ? 10.168  4.833   16.199  1.00 20.06 ?  646 ASN A N   1 
ATOM   254  C CA  . ASN A 1 69  ? 8.798   5.149   16.578  1.00 20.84 ?  646 ASN A CA  1 
ATOM   255  C C   . ASN A 1 69  ? 8.074   5.808   15.427  1.00 19.50 ?  646 ASN A C   1 
ATOM   256  O O   . ASN A 1 69  ? 8.441   6.902   15.004  1.00 18.66 ?  646 ASN A O   1 
ATOM   257  C CB  . ASN A 1 69  ? 8.767   6.063   17.806  1.00 23.65 ?  646 ASN A CB  1 
ATOM   258  C CG  . ASN A 1 69  ? 9.330   5.390   19.034  1.00 32.70 ?  646 ASN A CG  1 
ATOM   259  O OD1 . ASN A 1 69  ? 10.169  5.954   19.737  1.00 38.31 ?  646 ASN A OD1 1 
ATOM   260  N ND2 . ASN A 1 69  ? 8.888   4.161   19.289  1.00 36.69 ?  646 ASN A ND2 1 
ATOM   261  N N   . THR A 1 70  ? 7.064   5.130   14.897  1.00 18.87 ?  647 THR A N   1 
ATOM   262  C CA  . THR A 1 70  ? 6.309   5.679   13.781  1.00 13.88 ?  647 THR A CA  1 
ATOM   263  C C   . THR A 1 70  ? 4.812   5.601   14.032  1.00 22.94 ?  647 THR A C   1 
ATOM   264  O O   . THR A 1 70  ? 4.347   4.873   14.903  1.00 12.75 ?  647 THR A O   1 
ATOM   265  C CB  . THR A 1 70  ? 6.594   4.948   12.447  1.00 15.97 ?  647 THR A CB  1 
ATOM   266  O OG1 . THR A 1 70  ? 6.248   3.566   12.577  1.00 14.05 ?  647 THR A OG1 1 
ATOM   267  C CG2 . THR A 1 70  ? 8.061   5.072   12.019  1.00 14.37 ?  647 THR A CG2 1 
ATOM   268  N N   . THR A 1 71  ? 4.065   6.377   13.257  1.00 17.41 ?  648 THR A N   1 
ATOM   269  C CA  . THR A 1 71  ? 2.656   6.115   13.059  1.00 14.12 ?  648 THR A CA  1 
ATOM   270  C C   . THR A 1 71  ? 2.541   5.782   11.585  1.00 11.53 ?  648 THR A C   1 
ATOM   271  O O   . THR A 1 71  ? 3.022   6.532   10.730  1.00 11.21 ?  648 THR A O   1 
ATOM   272  C CB  . THR A 1 71  ? 1.768   7.327   13.438  1.00 19.84 ?  648 THR A CB  1 
ATOM   273  O OG1 . THR A 1 71  ? 1.996   7.663   14.811  1.00 22.73 ?  648 THR A OG1 1 
ATOM   274  C CG2 . THR A 1 71  ? 0.277   6.995   13.254  1.00 18.41 ?  648 THR A CG2 1 
ATOM   275  N N   . LEU A 1 72  ? 1.973   4.629   11.272  1.00 12.22 ?  649 LEU A N   1 
ATOM   276  C CA  . LEU A 1 72  ? 1.811   4.277   9.873   1.00 7.12  ?  649 LEU A CA  1 
ATOM   277  C C   . LEU A 1 72  ? 0.389   4.596   9.446   1.00 11.28 ?  649 LEU A C   1 
ATOM   278  O O   . LEU A 1 72  ? -0.584  4.036   9.961   1.00 10.54 ?  649 LEU A O   1 
ATOM   279  C CB  . LEU A 1 72  ? 2.149   2.801   9.634   1.00 7.76  ?  649 LEU A CB  1 
ATOM   280  C CG  . LEU A 1 72  ? 1.904   2.305   8.212   1.00 10.76 ?  649 LEU A CG  1 
ATOM   281  C CD1 . LEU A 1 72  ? 2.680   3.133   7.181   1.00 9.96  ?  649 LEU A CD1 1 
ATOM   282  C CD2 . LEU A 1 72  ? 2.228   0.825   8.074   1.00 12.70 ?  649 LEU A CD2 1 
ATOM   283  N N   . ILE A 1 73  ? 0.256   5.517   8.506   1.00 10.14 ?  650 ILE A N   1 
ATOM   284  C CA  . ILE A 1 73  ? -1.063  5.810   7.985   1.00 9.19  ?  650 ILE A CA  1 
ATOM   285  C C   . ILE A 1 73  ? -1.205  5.154   6.616   1.00 12.33 ?  650 ILE A C   1 
ATOM   286  O O   . ILE A 1 73  ? -0.356  5.312   5.743   1.00 9.74  ?  650 ILE A O   1 
ATOM   287  C CB  . ILE A 1 73  ? -1.301  7.312   7.887   1.00 12.00 ?  650 ILE A CB  1 
ATOM   288  C CG1 . ILE A 1 73  ? -0.943  7.976   9.222   1.00 13.45 ?  650 ILE A CG1 1 
ATOM   289  C CG2 . ILE A 1 73  ? -2.754  7.579   7.506   1.00 11.49 ?  650 ILE A CG2 1 
ATOM   290  C CD1 . ILE A 1 73  ? -1.278  9.470   9.275   1.00 12.47 ?  650 ILE A CD1 1 
ATOM   291  N N   . VAL A 1 74  ? -2.269  4.388   6.440   1.00 12.72 ?  651 VAL A N   1 
ATOM   292  C CA  . VAL A 1 74  ? -2.470  3.667   5.196   1.00 12.35 ?  651 VAL A CA  1 
ATOM   293  C C   . VAL A 1 74  ? -3.662  4.240   4.458   1.00 11.09 ?  651 VAL A C   1 
ATOM   294  O O   . VAL A 1 74  ? -4.736  4.385   5.033   1.00 13.30 ?  651 VAL A O   1 
ATOM   295  C CB  . VAL A 1 74  ? -2.679  2.185   5.451   1.00 11.46 ?  651 VAL A CB  1 
ATOM   296  C CG1 . VAL A 1 74  ? -2.897  1.465   4.135   1.00 8.44  ?  651 VAL A CG1 1 
ATOM   297  C CG2 . VAL A 1 74  ? -1.467  1.628   6.197   1.00 11.67 ?  651 VAL A CG2 1 
ATOM   298  N N   . GLY A 1 75  ? -3.464  4.603   3.196   1.00 8.56  ?  652 GLY A N   1 
ATOM   299  C CA  . GLY A 1 75  ? -4.547  5.127   2.398   1.00 7.15  ?  652 GLY A CA  1 
ATOM   300  C C   . GLY A 1 75  ? -5.053  4.047   1.470   1.00 11.11 ?  652 GLY A C   1 
ATOM   301  O O   . GLY A 1 75  ? -4.253  3.384   0.806   1.00 8.95  ?  652 GLY A O   1 
ATOM   302  N N   . VAL A 1 76  ? -6.370  3.853   1.438   1.00 10.95 ?  653 VAL A N   1 
ATOM   303  C CA  . VAL A 1 76  ? -6.983  2.850   0.558   1.00 13.41 ?  653 VAL A CA  1 
ATOM   304  C C   . VAL A 1 76  ? -7.674  3.530   -0.626  1.00 12.66 ?  653 VAL A C   1 
ATOM   305  O O   . VAL A 1 76  ? -8.641  4.267   -0.443  1.00 13.57 ?  653 VAL A O   1 
ATOM   306  C CB  . VAL A 1 76  ? -8.008  1.972   1.329   1.00 9.83  ?  653 VAL A CB  1 
ATOM   307  C CG1 . VAL A 1 76  ? -8.383  0.741   0.501   1.00 9.51  ?  653 VAL A CG1 1 
ATOM   308  C CG2 . VAL A 1 76  ? -7.435  1.542   2.692   1.00 5.13  ?  653 VAL A CG2 1 
ATOM   309  N N   . THR A 1 77  ? -7.186  3.292   -1.839  1.00 12.13 ?  654 THR A N   1 
ATOM   310  C CA  . THR A 1 77  ? -7.729  4.002   -2.988  1.00 18.37 ?  654 THR A CA  1 
ATOM   311  C C   . THR A 1 77  ? -9.091  3.457   -3.363  1.00 16.52 ?  654 THR A C   1 
ATOM   312  O O   . THR A 1 77  ? -9.394  2.266   -3.167  1.00 15.99 ?  654 THR A O   1 
ATOM   313  C CB  . THR A 1 77  ? -6.805  3.938   -4.216  1.00 13.81 ?  654 THR A CB  1 
ATOM   314  O OG1 . THR A 1 77  ? -6.644  2.577   -4.606  1.00 23.93 ?  654 THR A OG1 1 
ATOM   315  C CG2 . THR A 1 77  ? -5.452  4.539   -3.905  1.00 16.68 ?  654 THR A CG2 1 
ATOM   316  N N   . SER A 1 78  ? -9.902  4.335   -3.932  1.00 17.93 ?  655 SER A N   1 
ATOM   317  C CA  . SER A 1 78  ? -11.308 4.036   -4.174  1.00 25.01 ?  655 SER A CA  1 
ATOM   318  C C   . SER A 1 78  ? -11.470 3.005   -5.277  1.00 19.42 ?  655 SER A C   1 
ATOM   319  O O   . SER A 1 78  ? -10.579 2.842   -6.105  1.00 21.74 ?  655 SER A O   1 
ATOM   320  C CB  . SER A 1 78  ? -12.066 5.317   -4.537  1.00 22.83 ?  655 SER A CB  1 
ATOM   321  O OG  . SER A 1 78  ? -11.599 5.826   -5.772  1.00 22.65 ?  655 SER A OG  1 
ATOM   322  N N   . ASP A 1 79  ? -12.607 2.315   -5.273  1.00 26.43 ?  656 ASP A N   1 
ATOM   323  C CA  . ASP A 1 79  ? -12.983 1.409   -6.361  1.00 38.11 ?  656 ASP A CA  1 
ATOM   324  C C   . ASP A 1 79  ? -12.935 2.143   -7.701  1.00 46.79 ?  656 ASP A C   1 
ATOM   325  O O   . ASP A 1 79  ? -12.396 1.641   -8.694  1.00 41.41 ?  656 ASP A O   1 
ATOM   326  C CB  . ASP A 1 79  ? -14.393 0.843   -6.140  1.00 33.98 ?  656 ASP A CB  1 
ATOM   327  C CG  . ASP A 1 79  ? -14.455 -0.178  -5.004  1.00 42.69 ?  656 ASP A CG  1 
ATOM   328  O OD1 . ASP A 1 79  ? -13.589 -1.096  -4.960  1.00 32.70 ?  656 ASP A OD1 1 
ATOM   329  O OD2 . ASP A 1 79  ? -15.382 -0.066  -4.160  1.00 27.05 -1 656 ASP A OD2 1 
ATOM   330  N N   . ASN A 1 80  ? -13.507 3.345   -7.698  1.00 46.39 ?  657 ASN A N   1 
ATOM   331  C CA  . ASN A 1 80  ? -13.661 4.143   -8.909  1.00 47.74 ?  657 ASN A CA  1 
ATOM   332  C C   . ASN A 1 80  ? -12.354 4.740   -9.443  1.00 43.98 ?  657 ASN A C   1 
ATOM   333  O O   . ASN A 1 80  ? -12.037 4.584   -10.629 1.00 48.69 ?  657 ASN A O   1 
ATOM   334  C CB  . ASN A 1 80  ? -14.695 5.239   -8.665  1.00 47.29 ?  657 ASN A CB  1 
ATOM   335  C CG  . ASN A 1 80  ? -15.848 4.753   -7.809  1.00 59.34 ?  657 ASN A CG  1 
ATOM   336  O OD1 . ASN A 1 80  ? -15.872 4.956   -6.590  1.00 61.19 ?  657 ASN A OD1 1 
ATOM   337  N ND2 . ASN A 1 80  ? -16.800 4.075   -8.442  1.00 59.45 ?  657 ASN A ND2 1 
ATOM   338  N N   . GLU A 1 81  ? -11.570 5.363   -8.623  1.00 43.89 ?  658 GLU A N   1 
ATOM   339  C CA  . GLU A 1 81  ? -10.380 5.932   -9.167  1.00 43.98 ?  658 GLU A CA  1 
ATOM   340  C C   . GLU A 1 81  ? -9.334  4.898   -9.515  1.00 48.94 ?  658 GLU A C   1 
ATOM   341  O O   . GLU A 1 81  ? -8.475  5.149   -10.324 1.00 45.45 ?  658 GLU A O   1 
ATOM   342  C CB  . GLU A 1 81  ? -9.870  7.022   -8.254  0.50 50.00 ?  658 GLU A CB  1 
ATOM   343  C CG  . GLU A 1 81  ? -10.897 8.114   -8.076  0.50 50.00 ?  658 GLU A CG  1 
ATOM   344  C CD  . GLU A 1 81  ? -10.654 8.863   -6.804  0.50 50.00 ?  658 GLU A CD  1 
ATOM   345  O OE1 . GLU A 1 81  ? -11.002 8.369   -5.782  0.50 50.00 ?  658 GLU A OE1 1 
ATOM   346  O OE2 . GLU A 1 81  ? -10.095 9.908   -6.858  0.50 50.00 -1 658 GLU A OE2 1 
ATOM   347  N N   . THR A 1 82  ? -9.435  3.735   -8.912  1.00 42.43 ?  659 THR A N   1 
ATOM   348  C CA  . THR A 1 82  ? -8.530  2.645   -9.254  1.00 43.61 ?  659 THR A CA  1 
ATOM   349  C C   . THR A 1 82  ? -8.815  2.038   -10.613 1.00 41.27 ?  659 THR A C   1 
ATOM   350  O O   . THR A 1 82  ? -7.930  1.971   -11.467 1.00 40.85 ?  659 THR A O   1 
ATOM   351  C CB  . THR A 1 82  ? -8.606  1.507   -8.230  1.00 33.39 ?  659 THR A CB  1 
ATOM   352  O OG1 . THR A 1 82  ? -8.622  2.044   -6.903  1.00 35.98 ?  659 THR A OG1 1 
ATOM   353  C CG2 . THR A 1 82  ? -7.421  0.580   -8.410  1.00 39.74 ?  659 THR A CG2 1 
ATOM   354  N N   . LYS A 1 83  ? -10.053 1.577   -10.784 1.00 38.78 ?  660 LYS A N   1 
ATOM   355  C CA  . LYS A 1 83  ? -10.497 0.898   -12.004 1.00 56.72 ?  660 LYS A CA  1 
ATOM   356  C C   . LYS A 1 83  ? -10.239 1.749   -13.253 1.00 52.64 ?  660 LYS A C   1 
ATOM   357  O O   . LYS A 1 83  ? -9.890  1.217   -14.313 1.00 49.82 ?  660 LYS A O   1 
ATOM   358  C CB  . LYS A 1 83  ? -11.989 0.569   -11.936 1.00 47.09 ?  660 LYS A CB  1 
ATOM   359  C CG  . LYS A 1 83  ? -12.451 -0.510  -10.975 0.80 44.36 ?  660 LYS A CG  1 
ATOM   360  C CD  . LYS A 1 83  ? -13.744 -1.113  -11.492 0.60 47.43 ?  660 LYS A CD  1 
ATOM   361  C CE  . LYS A 1 83  ? -14.783 -1.298  -10.383 0.50 42.09 ?  660 LYS A CE  1 
ATOM   362  N NZ  . LYS A 1 83  ? -14.233 -1.742  -9.062  0.40 32.03 1  660 LYS A NZ  1 
ATOM   363  N N   . LEU A 1 84  ? -10.449 3.057   -13.094 1.00 48.69 ?  661 LEU A N   1 
ATOM   364  C CA  . LEU A 1 84  ? -10.264 4.087   -14.109 1.00 51.78 ?  661 LEU A CA  1 
ATOM   365  C C   . LEU A 1 84  ? -8.810  4.306   -14.493 1.00 48.73 ?  661 LEU A C   1 
ATOM   366  O O   . LEU A 1 84  ? -8.459  4.125   -15.618 1.00 51.56 ?  661 LEU A O   1 
ATOM   367  C CB  . LEU A 1 84  ? -10.882 5.403   -13.600 1.00 57.07 ?  661 LEU A CB  1 
ATOM   368  C CG  . LEU A 1 84  ? -11.024 6.745   -14.318 1.00 65.05 ?  661 LEU A CG  1 
ATOM   369  C CD1 . LEU A 1 84  ? -11.712 6.521   -15.631 1.00 58.60 ?  661 LEU A CD1 1 
ATOM   370  C CD2 . LEU A 1 84  ? -11.779 7.789   -13.459 1.00 55.04 ?  661 LEU A CD2 1 
ATOM   371  N N   . PHE A 1 85  ? -7.977  4.667   -13.532 1.00 47.66 ?  662 PHE A N   1 
ATOM   372  C CA  . PHE A 1 85  ? -6.609  5.127   -13.736 1.00 55.76 ?  662 PHE A CA  1 
ATOM   373  C C   . PHE A 1 85  ? -5.561  4.037   -13.603 1.00 54.19 ?  662 PHE A C   1 
ATOM   374  O O   . PHE A 1 85  ? -4.424  4.209   -14.046 1.00 50.90 ?  662 PHE A O   1 
ATOM   375  C CB  . PHE A 1 85  ? -6.274  6.238   -12.750 1.00 49.17 ?  662 PHE A CB  1 
ATOM   376  N N   . LYS A 1 86  ? -5.932  2.926   -12.979 1.00 51.34 ?  663 LYS A N   1 
ATOM   377  C CA  . LYS A 1 86  ? -4.955  1.899   -12.663 1.00 55.83 ?  663 LYS A CA  1 
ATOM   378  C C   . LYS A 1 86  ? -5.313  0.564   -13.304 1.00 54.97 ?  663 LYS A C   1 
ATOM   379  O O   . LYS A 1 86  ? -4.719  0.171   -14.308 1.00 67.37 ?  663 LYS A O   1 
ATOM   380  C CB  . LYS A 1 86  ? -4.824  1.739   -11.145 1.00 54.45 ?  663 LYS A CB  1 
ATOM   381  C CG  . LYS A 1 86  ? -3.389  1.635   -10.662 1.00 55.68 ?  663 LYS A CG  1 
ATOM   382  C CD  . LYS A 1 86  ? -2.690  0.420   -11.242 1.00 56.50 ?  663 LYS A CD  1 
ATOM   383  N N   . GLY A 1 87  ? -6.278  -0.137  -12.719 1.00 54.35 ?  664 GLY A N   1 
ATOM   384  C CA  . GLY A 1 87  ? -6.647  -1.443  -13.224 1.00 52.02 ?  664 GLY A CA  1 
ATOM   385  C C   . GLY A 1 87  ? -7.805  -2.094  -12.498 1.00 52.86 ?  664 GLY A C   1 
ATOM   386  O O   . GLY A 1 87  ? -8.436  -1.487  -11.630 1.00 48.15 ?  664 GLY A O   1 
ATOM   387  N N   . GLN A 1 88  ? -8.059  -3.347  -12.865 1.00 48.27 ?  665 GLN A N   1 
ATOM   388  C CA  . GLN A 1 88  ? -9.171  -4.146  -12.363 1.00 46.42 ?  665 GLN A CA  1 
ATOM   389  C C   . GLN A 1 88  ? -9.018  -4.479  -10.878 1.00 35.56 ?  665 GLN A C   1 
ATOM   390  O O   . GLN A 1 88  ? -7.905  -4.714  -10.412 1.00 31.68 ?  665 GLN A O   1 
ATOM   391  C CB  . GLN A 1 88  ? -9.267  -5.424  -13.187 1.00 39.72 ?  665 GLN A CB  1 
ATOM   392  C CG  . GLN A 1 88  ? -8.681  -5.235  -14.573 1.00 52.56 ?  665 GLN A CG  1 
ATOM   393  N N   . VAL A 1 89  ? -10.131 -4.511  -10.142 1.00 27.98 ?  666 VAL A N   1 
ATOM   394  C CA  A VAL A 1 89  ? -10.074 -4.786  -8.706  0.50 28.72 ?  666 VAL A CA  1 
ATOM   395  C CA  B VAL A 1 89  ? -10.099 -4.751  -8.698  0.50 28.72 ?  666 VAL A CA  1 
ATOM   396  C C   . VAL A 1 89  ? -11.225 -5.682  -8.249  1.00 25.10 ?  666 VAL A C   1 
ATOM   397  O O   . VAL A 1 89  ? -12.393 -5.425  -8.527  1.00 28.88 ?  666 VAL A O   1 
ATOM   398  C CB  A VAL A 1 89  ? -10.066 -3.471  -7.871  0.50 27.65 ?  666 VAL A CB  1 
ATOM   399  C CB  B VAL A 1 89  ? -10.199 -3.421  -7.907  0.50 27.62 ?  666 VAL A CB  1 
ATOM   400  C CG1 A VAL A 1 89  ? -11.145 -2.526  -8.336  0.50 28.85 ?  666 VAL A CG1 1 
ATOM   401  C CG1 B VAL A 1 89  ? -10.389 -3.690  -6.421  0.50 21.07 ?  666 VAL A CG1 1 
ATOM   402  C CG2 A VAL A 1 89  ? -10.220 -3.768  -6.385  0.50 21.10 ?  666 VAL A CG2 1 
ATOM   403  C CG2 B VAL A 1 89  ? -8.966  -2.568  -8.144  0.50 23.97 ?  666 VAL A CG2 1 
ATOM   404  N N   . VAL A 1 90  ? -10.867 -6.747  -7.539  1.00 24.32 ?  667 VAL A N   1 
ATOM   405  C CA  . VAL A 1 90  ? -11.817 -7.738  -7.052  1.00 22.14 ?  667 VAL A CA  1 
ATOM   406  C C   . VAL A 1 90  ? -12.715 -7.274  -5.911  1.00 18.28 ?  667 VAL A C   1 
ATOM   407  O O   . VAL A 1 90  ? -13.927 -7.441  -5.967  1.00 15.30 ?  667 VAL A O   1 
ATOM   408  C CB  . VAL A 1 90  ? -11.072 -8.983  -6.561  1.00 19.07 ?  667 VAL A CB  1 
ATOM   409  C CG1 . VAL A 1 90  ? -12.055 -10.073 -6.213  1.00 22.18 ?  667 VAL A CG1 1 
ATOM   410  C CG2 . VAL A 1 90  ? -10.078 -9.420  -7.617  1.00 25.29 ?  667 VAL A CG2 1 
ATOM   411  N N   . GLN A 1 91  ? -12.118 -6.723  -4.862  1.00 14.71 ?  668 GLN A N   1 
ATOM   412  C CA  . GLN A 1 91  ? -12.878 -6.397  -3.662  1.00 17.67 ?  668 GLN A CA  1 
ATOM   413  C C   . GLN A 1 91  ? -13.307 -4.942  -3.611  1.00 15.59 ?  668 GLN A C   1 
ATOM   414  O O   . GLN A 1 91  ? -12.634 -4.072  -4.142  1.00 13.12 ?  668 GLN A O   1 
ATOM   415  C CB  . GLN A 1 91  ? -12.055 -6.722  -2.418  1.00 14.93 ?  668 GLN A CB  1 
ATOM   416  C CG  . GLN A 1 91  ? -11.683 -8.197  -2.275  1.00 14.04 ?  668 GLN A CG  1 
ATOM   417  C CD  . GLN A 1 91  ? -10.812 -8.443  -1.063  1.00 11.13 ?  668 GLN A CD  1 
ATOM   418  O OE1 . GLN A 1 91  ? -9.619  -8.128  -1.067  1.00 15.82 ?  668 GLN A OE1 1 
ATOM   419  N NE2 . GLN A 1 91  ? -11.402 -8.988  -0.018  1.00 9.72  ?  668 GLN A NE2 1 
ATOM   420  N N   . THR A 1 92  ? -14.426 -4.681  -2.947  1.00 16.26 ?  669 THR A N   1 
ATOM   421  C CA  . THR A 1 92  ? -14.888 -3.315  -2.750  1.00 16.03 ?  669 THR A CA  1 
ATOM   422  C C   . THR A 1 92  ? -13.982 -2.564  -1.771  1.00 19.86 ?  669 THR A C   1 
ATOM   423  O O   . THR A 1 92  ? -13.247 -3.177  -1.003  1.00 15.83 ?  669 THR A O   1 
ATOM   424  C CB  . THR A 1 92  ? -16.320 -3.287  -2.195  1.00 23.39 ?  669 THR A CB  1 
ATOM   425  O OG1 . THR A 1 92  ? -16.341 -4.023  -0.969  1.00 18.74 ?  669 THR A OG1 1 
ATOM   426  C CG2 . THR A 1 92  ? -17.302 -3.931  -3.173  1.00 15.56 ?  669 THR A CG2 1 
ATOM   427  N N   . LEU A 1 93  ? -14.067 -1.236  -1.795  1.00 15.27 ?  670 LEU A N   1 
ATOM   428  C CA  . LEU A 1 93  ? -13.333 -0.395  -0.873  1.00 17.42 ?  670 LEU A CA  1 
ATOM   429  C C   . LEU A 1 93  ? -13.541 -0.868  0.549   1.00 19.20 ?  670 LEU A C   1 
ATOM   430  O O   . LEU A 1 93  ? -12.588 -0.952  1.319   1.00 12.42 ?  670 LEU A O   1 
ATOM   431  C CB  . LEU A 1 93  ? -13.764 1.074   -1.014  1.00 15.37 ?  670 LEU A CB  1 
ATOM   432  C CG  . LEU A 1 93  ? -13.099 2.068   -0.059  1.00 18.21 ?  670 LEU A CG  1 
ATOM   433  C CD1 . LEU A 1 93  ? -11.577 2.208   -0.298  1.00 8.20  ?  670 LEU A CD1 1 
ATOM   434  C CD2 . LEU A 1 93  ? -13.815 3.427   -0.120  1.00 15.72 ?  670 LEU A CD2 1 
ATOM   435  N N   . GLU A 1 94  ? -14.778 -1.216  0.887   1.00 13.68 ?  671 GLU A N   1 
ATOM   436  C CA  . GLU A 1 94  ? -15.100 -1.581  2.254   1.00 15.30 ?  671 GLU A CA  1 
ATOM   437  C C   . GLU A 1 94  ? -14.410 -2.883  2.635   1.00 13.62 ?  671 GLU A C   1 
ATOM   438  O O   . GLU A 1 94  ? -13.964 -3.058  3.777   1.00 16.31 ?  671 GLU A O   1 
ATOM   439  C CB  . GLU A 1 94  ? -16.627 -1.685  2.435   1.00 18.49 ?  671 GLU A CB  1 
ATOM   440  C CG  . GLU A 1 94  ? -17.083 -2.130  3.821   0.60 21.29 ?  671 GLU A CG  1 
ATOM   441  C CD  . GLU A 1 94  ? -18.602 -2.207  3.948   0.50 25.98 ?  671 GLU A CD  1 
ATOM   442  O OE1 . GLU A 1 94  ? -19.312 -1.682  3.067   0.50 20.20 ?  671 GLU A OE1 1 
ATOM   443  O OE2 . GLU A 1 94  ? -19.087 -2.800  4.934   0.50 27.87 -1 671 GLU A OE2 1 
ATOM   444  N N   . GLU A 1 95  ? -14.317 -3.794  1.678   1.00 14.95 ?  672 GLU A N   1 
ATOM   445  C CA  . GLU A 1 95  ? -13.684 -5.091  1.905   1.00 18.80 ?  672 GLU A CA  1 
ATOM   446  C C   . GLU A 1 95  ? -12.170 -4.959  2.079   1.00 14.66 ?  672 GLU A C   1 
ATOM   447  O O   . GLU A 1 95  ? -11.548 -5.597  2.937   1.00 13.65 ?  672 GLU A O   1 
ATOM   448  C CB  . GLU A 1 95  ? -13.994 -6.032  0.731   1.00 16.61 ?  672 GLU A CB  1 
ATOM   449  C CG  . GLU A 1 95  ? -15.350 -6.704  0.803   1.00 15.79 ?  672 GLU A CG  1 
ATOM   450  C CD  . GLU A 1 95  ? -15.743 -7.395  -0.503  1.00 18.21 ?  672 GLU A CD  1 
ATOM   451  O OE1 . GLU A 1 95  ? -15.117 -7.124  -1.551  1.00 22.67 ?  672 GLU A OE1 1 
ATOM   452  O OE2 . GLU A 1 95  ? -16.685 -8.211  -0.483  1.00 32.31 -1 672 GLU A OE2 1 
ATOM   453  N N   . ARG A 1 96  ? -11.582 -4.134  1.228   1.00 12.60 ?  673 ARG A N   1 
ATOM   454  C CA  . ARG A 1 96  ? -10.149 -3.935  1.228   1.00 13.74 ?  673 ARG A CA  1 
ATOM   455  C C   . ARG A 1 96  ? -9.724  -3.209  2.478   1.00 11.55 ?  673 ARG A C   1 
ATOM   456  O O   . ARG A 1 96  ? -8.648  -3.492  3.042   1.00 11.63 ?  673 ARG A O   1 
ATOM   457  C CB  . ARG A 1 96  ? -9.737  -3.164  -0.031  1.00 10.94 ?  673 ARG A CB  1 
ATOM   458  C CG  . ARG A 1 96  ? -9.802  -4.026  -1.264  1.00 12.06 ?  673 ARG A CG  1 
ATOM   459  C CD  . ARG A 1 96  ? -9.359  -3.280  -2.493  1.00 13.27 ?  673 ARG A CD  1 
ATOM   460  N NE  . ARG A 1 96  ? -10.385 -2.363  -2.972  1.00 20.46 ?  673 ARG A NE  1 
ATOM   461  C CZ  . ARG A 1 96  ? -10.232 -1.051  -3.076  1.00 18.10 ?  673 ARG A CZ  1 
ATOM   462  N NH1 . ARG A 1 96  ? -9.074  -0.476  -2.724  1.00 9.57  1  673 ARG A NH1 1 
ATOM   463  N NH2 . ARG A 1 96  ? -11.241 -0.322  -3.545  1.00 15.77 ?  673 ARG A NH2 1 
ATOM   464  N N   . THR A 1 97  ? -10.589 -2.288  2.911   1.00 9.29  ?  674 THR A N   1 
ATOM   465  C CA  . THR A 1 97  ? -10.389 -1.482  4.109   1.00 13.57 ?  674 THR A CA  1 
ATOM   466  C C   . THR A 1 97  ? -10.531 -2.313  5.398   1.00 14.41 ?  674 THR A C   1 
ATOM   467  O O   . THR A 1 97  ? -9.767  -2.141  6.352   1.00 13.32 ?  674 THR A O   1 
ATOM   468  C CB  . THR A 1 97  ? -11.400 -0.300  4.132   1.00 14.09 ?  674 THR A CB  1 
ATOM   469  O OG1 . THR A 1 97  ? -11.200 0.514   2.976   1.00 11.73 ?  674 THR A OG1 1 
ATOM   470  C CG2 . THR A 1 97  ? -11.230 0.550   5.360   1.00 7.74  ?  674 THR A CG2 1 
ATOM   471  N N   . GLU A 1 98  ? -11.503 -3.219  5.411   1.00 16.71 ?  675 GLU A N   1 
ATOM   472  C CA  . GLU A 1 98  ? -11.781 -4.047  6.585   1.00 20.45 ?  675 GLU A CA  1 
ATOM   473  C C   . GLU A 1 98  ? -10.594 -4.967  6.869   1.00 14.69 ?  675 GLU A C   1 
ATOM   474  O O   . GLU A 1 98  ? -10.158 -5.114  8.016   1.00 16.16 ?  675 GLU A O   1 
ATOM   475  C CB  . GLU A 1 98  ? -13.094 -4.839  6.373   1.00 13.50 ?  675 GLU A CB  1 
ATOM   476  C CG  . GLU A 1 98  ? -13.303 -6.091  7.242   1.00 17.34 ?  675 GLU A CG  1 
ATOM   477  C CD  . GLU A 1 98  ? -13.427 -5.797  8.735   1.00 36.53 ?  675 GLU A CD  1 
ATOM   478  O OE1 . GLU A 1 98  ? -13.861 -4.668  9.072   1.00 41.85 ?  675 GLU A OE1 1 
ATOM   479  O OE2 . GLU A 1 98  ? -13.083 -6.693  9.566   1.00 29.70 -1 675 GLU A OE2 1 
ATOM   480  N N   . THR A 1 99  ? -10.043 -5.552  5.816   1.00 13.39 ?  676 THR A N   1 
ATOM   481  C CA  . THR A 1 99  ? -8.946  -6.497  5.948   1.00 10.64 ?  676 THR A CA  1 
ATOM   482  C C   . THR A 1 99  ? -7.701  -5.861  6.565   1.00 13.03 ?  676 THR A C   1 
ATOM   483  O O   . THR A 1 99  ? -7.042  -6.474  7.413   1.00 11.27 ?  676 THR A O   1 
ATOM   484  C CB  . THR A 1 99  ? -8.592  -7.111  4.577   1.00 14.66 ?  676 THR A CB  1 
ATOM   485  O OG1 . THR A 1 99  ? -9.759  -7.728  4.032   1.00 15.43 ?  676 THR A OG1 1 
ATOM   486  C CG2 . THR A 1 99  ? -7.495  -8.169  4.688   1.00 12.90 ?  676 THR A CG2 1 
ATOM   487  N N   . LEU A 1 100 ? -7.394  -4.634  6.152   1.00 10.26 ?  677 LEU A N   1 
ATOM   488  C CA  . LEU A 1 100 ? -6.226  -3.902  6.635   1.00 9.59  ?  677 LEU A CA  1 
ATOM   489  C C   . LEU A 1 100 ? -6.251  -3.642  8.142   1.00 8.72  ?  677 LEU A C   1 
ATOM   490  O O   . LEU A 1 100 ? -5.206  -3.451  8.762   1.00 11.07 ?  677 LEU A O   1 
ATOM   491  C CB  . LEU A 1 100 ? -6.111  -2.568  5.882   1.00 10.54 ?  677 LEU A CB  1 
ATOM   492  C CG  . LEU A 1 100 ? -5.471  -2.618  4.495   1.00 15.24 ?  677 LEU A CG  1 
ATOM   493  C CD1 . LEU A 1 100 ? -5.674  -1.289  3.771   1.00 13.58 ?  677 LEU A CD1 1 
ATOM   494  C CD2 . LEU A 1 100 ? -3.996  -2.926  4.594   1.00 8.97  ?  677 LEU A CD2 1 
ATOM   495  N N   . LYS A 1 101 ? -7.446  -3.606  8.723   1.00 10.91 ?  678 LYS A N   1 
ATOM   496  C CA  . LYS A 1 101 ? -7.622  -3.473  10.173  1.00 11.21 ?  678 LYS A CA  1 
ATOM   497  C C   . LYS A 1 101 ? -7.016  -4.628  10.955  1.00 12.17 ?  678 LYS A C   1 
ATOM   498  O O   . LYS A 1 101 ? -6.717  -4.504  12.143  1.00 15.07 ?  678 LYS A O   1 
ATOM   499  C CB  . LYS A 1 101 ? -9.110  -3.367  10.518  1.00 11.12 ?  678 LYS A CB  1 
ATOM   500  C CG  . LYS A 1 101 ? -9.702  -2.012  10.153  1.00 23.38 ?  678 LYS A CG  1 
ATOM   501  C CD  . LYS A 1 101 ? -11.205 -2.070  10.068  1.00 28.48 ?  678 LYS A CD  1 
ATOM   502  C CE  . LYS A 1 101 ? -11.764 -0.763  9.544   1.00 31.52 ?  678 LYS A CE  1 
ATOM   503  N NZ  . LYS A 1 101 ? -13.184 -0.962  9.166   1.00 36.20 1  678 LYS A NZ  1 
ATOM   504  N N   . HIS A 1 102 ? -6.828  -5.749  10.280  1.00 9.27  ?  679 HIS A N   1 
ATOM   505  C CA  . HIS A 1 102 ? -6.304  -6.935  10.917  1.00 10.15 ?  679 HIS A CA  1 
ATOM   506  C C   . HIS A 1 102 ? -4.786  -6.976  10.871  1.00 13.72 ?  679 HIS A C   1 
ATOM   507  O O   . HIS A 1 102 ? -4.157  -7.836  11.505  1.00 9.19  ?  679 HIS A O   1 
ATOM   508  C CB  . HIS A 1 102 ? -6.920  -8.170  10.247  1.00 7.27  ?  679 HIS A CB  1 
ATOM   509  C CG  . HIS A 1 102 ? -8.393  -8.282  10.476  1.00 15.90 ?  679 HIS A CG  1 
ATOM   510  N ND1 . HIS A 1 102 ? -8.926  -8.820  11.630  1.00 13.57 ?  679 HIS A ND1 1 
ATOM   511  C CD2 . HIS A 1 102 ? -9.448  -7.871  9.732   1.00 13.69 ?  679 HIS A CD2 1 
ATOM   512  C CE1 . HIS A 1 102 ? -10.243 -8.775  11.566  1.00 19.13 ?  679 HIS A CE1 1 
ATOM   513  N NE2 . HIS A 1 102 ? -10.587 -8.199  10.425  1.00 24.26 ?  679 HIS A NE2 1 
ATOM   514  N N   . ILE A 1 103 ? -4.191  -6.036  10.133  1.00 13.67 ?  680 ILE A N   1 
ATOM   515  C CA  . ILE A 1 103 ? -2.742  -6.054  9.931   1.00 10.11 ?  680 ILE A CA  1 
ATOM   516  C C   . ILE A 1 103 ? -2.056  -5.285  11.046  1.00 14.02 ?  680 ILE A C   1 
ATOM   517  O O   . ILE A 1 103 ? -2.368  -4.123  11.304  1.00 13.50 ?  680 ILE A O   1 
ATOM   518  C CB  . ILE A 1 103 ? -2.342  -5.482  8.544   1.00 11.64 ?  680 ILE A CB  1 
ATOM   519  C CG1 . ILE A 1 103 ? -3.053  -6.256  7.434   1.00 9.28  ?  680 ILE A CG1 1 
ATOM   520  C CG2 . ILE A 1 103 ? -0.807  -5.537  8.340   1.00 11.30 ?  680 ILE A CG2 1 
ATOM   521  C CD1 . ILE A 1 103 ? -2.881  -7.786  7.553   1.00 9.26  ?  680 ILE A CD1 1 
ATOM   522  N N   . ARG A 1 104 ? -1.148  -5.984  11.721  1.00 14.00 ?  681 ARG A N   1 
ATOM   523  C CA  . ARG A 1 104 ? -0.389  -5.493  12.859  1.00 14.69 ?  681 ARG A CA  1 
ATOM   524  C C   . ARG A 1 104 ? 0.215   -4.108  12.678  1.00 12.85 ?  681 ARG A C   1 
ATOM   525  O O   . ARG A 1 104 ? 0.185   -3.290  13.581  1.00 16.06 ?  681 ARG A O   1 
ATOM   526  C CB  . ARG A 1 104 ? 0.754   -6.486  13.168  1.00 17.22 ?  681 ARG A CB  1 
ATOM   527  C CG  . ARG A 1 104 ? 1.452   -6.232  14.499  1.00 20.74 ?  681 ARG A CG  1 
ATOM   528  C CD  . ARG A 1 104 ? 2.599   -7.214  14.764  1.00 12.42 ?  681 ARG A CD  1 
ATOM   529  N NE  . ARG A 1 104 ? 2.146   -8.599  14.736  1.00 16.54 ?  681 ARG A NE  1 
ATOM   530  C CZ  . ARG A 1 104 ? 1.598   -9.233  15.772  1.00 18.09 ?  681 ARG A CZ  1 
ATOM   531  N NH1 . ARG A 1 104 ? 1.422   -8.602  16.925  1.00 20.49 1  681 ARG A NH1 1 
ATOM   532  N NH2 . ARG A 1 104 ? 1.220   -10.505 15.652  1.00 18.76 ?  681 ARG A NH2 1 
ATOM   533  N N   . TRP A 1 105 ? 0.817   -3.870  11.522  1.00 10.53 ?  682 TRP A N   1 
ATOM   534  C CA  . TRP A 1 105 ? 1.615   -2.664  11.315  1.00 12.01 ?  682 TRP A CA  1 
ATOM   535  C C   . TRP A 1 105 ? 0.799   -1.415  11.091  1.00 17.51 ?  682 TRP A C   1 
ATOM   536  O O   . TRP A 1 105 ? 1.321   -0.310  11.210  1.00 16.90 ?  682 TRP A O   1 
ATOM   537  C CB  . TRP A 1 105 ? 2.526   -2.861  10.117  1.00 9.28  ?  682 TRP A CB  1 
ATOM   538  C CG  . TRP A 1 105 ? 2.989   -4.250  10.029  1.00 8.07  ?  682 TRP A CG  1 
ATOM   539  C CD1 . TRP A 1 105 ? 2.687   -5.159  9.062   1.00 8.43  ?  682 TRP A CD1 1 
ATOM   540  C CD2 . TRP A 1 105 ? 3.824   -4.916  10.973  1.00 9.17  ?  682 TRP A CD2 1 
ATOM   541  N NE1 . TRP A 1 105 ? 3.289   -6.360  9.347   1.00 13.62 ?  682 TRP A NE1 1 
ATOM   542  C CE2 . TRP A 1 105 ? 4.000   -6.233  10.514  1.00 12.79 ?  682 TRP A CE2 1 
ATOM   543  C CE3 . TRP A 1 105 ? 4.445   -4.525  12.163  1.00 9.68  ?  682 TRP A CE3 1 
ATOM   544  C CZ2 . TRP A 1 105 ? 4.788   -7.163  11.200  1.00 12.25 ?  682 TRP A CZ2 1 
ATOM   545  C CZ3 . TRP A 1 105 ? 5.212   -5.452  12.848  1.00 7.62  ?  682 TRP A CZ3 1 
ATOM   546  C CH2 . TRP A 1 105 ? 5.386   -6.750  12.358  1.00 11.94 ?  682 TRP A CH2 1 
ATOM   547  N N   . VAL A 1 106 ? -0.468  -1.596  10.717  1.00 15.75 ?  683 VAL A N   1 
ATOM   548  C CA  . VAL A 1 106 ? -1.308  -0.485  10.317  1.00 13.45 ?  683 VAL A CA  1 
ATOM   549  C C   . VAL A 1 106 ? -1.843  0.236   11.546  1.00 15.98 ?  683 VAL A C   1 
ATOM   550  O O   . VAL A 1 106 ? -2.509  -0.370  12.366  1.00 20.10 ?  683 VAL A O   1 
ATOM   551  C CB  . VAL A 1 106 ? -2.476  -0.961  9.453   1.00 12.96 ?  683 VAL A CB  1 
ATOM   552  C CG1 . VAL A 1 106 ? -3.340  0.217   9.039   1.00 16.02 ?  683 VAL A CG1 1 
ATOM   553  C CG2 . VAL A 1 106 ? -1.956  -1.698  8.241   1.00 8.84  ?  683 VAL A CG2 1 
ATOM   554  N N   . ASP A 1 107 ? -1.529  1.521   11.678  1.00 12.61 ?  684 ASP A N   1 
ATOM   555  C CA  . ASP A 1 107 ? -1.978  2.312   12.818  1.00 13.22 ?  684 ASP A CA  1 
ATOM   556  C C   . ASP A 1 107 ? -3.230  3.132   12.491  1.00 12.77 ?  684 ASP A C   1 
ATOM   557  O O   . ASP A 1 107 ? -4.128  3.277   13.322  1.00 19.25 ?  684 ASP A O   1 
ATOM   558  C CB  . ASP A 1 107 ? -0.856  3.250   13.290  1.00 17.06 ?  684 ASP A CB  1 
ATOM   559  C CG  . ASP A 1 107 ? 0.351   2.496   13.818  1.00 19.73 ?  684 ASP A CG  1 
ATOM   560  O OD1 . ASP A 1 107 ? 0.170   1.588   14.660  1.00 32.33 ?  684 ASP A OD1 1 
ATOM   561  O OD2 . ASP A 1 107 ? 1.483   2.795   13.384  1.00 17.16 -1 684 ASP A OD2 1 
ATOM   562  N N   . GLU A 1 108 ? -3.272  3.710   11.295  1.00 10.96 ?  685 GLU A N   1 
ATOM   563  C CA  . GLU A 1 108 ? -4.438  4.483   10.883  1.00 14.72 ?  685 GLU A CA  1 
ATOM   564  C C   . GLU A 1 108 ? -4.812  4.164   9.446   1.00 14.23 ?  685 GLU A C   1 
ATOM   565  O O   . GLU A 1 108 ? -3.956  3.836   8.626   1.00 9.07  ?  685 GLU A O   1 
ATOM   566  C CB  . GLU A 1 108 ? -4.183  5.990   11.016  1.00 12.52 ?  685 GLU A CB  1 
ATOM   567  C CG  . GLU A 1 108 ? -3.841  6.468   12.404  1.00 23.47 ?  685 GLU A CG  1 
ATOM   568  C CD  . GLU A 1 108 ? -3.712  7.986   12.461  1.00 38.39 ?  685 GLU A CD  1 
ATOM   569  O OE1 . GLU A 1 108 ? -2.940  8.497   13.304  1.00 40.45 ?  685 GLU A OE1 1 
ATOM   570  O OE2 . GLU A 1 108 ? -4.398  8.665   11.656  1.00 35.87 -1 685 GLU A OE2 1 
ATOM   571  N N   . ILE A 1 109 ? -6.098  4.269   9.133   1.00 13.57 ?  686 ILE A N   1 
ATOM   572  C CA  . ILE A 1 109 ? -6.535  4.025   7.765   1.00 11.31 ?  686 ILE A CA  1 
ATOM   573  C C   . ILE A 1 109 ? -7.325  5.203   7.236   1.00 14.06 ?  686 ILE A C   1 
ATOM   574  O O   . ILE A 1 109 ? -8.203  5.727   7.918   1.00 15.29 ?  686 ILE A O   1 
ATOM   575  C CB  . ILE A 1 109 ? -7.374  2.757   7.660   1.00 15.59 ?  686 ILE A CB  1 
ATOM   576  C CG1 . ILE A 1 109 ? -6.563  1.552   8.148   1.00 11.25 ?  686 ILE A CG1 1 
ATOM   577  C CG2 . ILE A 1 109 ? -7.831  2.539   6.214   1.00 11.85 ?  686 ILE A CG2 1 
ATOM   578  C CD1 . ILE A 1 109 ? -7.336  0.233   8.119   1.00 10.38 ?  686 ILE A CD1 1 
ATOM   579  N N   . ILE A 1 110 ? -6.952  5.657   6.045   1.00 11.03 ?  687 ILE A N   1 
ATOM   580  C CA  A ILE A 1 110 ? -7.701  6.695   5.349   0.50 12.77 ?  687 ILE A CA  1 
ATOM   581  C CA  B ILE A 1 110 ? -7.689  6.698   5.343   0.50 12.93 ?  687 ILE A CA  1 
ATOM   582  C C   . ILE A 1 110 ? -8.406  6.033   4.185   1.00 11.54 ?  687 ILE A C   1 
ATOM   583  O O   . ILE A 1 110 ? -7.762  5.482   3.301   1.00 12.12 ?  687 ILE A O   1 
ATOM   584  C CB  A ILE A 1 110 ? -6.795  7.831   4.830   0.50 13.65 ?  687 ILE A CB  1 
ATOM   585  C CB  B ILE A 1 110 ? -6.754  7.815   4.827   0.50 13.76 ?  687 ILE A CB  1 
ATOM   586  C CG1 A ILE A 1 110 ? -6.199  8.634   5.986   0.50 14.48 ?  687 ILE A CG1 1 
ATOM   587  C CG1 B ILE A 1 110 ? -5.872  8.334   5.961   0.50 14.92 ?  687 ILE A CG1 1 
ATOM   588  C CG2 A ILE A 1 110 ? -7.568  8.761   3.924   0.50 12.21 ?  687 ILE A CG2 1 
ATOM   589  C CG2 B ILE A 1 110 ? -7.543  8.957   4.226   0.50 12.11 ?  687 ILE A CG2 1 
ATOM   590  C CD1 A ILE A 1 110 ? -5.110  9.585   5.521   0.50 11.94 ?  687 ILE A CD1 1 
ATOM   591  C CD1 B ILE A 1 110 ? -6.635  8.771   7.168   0.50 9.94  ?  687 ILE A CD1 1 
ATOM   592  N N   . SER A 1 111 ? -9.729  6.074   4.188   1.00 10.85 ?  688 SER A N   1 
ATOM   593  C CA  . SER A 1 111 ? -10.478 5.315   3.195   1.00 10.29 ?  688 SER A CA  1 
ATOM   594  C C   . SER A 1 111 ? -11.824 5.964   2.825   1.00 12.76 ?  688 SER A C   1 
ATOM   595  O O   . SER A 1 111 ? -12.724 6.037   3.651   1.00 10.97 ?  688 SER A O   1 
ATOM   596  C CB  . SER A 1 111 ? -10.698 3.894   3.739   1.00 8.56  ?  688 SER A CB  1 
ATOM   597  O OG  . SER A 1 111 ? -11.485 3.121   2.867   1.00 13.67 ?  688 SER A OG  1 
ATOM   598  N N   . PRO A 1 112 ? -11.978 6.402   1.564   1.00 15.32 ?  689 PRO A N   1 
ATOM   599  C CA  . PRO A 1 112 ? -10.993 6.302   0.480   1.00 11.32 ?  689 PRO A CA  1 
ATOM   600  C C   . PRO A 1 112 ? -9.943  7.377   0.604   1.00 13.14 ?  689 PRO A C   1 
ATOM   601  O O   . PRO A 1 112 ? -10.227 8.459   1.131   1.00 16.48 ?  689 PRO A O   1 
ATOM   602  C CB  . PRO A 1 112 ? -11.829 6.508   -0.780  1.00 11.66 ?  689 PRO A CB  1 
ATOM   603  C CG  . PRO A 1 112 ? -12.955 7.391   -0.333  1.00 14.21 ?  689 PRO A CG  1 
ATOM   604  C CD  . PRO A 1 112 ? -13.235 7.029   1.116   1.00 16.29 ?  689 PRO A CD  1 
ATOM   605  N N   . CYS A 1 113 ? -8.738  7.093   0.136   1.00 13.01 ?  690 CYS A N   1 
ATOM   606  C CA  . CYS A 1 113 ? -7.693  8.095   0.199   1.00 15.32 ?  690 CYS A CA  1 
ATOM   607  C C   . CYS A 1 113 ? -7.717  8.939   -1.075  1.00 14.52 ?  690 CYS A C   1 
ATOM   608  O O   . CYS A 1 113 ? -8.289  8.530   -2.102  1.00 10.68 ?  690 CYS A O   1 
ATOM   609  C CB  . CYS A 1 113 ? -6.330  7.443   0.406   1.00 7.49  ?  690 CYS A CB  1 
ATOM   610  S SG  . CYS A 1 113 ? -5.755  6.453   -0.970  1.00 13.75 ?  690 CYS A SG  1 
ATOM   611  N N   . PRO A 1 114 ? -7.127  10.139  -1.005  1.00 13.28 ?  691 PRO A N   1 
ATOM   612  C CA  . PRO A 1 114 ? -7.024  10.936  -2.228  1.00 14.35 ?  691 PRO A CA  1 
ATOM   613  C C   . PRO A 1 114 ? -6.252  10.150  -3.270  1.00 14.14 ?  691 PRO A C   1 
ATOM   614  O O   . PRO A 1 114 ? -5.309  9.440   -2.929  1.00 13.35 ?  691 PRO A O   1 
ATOM   615  C CB  . PRO A 1 114 ? -6.262  12.191  -1.777  1.00 16.55 ?  691 PRO A CB  1 
ATOM   616  C CG  . PRO A 1 114 ? -6.551  12.294  -0.316  1.00 17.36 ?  691 PRO A CG  1 
ATOM   617  C CD  . PRO A 1 114 ? -6.636  10.863  0.180   1.00 11.26 ?  691 PRO A CD  1 
ATOM   618  N N   . TRP A 1 115 ? -6.664  10.251  -4.526  1.00 12.95 ?  692 TRP A N   1 
ATOM   619  C CA  . TRP A 1 115 ? -6.044  9.468   -5.578  1.00 20.60 ?  692 TRP A CA  1 
ATOM   620  C C   . TRP A 1 115 ? -4.568  9.777   -5.718  1.00 21.86 ?  692 TRP A C   1 
ATOM   621  O O   . TRP A 1 115 ? -3.778  8.922   -6.106  1.00 20.95 ?  692 TRP A O   1 
ATOM   622  C CB  . TRP A 1 115 ? -6.745  9.714   -6.915  1.00 22.19 ?  692 TRP A CB  1 
ATOM   623  C CG  . TRP A 1 115 ? -6.108  8.966   -8.015  1.00 26.53 ?  692 TRP A CG  1 
ATOM   624  C CD1 . TRP A 1 115 ? -5.566  9.482   -9.145  1.00 24.21 ?  692 TRP A CD1 1 
ATOM   625  C CD2 . TRP A 1 115 ? -5.909  7.544   -8.083  1.00 41.48 ?  692 TRP A CD2 1 
ATOM   626  N NE1 . TRP A 1 115 ? -5.059  8.477   -9.926  1.00 34.96 ?  692 TRP A NE1 1 
ATOM   627  C CE2 . TRP A 1 115 ? -5.255  7.277   -9.299  1.00 32.10 ?  692 TRP A CE2 1 
ATOM   628  C CE3 . TRP A 1 115 ? -6.222  6.472   -7.233  1.00 38.03 ?  692 TRP A CE3 1 
ATOM   629  C CZ2 . TRP A 1 115 ? -4.898  5.981   -9.688  1.00 47.19 ?  692 TRP A CZ2 1 
ATOM   630  C CZ3 . TRP A 1 115 ? -5.873  5.183   -7.625  1.00 39.76 ?  692 TRP A CZ3 1 
ATOM   631  C CH2 . TRP A 1 115 ? -5.220  4.950   -8.844  1.00 41.02 ?  692 TRP A CH2 1 
ATOM   632  N N   . VAL A 1 116 ? -4.220  11.016  -5.387  1.00 21.66 ?  693 VAL A N   1 
ATOM   633  C CA  . VAL A 1 116 ? -2.880  11.562  -5.542  1.00 18.62 ?  693 VAL A CA  1 
ATOM   634  C C   . VAL A 1 116 ? -2.501  12.223  -4.225  1.00 18.67 ?  693 VAL A C   1 
ATOM   635  O O   . VAL A 1 116 ? -3.307  12.980  -3.666  1.00 14.38 ?  693 VAL A O   1 
ATOM   636  C CB  . VAL A 1 116 ? -2.837  12.625  -6.705  1.00 27.85 ?  693 VAL A CB  1 
ATOM   637  C CG1 . VAL A 1 116 ? -1.484  13.294  -6.812  1.00 20.01 ?  693 VAL A CG1 1 
ATOM   638  C CG2 . VAL A 1 116 ? -3.253  12.014  -8.046  1.00 29.58 ?  693 VAL A CG2 1 
ATOM   639  N N   . VAL A 1 117 ? -1.298  11.945  -3.717  1.00 12.32 ?  694 VAL A N   1 
ATOM   640  C CA  . VAL A 1 117 ? -0.774  12.715  -2.596  1.00 16.01 ?  694 VAL A CA  1 
ATOM   641  C C   . VAL A 1 117 ? -0.423  14.126  -3.068  1.00 17.60 ?  694 VAL A C   1 
ATOM   642  O O   . VAL A 1 117 ? 0.062   14.302  -4.178  1.00 18.80 ?  694 VAL A O   1 
ATOM   643  C CB  . VAL A 1 117 ? 0.466   12.050  -1.968  1.00 19.81 ?  694 VAL A CB  1 
ATOM   644  C CG1 . VAL A 1 117 ? 1.050   12.934  -0.914  1.00 20.59 ?  694 VAL A CG1 1 
ATOM   645  C CG2 . VAL A 1 117 ? 0.092   10.701  -1.357  1.00 23.64 ?  694 VAL A CG2 1 
ATOM   646  N N   . THR A 1 118 ? -0.712  15.127  -2.233  1.00 16.20 ?  695 THR A N   1 
ATOM   647  C CA  . THR A 1 118 ? -0.343  16.510  -2.512  1.00 19.50 ?  695 THR A CA  1 
ATOM   648  C C   . THR A 1 118 ? 0.450   17.075  -1.336  1.00 17.73 ?  695 THR A C   1 
ATOM   649  O O   . THR A 1 118 ? 0.467   16.479  -0.259  1.00 22.70 ?  695 THR A O   1 
ATOM   650  C CB  . THR A 1 118 ? -1.582  17.390  -2.773  1.00 16.05 ?  695 THR A CB  1 
ATOM   651  O OG1 . THR A 1 118 ? -2.419  17.414  -1.607  1.00 22.39 ?  695 THR A OG1 1 
ATOM   652  C CG2 . THR A 1 118 ? -2.366  16.859  -3.946  1.00 17.32 ?  695 THR A CG2 1 
ATOM   653  N N   . PRO A 1 119 ? 1.124   18.219  -1.543  1.00 18.27 ?  696 PRO A N   1 
ATOM   654  C CA  . PRO A 1 119 ? 1.799   18.890  -0.433  1.00 18.02 ?  696 PRO A CA  1 
ATOM   655  C C   . PRO A 1 119 ? 0.852   19.243  0.702   1.00 23.65 ?  696 PRO A C   1 
ATOM   656  O O   . PRO A 1 119 ? 1.261   19.214  1.865   1.00 18.58 ?  696 PRO A O   1 
ATOM   657  C CB  . PRO A 1 119 ? 2.359   20.152  -1.086  1.00 21.11 ?  696 PRO A CB  1 
ATOM   658  C CG  . PRO A 1 119 ? 2.642   19.731  -2.485  1.00 22.21 ?  696 PRO A CG  1 
ATOM   659  C CD  . PRO A 1 119 ? 1.546   18.767  -2.849  1.00 18.12 ?  696 PRO A CD  1 
ATOM   660  N N   . GLU A 1 120 ? -0.392  19.568  0.349   1.00 19.96 ?  697 GLU A N   1 
ATOM   661  C CA  . GLU A 1 120 ? -1.412  19.993  1.297   1.00 14.33 ?  697 GLU A CA  1 
ATOM   662  C C   . GLU A 1 120 ? -1.877  18.842  2.183   1.00 21.81 ?  697 GLU A C   1 
ATOM   663  O O   . GLU A 1 120 ? -2.159  19.007  3.375   1.00 22.76 ?  697 GLU A O   1 
ATOM   664  C CB  . GLU A 1 120 ? -2.611  20.569  0.541   1.00 20.38 ?  697 GLU A CB  1 
ATOM   665  C CG  . GLU A 1 120 ? -2.342  21.908  -0.148  1.00 31.21 ?  697 GLU A CG  1 
ATOM   666  C CD  . GLU A 1 120 ? -1.580  21.779  -1.452  1.00 33.52 ?  697 GLU A CD  1 
ATOM   667  O OE1 . GLU A 1 120 ? -0.971  22.789  -1.863  1.00 41.64 ?  697 GLU A OE1 1 
ATOM   668  O OE2 . GLU A 1 120 ? -1.602  20.688  -2.078  1.00 30.48 -1 697 GLU A OE2 1 
ATOM   669  N N   . PHE A 1 121 ? -1.983  17.671  1.573   1.00 16.48 ?  698 PHE A N   1 
ATOM   670  C CA  . PHE A 1 121 ? -2.353  16.454  2.284   1.00 18.12 ?  698 PHE A CA  1 
ATOM   671  C C   . PHE A 1 121 ? -1.292  16.082  3.302   1.00 14.03 ?  698 PHE A C   1 
ATOM   672  O O   . PHE A 1 121 ? -1.619  15.758  4.431   1.00 18.37 ?  698 PHE A O   1 
ATOM   673  C CB  . PHE A 1 121 ? -2.555  15.322  1.280   1.00 15.93 ?  698 PHE A CB  1 
ATOM   674  C CG  . PHE A 1 121 ? -3.017  14.042  1.882   1.00 20.28 ?  698 PHE A CG  1 
ATOM   675  C CD1 . PHE A 1 121 ? -4.363  13.847  2.199   1.00 11.24 ?  698 PHE A CD1 1 
ATOM   676  C CD2 . PHE A 1 121 ? -2.113  13.001  2.089   1.00 14.99 ?  698 PHE A CD2 1 
ATOM   677  C CE1 . PHE A 1 121 ? -4.797  12.633  2.717   1.00 11.64 ?  698 PHE A CE1 1 
ATOM   678  C CE2 . PHE A 1 121 ? -2.535  11.790  2.613   1.00 12.25 ?  698 PHE A CE2 1 
ATOM   679  C CZ  . PHE A 1 121 ? -3.872  11.605  2.940   1.00 14.37 ?  698 PHE A CZ  1 
ATOM   680  N N   . LEU A 1 122 ? -0.020  16.122  2.886   1.00 16.88 ?  699 LEU A N   1 
ATOM   681  C CA  . LEU A 1 122 ? 1.094   15.826  3.784   1.00 20.26 ?  699 LEU A CA  1 
ATOM   682  C C   . LEU A 1 122 ? 1.059   16.742  4.992   1.00 20.98 ?  699 LEU A C   1 
ATOM   683  O O   . LEU A 1 122 ? 1.219   16.294  6.128   1.00 20.80 ?  699 LEU A O   1 
ATOM   684  C CB  . LEU A 1 122 ? 2.435   15.964  3.068   1.00 15.26 ?  699 LEU A CB  1 
ATOM   685  C CG  . LEU A 1 122 ? 2.652   15.022  1.883   1.00 22.84 ?  699 LEU A CG  1 
ATOM   686  C CD1 . LEU A 1 122 ? 4.084   15.131  1.397   1.00 27.80 ?  699 LEU A CD1 1 
ATOM   687  C CD2 . LEU A 1 122 ? 2.321   13.576  2.263   1.00 18.80 ?  699 LEU A CD2 1 
ATOM   688  N N   . GLU A 1 123 ? 0.809   18.023  4.733   1.00 22.14 ?  700 GLU A N   1 
ATOM   689  C CA  . GLU A 1 123 ? 0.638   19.013  5.790   1.00 21.25 ?  700 GLU A CA  1 
ATOM   690  C C   . GLU A 1 123 ? -0.570  18.705  6.672   1.00 22.47 ?  700 GLU A C   1 
ATOM   691  O O   . GLU A 1 123 ? -0.460  18.617  7.899   1.00 21.97 ?  700 GLU A O   1 
ATOM   692  C CB  . GLU A 1 123 ? 0.494   20.411  5.168   1.00 24.93 ?  700 GLU A CB  1 
ATOM   693  C CG  . GLU A 1 123 ? 0.571   21.538  6.171   1.00 30.82 ?  700 GLU A CG  1 
ATOM   694  C CD  . GLU A 1 123 ? 1.859   21.498  6.965   1.00 45.22 ?  700 GLU A CD  1 
ATOM   695  O OE1 . GLU A 1 123 ? 1.792   21.655  8.206   1.00 52.20 ?  700 GLU A OE1 1 
ATOM   696  O OE2 . GLU A 1 123 ? 2.937   21.301  6.345   1.00 45.04 -1 700 GLU A OE2 1 
ATOM   697  N N   . LYS A 1 124 ? -1.731  18.551  6.048   1.00 18.84 ?  701 LYS A N   1 
ATOM   698  C CA  . LYS A 1 124 ? -2.952  18.270  6.807   1.00 18.56 ?  701 LYS A CA  1 
ATOM   699  C C   . LYS A 1 124 ? -2.765  17.064  7.733   1.00 19.09 ?  701 LYS A C   1 
ATOM   700  O O   . LYS A 1 124 ? -3.088  17.125  8.918   1.00 20.10 ?  701 LYS A O   1 
ATOM   701  C CB  . LYS A 1 124 ? -4.131  18.034  5.855   1.00 18.77 ?  701 LYS A CB  1 
ATOM   702  C CG  . LYS A 1 124 ? -5.424  17.638  6.554   1.00 20.44 ?  701 LYS A CG  1 
ATOM   703  C CD  . LYS A 1 124 ? -5.828  18.641  7.643   1.00 24.59 ?  701 LYS A CD  1 
ATOM   704  C CE  . LYS A 1 124 ? -6.203  19.983  7.057   1.00 25.93 ?  701 LYS A CE  1 
ATOM   705  N NZ  . LYS A 1 124 ? -6.910  20.834  8.068   1.00 34.36 1  701 LYS A NZ  1 
ATOM   706  N N   . TYR A 1 125 ? -2.203  15.979  7.202   1.00 20.64 ?  702 TYR A N   1 
ATOM   707  C CA  . TYR A 1 125 ? -2.086  14.751  7.985   1.00 19.21 ?  702 TYR A CA  1 
ATOM   708  C C   . TYR A 1 125 ? -0.723  14.577  8.670   1.00 18.48 ?  702 TYR A C   1 
ATOM   709  O O   . TYR A 1 125 ? -0.431  13.500  9.187   1.00 19.49 ?  702 TYR A O   1 
ATOM   710  C CB  . TYR A 1 125 ? -2.382  13.537  7.103   1.00 13.29 ?  702 TYR A CB  1 
ATOM   711  C CG  . TYR A 1 125 ? -3.852  13.383  6.763   1.00 18.80 ?  702 TYR A CG  1 
ATOM   712  C CD1 . TYR A 1 125 ? -4.429  14.138  5.749   1.00 16.65 ?  702 TYR A CD1 1 
ATOM   713  C CD2 . TYR A 1 125 ? -4.663  12.490  7.466   1.00 11.46 ?  702 TYR A CD2 1 
ATOM   714  C CE1 . TYR A 1 125 ? -5.771  14.013  5.438   1.00 14.82 ?  702 TYR A CE1 1 
ATOM   715  C CE2 . TYR A 1 125 ? -5.999  12.359  7.165   1.00 19.27 ?  702 TYR A CE2 1 
ATOM   716  C CZ  . TYR A 1 125 ? -6.548  13.119  6.142   1.00 15.45 ?  702 TYR A CZ  1 
ATOM   717  O OH  . TYR A 1 125 ? -7.879  12.989  5.830   1.00 14.12 ?  702 TYR A OH  1 
ATOM   718  N N   . LYS A 1 126 ? 0.101   15.627  8.658   1.00 21.01 ?  703 LYS A N   1 
ATOM   719  C CA  . LYS A 1 126 ? 1.383   15.647  9.380   1.00 24.20 ?  703 LYS A CA  1 
ATOM   720  C C   . LYS A 1 126 ? 2.309   14.532  8.927   1.00 17.65 ?  703 LYS A C   1 
ATOM   721  O O   . LYS A 1 126 ? 3.025   13.943  9.731   1.00 19.71 ?  703 LYS A O   1 
ATOM   722  C CB  . LYS A 1 126 ? 1.168   15.525  10.894  1.00 23.44 ?  703 LYS A CB  1 
ATOM   723  C CG  . LYS A 1 126 ? 0.146   16.477  11.475  1.00 31.79 ?  703 LYS A CG  1 
ATOM   724  C CD  . LYS A 1 126 ? 0.573   17.925  11.352  1.00 37.06 ?  703 LYS A CD  1 
ATOM   725  C CE  . LYS A 1 126 ? -0.492  18.841  11.961  1.00 52.75 ?  703 LYS A CE  1 
ATOM   726  N NZ  . LYS A 1 126 ? -0.813  18.473  13.376  1.00 47.33 1  703 LYS A NZ  1 
ATOM   727  N N   . ILE A 1 127 ? 2.285   14.238  7.637   1.00 20.15 ?  704 ILE A N   1 
ATOM   728  C CA  . ILE A 1 127 ? 3.050   13.125  7.108   1.00 16.62 ?  704 ILE A CA  1 
ATOM   729  C C   . ILE A 1 127 ? 4.491   13.522  6.839   1.00 19.57 ?  704 ILE A C   1 
ATOM   730  O O   . ILE A 1 127 ? 4.760   14.458  6.085   1.00 23.57 ?  704 ILE A O   1 
ATOM   731  C CB  . ILE A 1 127 ? 2.406   12.592  5.823   1.00 10.72 ?  704 ILE A CB  1 
ATOM   732  C CG1 . ILE A 1 127 ? 0.998   12.080  6.144   1.00 16.79 ?  704 ILE A CG1 1 
ATOM   733  C CG2 . ILE A 1 127 ? 3.275   11.498  5.210   1.00 14.75 ?  704 ILE A CG2 1 
ATOM   734  C CD1 . ILE A 1 127 ? 0.108   11.872  4.922   1.00 14.13 ?  704 ILE A CD1 1 
ATOM   735  N N   . ASP A 1 128 ? 5.416   12.793  7.449   1.00 15.61 ?  705 ASP A N   1 
ATOM   736  C CA  . ASP A 1 128 ? 6.833   13.051  7.255   1.00 18.75 ?  705 ASP A CA  1 
ATOM   737  C C   . ASP A 1 128 ? 7.376   12.344  6.016   1.00 21.03 ?  705 ASP A C   1 
ATOM   738  O O   . ASP A 1 128 ? 8.195   12.891  5.267   1.00 21.93 ?  705 ASP A O   1 
ATOM   739  C CB  . ASP A 1 128 ? 7.616   12.629  8.504   1.00 12.30 ?  705 ASP A CB  1 
ATOM   740  C CG  . ASP A 1 128 ? 7.222   13.426  9.730   1.00 16.50 ?  705 ASP A CG  1 
ATOM   741  O OD1 . ASP A 1 128 ? 7.444   14.657  9.722   1.00 28.71 ?  705 ASP A OD1 1 
ATOM   742  O OD2 . ASP A 1 128 ? 6.696   12.838  10.715  1.00 16.55 -1 705 ASP A OD2 1 
ATOM   743  N N   . TYR A 1 129 ? 6.938   11.114  5.799   1.00 18.99 ?  706 TYR A N   1 
ATOM   744  C CA  . TYR A 1 129 ? 7.408   10.371  4.642   1.00 17.59 ?  706 TYR A CA  1 
ATOM   745  C C   . TYR A 1 129 ? 6.300   9.534   4.019   1.00 13.23 ?  706 TYR A C   1 
ATOM   746  O O   . TYR A 1 129 ? 5.509   8.927   4.727   1.00 13.59 ?  706 TYR A O   1 
ATOM   747  C CB  . TYR A 1 129 ? 8.570   9.459   5.026   1.00 19.40 ?  706 TYR A CB  1 
ATOM   748  C CG  . TYR A 1 129 ? 9.792   10.188  5.506   1.00 16.65 ?  706 TYR A CG  1 
ATOM   749  C CD1 . TYR A 1 129 ? 10.667  10.798  4.608   1.00 24.68 ?  706 TYR A CD1 1 
ATOM   750  C CD2 . TYR A 1 129 ? 10.076  10.265  6.857   1.00 14.40 ?  706 TYR A CD2 1 
ATOM   751  C CE1 . TYR A 1 129 ? 11.787  11.475  5.061   1.00 23.73 ?  706 TYR A CE1 1 
ATOM   752  C CE2 . TYR A 1 129 ? 11.189  10.927  7.313   1.00 21.43 ?  706 TYR A CE2 1 
ATOM   753  C CZ  . TYR A 1 129 ? 12.043  11.527  6.424   1.00 24.52 ?  706 TYR A CZ  1 
ATOM   754  O OH  . TYR A 1 129 ? 13.149  12.184  6.922   1.00 34.52 ?  706 TYR A OH  1 
ATOM   755  N N   . VAL A 1 130 ? 6.256   9.523   2.691   1.00 11.88 ?  707 VAL A N   1 
ATOM   756  C CA  . VAL A 1 130 ? 5.485   8.546   1.934   1.00 12.88 ?  707 VAL A CA  1 
ATOM   757  C C   . VAL A 1 130 ? 6.339   7.327   1.611   1.00 16.09 ?  707 VAL A C   1 
ATOM   758  O O   . VAL A 1 130 ? 7.437   7.450   1.047   1.00 16.01 ?  707 VAL A O   1 
ATOM   759  C CB  . VAL A 1 130 ? 4.947   9.146   0.620   1.00 16.87 ?  707 VAL A CB  1 
ATOM   760  C CG1 . VAL A 1 130 ? 4.328   8.085   -0.223  1.00 7.00  ?  707 VAL A CG1 1 
ATOM   761  C CG2 . VAL A 1 130 ? 3.951   10.242  0.916   1.00 12.54 ?  707 VAL A CG2 1 
ATOM   762  N N   . ALA A 1 131 ? 5.846   6.149   1.985   1.00 13.87 ?  708 ALA A N   1 
ATOM   763  C CA  . ALA A 1 131 ? 6.550   4.901   1.714   1.00 11.92 ?  708 ALA A CA  1 
ATOM   764  C C   . ALA A 1 131 ? 5.900   4.164   0.547   1.00 21.11 ?  708 ALA A C   1 
ATOM   765  O O   . ALA A 1 131 ? 4.695   3.934   0.541   1.00 19.58 ?  708 ALA A O   1 
ATOM   766  C CB  . ALA A 1 131 ? 6.578   4.024   2.945   1.00 10.12 ?  708 ALA A CB  1 
ATOM   767  N N   . HIS A 1 132 ? 6.715   3.796   -0.436  1.00 18.45 ?  709 HIS A N   1 
ATOM   768  C CA  . HIS A 1 132 ? 6.243   3.121   -1.631  1.00 25.59 ?  709 HIS A CA  1 
ATOM   769  C C   . HIS A 1 132 ? 7.418   2.357   -2.244  1.00 27.79 ?  709 HIS A C   1 
ATOM   770  O O   . HIS A 1 132 ? 8.568   2.619   -1.900  1.00 26.14 ?  709 HIS A O   1 
ATOM   771  C CB  . HIS A 1 132 ? 5.663   4.134   -2.626  1.00 30.73 ?  709 HIS A CB  1 
ATOM   772  C CG  . HIS A 1 132 ? 4.626   3.565   -3.539  1.00 37.43 ?  709 HIS A CG  1 
ATOM   773  N ND1 . HIS A 1 132 ? 4.934   3.026   -4.772  1.00 47.52 ?  709 HIS A ND1 1 
ATOM   774  C CD2 . HIS A 1 132 ? 3.283   3.459   -3.407  1.00 37.98 ?  709 HIS A CD2 1 
ATOM   775  C CE1 . HIS A 1 132 ? 3.824   2.609   -5.356  1.00 44.40 ?  709 HIS A CE1 1 
ATOM   776  N NE2 . HIS A 1 132 ? 2.808   2.857   -4.549  1.00 42.32 ?  709 HIS A NE2 1 
ATOM   777  N N   . ASP A 1 133 ? 7.137   1.412   -3.135  1.00 31.47 ?  710 ASP A N   1 
ATOM   778  C CA  . ASP A 1 133 ? 8.201   0.702   -3.843  1.00 35.38 ?  710 ASP A CA  1 
ATOM   779  C C   . ASP A 1 133 ? 8.726   1.517   -5.031  1.00 42.92 ?  710 ASP A C   1 
ATOM   780  O O   . ASP A 1 133 ? 8.019   2.382   -5.551  1.00 49.74 ?  710 ASP A O   1 
ATOM   781  C CB  . ASP A 1 133 ? 7.695   -0.659  -4.315  1.00 43.17 ?  710 ASP A CB  1 
ATOM   782  N N   . ASP A 1 134 ? 9.962   1.249   -5.455  1.00 59.82 ?  711 ASP A N   1 
ATOM   783  C CA  . ASP A 1 134 ? 10.527  1.894   -6.654  1.00 61.87 ?  711 ASP A CA  1 
ATOM   784  C C   . ASP A 1 134 ? 10.470  0.978   -7.880  1.00 57.86 ?  711 ASP A C   1 
ATOM   785  O O   . ASP A 1 134 ? 9.499   0.994   -8.645  1.00 58.15 ?  711 ASP A O   1 
ATOM   786  C CB  . ASP A 1 134 ? 11.978  2.335   -6.413  1.00 52.72 ?  711 ASP A CB  1 
ATOM   787  C CG  . ASP A 1 134 ? 12.096  3.822   -6.098  1.00 59.61 ?  711 ASP A CG  1 
ATOM   788  O OD1 . ASP A 1 134 ? 11.247  4.603   -6.582  1.00 43.94 ?  711 ASP A OD1 1 
ATOM   789  O OD2 . ASP A 1 134 ? 13.046  4.214   -5.379  1.00 58.39 -1 711 ASP A OD2 1 
ATOM   790  N N   . ASP A 1 144 ? 6.707   9.105   -13.175 1.00 63.43 ?  739 ASP A N   1 
ATOM   791  C CA  . ASP A 1 144 ? 6.872   8.800   -11.758 1.00 50.25 ?  739 ASP A CA  1 
ATOM   792  C C   . ASP A 1 144 ? 6.189   9.853   -10.896 1.00 43.10 ?  739 ASP A C   1 
ATOM   793  O O   . ASP A 1 144 ? 6.757   10.913  -10.621 1.00 47.36 ?  739 ASP A O   1 
ATOM   794  C CB  . ASP A 1 144 ? 8.363   8.696   -11.400 1.00 46.31 ?  739 ASP A CB  1 
ATOM   795  C CG  . ASP A 1 144 ? 8.602   8.352   -9.928  1.00 47.74 ?  739 ASP A CG  1 
ATOM   796  O OD1 . ASP A 1 144 ? 7.627   8.032   -9.212  1.00 49.38 ?  739 ASP A OD1 1 
ATOM   797  O OD2 . ASP A 1 144 ? 9.776   8.389   -9.492  1.00 47.84 -1 739 ASP A OD2 1 
ATOM   798  N N   . ILE A 1 145 ? 4.975   9.542   -10.454 1.00 35.40 ?  740 ILE A N   1 
ATOM   799  C CA  . ILE A 1 145 ? 4.228   10.419  -9.557  1.00 44.49 ?  740 ILE A CA  1 
ATOM   800  C C   . ILE A 1 145 ? 4.826   10.506  -8.142  1.00 42.88 ?  740 ILE A C   1 
ATOM   801  O O   . ILE A 1 145 ? 4.190   11.032  -7.227  1.00 40.99 ?  740 ILE A O   1 
ATOM   802  C CB  . ILE A 1 145 ? 2.771   9.956   -9.427  1.00 46.39 ?  740 ILE A CB  1 
ATOM   803  C CG1 . ILE A 1 145 ? 2.734   8.534   -8.854  1.00 43.30 ?  740 ILE A CG1 1 
ATOM   804  C CG2 . ILE A 1 145 ? 2.067   10.026  -10.779 1.00 40.45 ?  740 ILE A CG2 1 
ATOM   805  C CD1 . ILE A 1 145 ? 1.437   8.184   -8.138  1.00 43.24 ?  740 ILE A CD1 1 
ATOM   806  N N   . TYR A 1 146 ? 6.036   9.983   -7.954  1.00 36.29 ?  741 TYR A N   1 
ATOM   807  C CA  . TYR A 1 146 ? 6.685   10.047  -6.648  1.00 43.16 ?  741 TYR A CA  1 
ATOM   808  C C   . TYR A 1 146 ? 7.940   10.914  -6.673  1.00 31.36 ?  741 TYR A C   1 
ATOM   809  O O   . TYR A 1 146 ? 8.482   11.278  -5.626  1.00 29.39 ?  741 TYR A O   1 
ATOM   810  C CB  . TYR A 1 146 ? 7.009   8.638   -6.160  1.00 37.85 ?  741 TYR A CB  1 
ATOM   811  C CG  . TYR A 1 146 ? 5.752   7.857   -5.865  1.00 42.95 ?  741 TYR A CG  1 
ATOM   812  C CD1 . TYR A 1 146 ? 4.872   8.293   -4.887  1.00 39.51 ?  741 TYR A CD1 1 
ATOM   813  C CD2 . TYR A 1 146 ? 5.433   6.700   -6.568  1.00 37.86 ?  741 TYR A CD2 1 
ATOM   814  C CE1 . TYR A 1 146 ? 3.711   7.603   -4.604  1.00 44.53 ?  741 TYR A CE1 1 
ATOM   815  C CE2 . TYR A 1 146 ? 4.267   5.998   -6.289  1.00 43.34 ?  741 TYR A CE2 1 
ATOM   816  C CZ  . TYR A 1 146 ? 3.411   6.459   -5.302  1.00 44.68 ?  741 TYR A CZ  1 
ATOM   817  O OH  . TYR A 1 146 ? 2.243   5.791   -5.000  1.00 48.68 ?  741 TYR A OH  1 
ATOM   818  N N   . ALA A 1 147 ? 8.374   11.250  -7.883  1.00 34.44 ?  742 ALA A N   1 
ATOM   819  C CA  . ALA A 1 147 ? 9.545   12.080  -8.103  1.00 26.78 ?  742 ALA A CA  1 
ATOM   820  C C   . ALA A 1 147 ? 9.489   13.371  -7.285  1.00 28.22 ?  742 ALA A C   1 
ATOM   821  O O   . ALA A 1 147 ? 10.493  13.776  -6.690  1.00 27.32 ?  742 ALA A O   1 
ATOM   822  C CB  . ALA A 1 147 ? 9.686   12.394  -9.582  1.00 34.93 ?  742 ALA A CB  1 
ATOM   823  N N   . TRP A 1 148 ? 8.316   13.997  -7.231  1.00 21.17 ?  743 TRP A N   1 
ATOM   824  C CA  . TRP A 1 148 ? 8.159   15.248  -6.486  1.00 22.00 ?  743 TRP A CA  1 
ATOM   825  C C   . TRP A 1 148 ? 8.312   15.015  -4.983  1.00 24.21 ?  743 TRP A C   1 
ATOM   826  O O   . TRP A 1 148 ? 8.784   15.890  -4.258  1.00 19.42 ?  743 TRP A O   1 
ATOM   827  C CB  . TRP A 1 148 ? 6.797   15.906  -6.793  1.00 27.08 ?  743 TRP A CB  1 
ATOM   828  C CG  . TRP A 1 148 ? 5.610   15.366  -6.011  1.00 29.73 ?  743 TRP A CG  1 
ATOM   829  C CD1 . TRP A 1 148 ? 4.727   14.390  -6.413  1.00 28.45 ?  743 TRP A CD1 1 
ATOM   830  C CD2 . TRP A 1 148 ? 5.169   15.791  -4.708  1.00 19.59 ?  743 TRP A CD2 1 
ATOM   831  N NE1 . TRP A 1 148 ? 3.777   14.181  -5.432  1.00 24.98 ?  743 TRP A NE1 1 
ATOM   832  C CE2 . TRP A 1 148 ? 4.027   15.025  -4.381  1.00 21.47 ?  743 TRP A CE2 1 
ATOM   833  C CE3 . TRP A 1 148 ? 5.647   16.726  -3.781  1.00 17.29 ?  743 TRP A CE3 1 
ATOM   834  C CZ2 . TRP A 1 148 ? 3.355   15.170  -3.166  1.00 22.26 ?  743 TRP A CZ2 1 
ATOM   835  C CZ3 . TRP A 1 148 ? 4.987   16.872  -2.587  1.00 18.41 ?  743 TRP A CZ3 1 
ATOM   836  C CH2 . TRP A 1 148 ? 3.849   16.095  -2.283  1.00 24.65 ?  743 TRP A CH2 1 
ATOM   837  N N   . LEU A 1 149 ? 7.917   13.833  -4.510  1.00 26.78 ?  744 LEU A N   1 
ATOM   838  C CA  . LEU A 1 149 ? 8.105   13.497  -3.098  1.00 23.19 ?  744 LEU A CA  1 
ATOM   839  C C   . LEU A 1 149 ? 9.584   13.264  -2.822  1.00 17.74 ?  744 LEU A C   1 
ATOM   840  O O   . LEU A 1 149 ? 10.099  13.617  -1.757  1.00 16.76 ?  744 LEU A O   1 
ATOM   841  C CB  . LEU A 1 149 ? 7.285   12.263  -2.715  1.00 27.75 ?  744 LEU A CB  1 
ATOM   842  C CG  . LEU A 1 149 ? 5.765   12.401  -2.594  1.00 18.97 ?  744 LEU A CG  1 
ATOM   843  C CD1 . LEU A 1 149 ? 5.138   11.026  -2.736  1.00 21.78 ?  744 LEU A CD1 1 
ATOM   844  C CD2 . LEU A 1 149 ? 5.386   13.034  -1.259  1.00 16.73 ?  744 LEU A CD2 1 
ATOM   845  N N   . LYS A 1 150 ? 10.268  12.669  -3.793  1.00 21.47 ?  745 LYS A N   1 
ATOM   846  C CA  . LYS A 1 150 ? 11.713  12.471  -3.691  1.00 21.53 ?  745 LYS A CA  1 
ATOM   847  C C   . LYS A 1 150 ? 12.421  13.809  -3.656  1.00 21.84 ?  745 LYS A C   1 
ATOM   848  O O   . LYS A 1 150 ? 13.244  14.058  -2.766  1.00 25.86 ?  745 LYS A O   1 
ATOM   849  C CB  . LYS A 1 150 ? 12.222  11.617  -4.844  1.00 18.70 ?  745 LYS A CB  1 
ATOM   850  C CG  . LYS A 1 150 ? 11.753  10.180  -4.731  1.00 26.53 ?  745 LYS A CG  1 
ATOM   851  C CD  . LYS A 1 150 ? 12.095  9.363   -5.957  1.00 34.63 ?  745 LYS A CD  1 
ATOM   852  C CE  . LYS A 1 150 ? 11.408  8.000   -5.915  1.00 31.00 ?  745 LYS A CE  1 
ATOM   853  N NZ  . LYS A 1 150 ? 11.742  7.183   -7.114  1.00 39.64 1  745 LYS A NZ  1 
ATOM   854  N N   . ARG A 1 151 ? 12.074  14.677  -4.604  1.00 20.11 ?  746 ARG A N   1 
ATOM   855  C CA  A ARG A 1 151 ? 12.655  16.012  -4.639  0.50 22.39 ?  746 ARG A CA  1 
ATOM   856  C CA  B ARG A 1 151 ? 12.595  16.043  -4.655  0.50 22.17 ?  746 ARG A CA  1 
ATOM   857  C C   . ARG A 1 151 ? 12.408  16.752  -3.330  1.00 21.66 ?  746 ARG A C   1 
ATOM   858  O O   . ARG A 1 151 ? 13.285  17.466  -2.863  1.00 25.25 ?  746 ARG A O   1 
ATOM   859  C CB  A ARG A 1 151 ? 12.103  16.812  -5.819  0.50 22.82 ?  746 ARG A CB  1 
ATOM   860  C CB  B ARG A 1 151 ? 11.904  16.854  -5.756  0.50 22.79 ?  746 ARG A CB  1 
ATOM   861  C CG  A ARG A 1 151 ? 12.668  16.369  -7.157  0.50 20.55 ?  746 ARG A CG  1 
ATOM   862  C CG  B ARG A 1 151 ? 12.509  16.702  -7.132  0.50 20.50 ?  746 ARG A CG  1 
ATOM   863  C CD  A ARG A 1 151 ? 12.320  17.338  -8.272  0.50 20.93 ?  746 ARG A CD  1 
ATOM   864  C CD  B ARG A 1 151 ? 12.040  17.810  -8.065  0.50 21.01 ?  746 ARG A CD  1 
ATOM   865  N NE  A ARG A 1 151 ? 10.884  17.364  -8.554  0.50 25.44 ?  746 ARG A NE  1 
ATOM   866  N NE  B ARG A 1 151 ? 10.658  17.637  -8.516  0.50 24.69 ?  746 ARG A NE  1 
ATOM   867  C CZ  A ARG A 1 151 ? 10.275  16.558  -9.420  0.50 20.44 ?  746 ARG A CZ  1 
ATOM   868  C CZ  B ARG A 1 151 ? 9.624   18.371  -8.111  0.50 17.60 ?  746 ARG A CZ  1 
ATOM   869  N NH1 A ARG A 1 151 ? 8.968   16.655  -9.612  0.50 16.98 1  746 ARG A NH1 1 
ATOM   870  N NH1 B ARG A 1 151 ? 8.412   18.122  -8.592  0.50 22.94 1  746 ARG A NH1 1 
ATOM   871  N NH2 A ARG A 1 151 ? 10.977  15.658  -10.092 0.50 17.18 ?  746 ARG A NH2 1 
ATOM   872  N NH2 B ARG A 1 151 ? 9.795   19.351  -7.236  0.50 18.26 ?  746 ARG A NH2 1 
ATOM   873  N N   . ALA A 1 152 ? 11.233  16.560  -2.734  1.00 21.08 ?  747 ALA A N   1 
ATOM   874  C CA  . ALA A 1 152 ? 10.886  17.221  -1.482  1.00 16.28 ?  747 ALA A CA  1 
ATOM   875  C C   . ALA A 1 152 ? 11.525  16.565  -0.267  1.00 17.78 ?  747 ALA A C   1 
ATOM   876  O O   . ALA A 1 152 ? 11.399  17.075  0.843   1.00 24.50 ?  747 ALA A O   1 
ATOM   877  C CB  . ALA A 1 152 ? 9.379   17.258  -1.307  1.00 17.73 ?  747 ALA A CB  1 
ATOM   878  N N   . GLY A 1 153 ? 12.198  15.437  -0.479  1.00 23.92 ?  748 GLY A N   1 
ATOM   879  C CA  . GLY A 1 153 ? 12.802  14.688  0.609   1.00 27.31 ?  748 GLY A CA  1 
ATOM   880  C C   . GLY A 1 153 ? 11.771  14.071  1.538   1.00 27.86 ?  748 GLY A C   1 
ATOM   881  O O   . GLY A 1 153 ? 11.979  13.970  2.753   1.00 29.78 ?  748 GLY A O   1 
ATOM   882  N N   . LYS A 1 154 ? 10.648  13.655  0.959   1.00 28.87 ?  749 LYS A N   1 
ATOM   883  C CA  . LYS A 1 154 ? 9.554   13.076  1.728   1.00 27.12 ?  749 LYS A CA  1 
ATOM   884  C C   . LYS A 1 154 ? 9.192   11.682  1.214   1.00 26.87 ?  749 LYS A C   1 
ATOM   885  O O   . LYS A 1 154 ? 8.061   11.225  1.377   1.00 23.90 ?  749 LYS A O   1 
ATOM   886  C CB  . LYS A 1 154 ? 8.338   14.005  1.689   1.00 26.90 ?  749 LYS A CB  1 
ATOM   887  C CG  . LYS A 1 154 ? 8.622   15.373  2.313   1.00 28.94 ?  749 LYS A CG  1 
ATOM   888  C CD  . LYS A 1 154 ? 7.357   16.065  2.771   1.00 31.08 ?  749 LYS A CD  1 
ATOM   889  C CE  . LYS A 1 154 ? 7.665   17.169  3.775   1.00 32.11 ?  749 LYS A CE  1 
ATOM   890  N NZ  . LYS A 1 154 ? 7.996   16.641  5.129   1.00 35.39 1  749 LYS A NZ  1 
ATOM   891  N N   . PHE A 1 155 ? 10.168  11.003  0.612   1.00 24.24 ?  750 PHE A N   1 
ATOM   892  C CA  . PHE A 1 155 ? 9.953   9.658   0.075   1.00 23.21 ?  750 PHE A CA  1 
ATOM   893  C C   . PHE A 1 155 ? 10.869  8.615   0.702   1.00 19.35 ?  750 PHE A C   1 
ATOM   894  O O   . PHE A 1 155 ? 12.042  8.864   0.920   1.00 25.25 ?  750 PHE A O   1 
ATOM   895  C CB  . PHE A 1 155 ? 10.156  9.644   -1.438  1.00 18.20 ?  750 PHE A CB  1 
ATOM   896  C CG  . PHE A 1 155 ? 9.810   8.332   -2.084  1.00 18.09 ?  750 PHE A CG  1 
ATOM   897  C CD1 . PHE A 1 155 ? 8.494   8.019   -2.390  1.00 28.77 ?  750 PHE A CD1 1 
ATOM   898  C CD2 . PHE A 1 155 ? 10.795  7.416   -2.396  1.00 18.81 ?  750 PHE A CD2 1 
ATOM   899  C CE1 . PHE A 1 155 ? 8.170   6.796   -2.986  1.00 21.80 ?  750 PHE A CE1 1 
ATOM   900  C CE2 . PHE A 1 155 ? 10.475  6.206   -2.999  1.00 20.02 ?  750 PHE A CE2 1 
ATOM   901  C CZ  . PHE A 1 155 ? 9.166   5.901   -3.290  1.00 16.45 ?  750 PHE A CZ  1 
ATOM   902  N N   . LYS A 1 156 ? 10.314  7.435   0.957   1.00 24.82 ?  751 LYS A N   1 
ATOM   903  C CA  . LYS A 1 156 ? 11.047  6.309   1.526   1.00 17.33 ?  751 LYS A CA  1 
ATOM   904  C C   . LYS A 1 156 ? 10.735  5.065   0.713   1.00 18.32 ?  751 LYS A C   1 
ATOM   905  O O   . LYS A 1 156 ? 9.582   4.670   0.610   1.00 22.71 ?  751 LYS A O   1 
ATOM   906  C CB  . LYS A 1 156 ? 10.660  6.101   2.988   1.00 20.84 ?  751 LYS A CB  1 
ATOM   907  C CG  . LYS A 1 156 ? 11.305  7.066   3.959   1.00 20.35 ?  751 LYS A CG  1 
ATOM   908  C CD  . LYS A 1 156 ? 12.779  6.732   4.109   1.00 26.37 ?  751 LYS A CD  1 
ATOM   909  C CE  . LYS A 1 156 ? 13.518  7.741   4.983   1.00 27.52 ?  751 LYS A CE  1 
ATOM   910  N NZ  . LYS A 1 156 ? 14.925  7.286   5.192   1.00 34.30 1  751 LYS A NZ  1 
ATOM   911  N N   . ALA A 1 157 ? 11.743  4.446   0.114   1.00 15.19 ?  752 ALA A N   1 
ATOM   912  C CA  . ALA A 1 157 ? 11.475  3.279   -0.707  1.00 24.25 ?  752 ALA A CA  1 
ATOM   913  C C   . ALA A 1 157 ? 11.266  2.015   0.137   1.00 21.84 ?  752 ALA A C   1 
ATOM   914  O O   . ALA A 1 157 ? 11.969  1.777   1.115   1.00 25.67 ?  752 ALA A O   1 
ATOM   915  C CB  . ALA A 1 157 ? 12.602  3.072   -1.714  1.00 30.63 ?  752 ALA A CB  1 
ATOM   916  N N   . THR A 1 158 ? 10.277  1.218   -0.238  1.00 23.95 ?  753 THR A N   1 
ATOM   917  C CA  . THR A 1 158 ? 10.137  -0.122  0.317   1.00 29.23 ?  753 THR A CA  1 
ATOM   918  C C   . THR A 1 158 ? 10.322  -1.121  -0.819  1.00 35.39 ?  753 THR A C   1 
ATOM   919  O O   . THR A 1 158 ? 10.390  -0.729  -1.985  1.00 39.82 ?  753 THR A O   1 
ATOM   920  C CB  . THR A 1 158 ? 8.778   -0.333  1.007   1.00 21.67 ?  753 THR A CB  1 
ATOM   921  O OG1 . THR A 1 158 ? 7.725   -0.158  0.057   1.00 32.40 ?  753 THR A OG1 1 
ATOM   922  C CG2 . THR A 1 158 ? 8.593   0.655   2.173   1.00 18.73 ?  753 THR A CG2 1 
ATOM   923  N N   . GLN A 1 159 ? 10.421  -2.404  -0.490  1.00 37.39 ?  754 GLN A N   1 
ATOM   924  C CA  . GLN A 1 159 ? 10.730  -3.407  -1.504  1.00 37.77 ?  754 GLN A CA  1 
ATOM   925  C C   . GLN A 1 159 ? 9.556   -4.329  -1.798  1.00 36.44 ?  754 GLN A C   1 
ATOM   926  O O   . GLN A 1 159 ? 8.883   -4.810  -0.886  1.00 43.03 ?  754 GLN A O   1 
ATOM   927  C CB  . GLN A 1 159 ? 11.939  -4.253  -1.085  1.00 39.19 ?  754 GLN A CB  1 
ATOM   928  C CG  . GLN A 1 159 ? 12.840  -3.615  -0.031  1.00 40.09 ?  754 GLN A CG  1 
ATOM   929  C CD  . GLN A 1 159 ? 13.469  -2.316  -0.497  1.00 45.95 ?  754 GLN A CD  1 
ATOM   930  O OE1 . GLN A 1 159 ? 13.721  -1.421  0.306   1.00 53.56 ?  754 GLN A OE1 1 
ATOM   931  N NE2 . GLN A 1 159 ? 13.716  -2.203  -1.800  1.00 51.29 ?  754 GLN A NE2 1 
ATOM   932  N N   . ARG A 1 160 ? 9.312   -4.556  -3.083  1.00 42.17 ?  755 ARG A N   1 
ATOM   933  C CA  A ARG A 1 160 ? 8.361   -5.562  -3.536  0.50 41.05 ?  755 ARG A CA  1 
ATOM   934  C CA  B ARG A 1 160 ? 8.334   -5.555  -3.496  0.50 41.06 ?  755 ARG A CA  1 
ATOM   935  C C   . ARG A 1 160 ? 8.796   -6.943  -3.064  1.00 37.05 ?  755 ARG A C   1 
ATOM   936  O O   . ARG A 1 160 ? 9.988   -7.192  -2.887  1.00 33.96 ?  755 ARG A O   1 
ATOM   937  C CB  A ARG A 1 160 ? 8.262   -5.550  -5.061  0.50 41.04 ?  755 ARG A CB  1 
ATOM   938  C CB  B ARG A 1 160 ? 8.121   -5.526  -5.010  0.50 41.03 ?  755 ARG A CB  1 
ATOM   939  C CG  A ARG A 1 160 ? 6.856   -5.552  -5.609  0.50 44.32 ?  755 ARG A CG  1 
ATOM   940  C CG  B ARG A 1 160 ? 6.695   -5.224  -5.448  0.50 44.54 ?  755 ARG A CG  1 
ATOM   941  C CD  A ARG A 1 160 ? 6.136   -4.254  -5.285  0.50 46.11 ?  755 ARG A CD  1 
ATOM   942  C CD  B ARG A 1 160 ? 6.387   -3.734  -5.403  0.50 48.03 ?  755 ARG A CD  1 
ATOM   943  N NE  A ARG A 1 160 ? 5.373   -3.774  -6.434  0.50 48.69 ?  755 ARG A NE  1 
ATOM   944  N NE  B ARG A 1 160 ? 5.149   -3.380  -6.100  0.50 47.66 ?  755 ARG A NE  1 
ATOM   945  C CZ  A ARG A 1 160 ? 4.655   -2.655  -6.447  0.50 48.26 ?  755 ARG A CZ  1 
ATOM   946  C CZ  B ARG A 1 160 ? 4.974   -3.439  -7.421  0.50 48.77 ?  755 ARG A CZ  1 
ATOM   947  N NH1 A ARG A 1 160 ? 3.996   -2.306  -7.546  0.50 50.84 1  755 ARG A NH1 1 
ATOM   948  N NH1 B ARG A 1 160 ? 3.810   -3.092  -7.954  0.50 46.03 1  755 ARG A NH1 1 
ATOM   949  N NH2 A ARG A 1 160 ? 4.591   -1.889  -5.366  0.50 43.78 ?  755 ARG A NH2 1 
ATOM   950  N NH2 B ARG A 1 160 ? 5.957   -3.845  -8.214  0.50 46.57 ?  755 ARG A NH2 1 
ATOM   951  N N   . THR A 1 161 ? 7.844   -7.839  -2.869  1.00 32.77 ?  756 THR A N   1 
ATOM   952  C CA  . THR A 1 161 ? 8.190   -9.232  -2.642  1.00 33.48 ?  756 THR A CA  1 
ATOM   953  C C   . THR A 1 161 ? 7.572   -9.991  -3.799  1.00 39.06 ?  756 THR A C   1 
ATOM   954  O O   . THR A 1 161 ? 6.378   -9.854  -4.072  1.00 38.73 ?  756 THR A O   1 
ATOM   955  C CB  . THR A 1 161 ? 7.673   -9.781  -1.307  1.00 26.21 ?  756 THR A CB  1 
ATOM   956  O OG1 . THR A 1 161 ? 7.975   -8.860  -0.252  1.00 24.69 ?  756 THR A OG1 1 
ATOM   957  C CG2 . THR A 1 161 ? 8.319   -11.131 -1.013  1.00 32.48 ?  756 THR A CG2 1 
ATOM   958  N N   . GLU A 1 162 ? 8.385   -10.765 -4.504  1.00 46.21 ?  757 GLU A N   1 
ATOM   959  C CA  . GLU A 1 162 ? 7.898   -11.464 -5.685  1.00 42.34 ?  757 GLU A CA  1 
ATOM   960  C C   . GLU A 1 162 ? 7.397   -12.853 -5.324  1.00 33.90 ?  757 GLU A C   1 
ATOM   961  O O   . GLU A 1 162 ? 7.897   -13.470 -4.380  1.00 33.19 ?  757 GLU A O   1 
ATOM   962  C CB  . GLU A 1 162 ? 8.999   -11.551 -6.745  1.00 53.49 ?  757 GLU A CB  1 
ATOM   963  C CG  . GLU A 1 162 ? 9.466   -10.190 -7.269  1.00 63.87 ?  757 GLU A CG  1 
ATOM   964  C CD  . GLU A 1 162 ? 8.379   -9.445  -8.033  1.00 65.90 ?  757 GLU A CD  1 
ATOM   965  O OE1 . GLU A 1 162 ? 7.556   -10.107 -8.701  1.00 69.27 ?  757 GLU A OE1 1 
ATOM   966  O OE2 . GLU A 1 162 ? 8.350   -8.197  -7.967  1.00 66.28 -1 757 GLU A OE2 1 
ATOM   967  N N   . GLY A 1 163 ? 6.392   -13.321 -6.066  1.00 32.85 ?  758 GLY A N   1 
ATOM   968  C CA  . GLY A 1 163 ? 5.914   -14.694 -5.968  1.00 22.59 ?  758 GLY A CA  1 
ATOM   969  C C   . GLY A 1 163 ? 5.054   -15.022 -4.762  1.00 22.91 ?  758 GLY A C   1 
ATOM   970  O O   . GLY A 1 163 ? 4.839   -16.193 -4.454  1.00 35.02 ?  758 GLY A O   1 
ATOM   971  N N   . VAL A 1 164 ? 4.557   -13.999 -4.072  1.00 23.22 ?  759 VAL A N   1 
ATOM   972  C CA  . VAL A 1 164 ? 3.750   -14.233 -2.886  1.00 25.98 ?  759 VAL A CA  1 
ATOM   973  C C   . VAL A 1 164 ? 2.340   -13.644 -3.002  1.00 27.04 ?  759 VAL A C   1 
ATOM   974  O O   . VAL A 1 164 ? 1.610   -13.558 -2.010  1.00 25.42 ?  759 VAL A O   1 
ATOM   975  C CB  . VAL A 1 164 ? 4.441   -13.660 -1.620  1.00 28.66 ?  759 VAL A CB  1 
ATOM   976  C CG1 . VAL A 1 164 ? 5.576   -14.578 -1.167  1.00 13.39 ?  759 VAL A CG1 1 
ATOM   977  C CG2 . VAL A 1 164 ? 4.943   -12.248 -1.875  1.00 25.12 ?  759 VAL A CG2 1 
ATOM   978  N N   . SER A 1 165 ? 1.945   -13.248 -4.207  1.00 26.84 ?  760 SER A N   1 
ATOM   979  C CA  . SER A 1 165 ? 0.630   -12.638 -4.376  1.00 31.92 ?  760 SER A CA  1 
ATOM   980  C C   . SER A 1 165 ? -0.489  -13.678 -4.360  1.00 30.85 ?  760 SER A C   1 
ATOM   981  O O   . SER A 1 165 ? -0.241  -14.868 -4.569  1.00 25.95 ?  760 SER A O   1 
ATOM   982  C CB  . SER A 1 165 ? 0.565   -11.852 -5.672  1.00 25.34 ?  760 SER A CB  1 
ATOM   983  O OG  . SER A 1 165 ? 0.468   -12.727 -6.776  1.00 28.85 ?  760 SER A OG  1 
ATOM   984  N N   . THR A 1 166 ? -1.715  -13.211 -4.119  1.00 30.88 ?  761 THR A N   1 
ATOM   985  C CA  . THR A 1 166 ? -2.902  -14.069 -4.163  1.00 27.46 ?  761 THR A CA  1 
ATOM   986  C C   . THR A 1 166 ? -2.970  -14.829 -5.482  1.00 23.74 ?  761 THR A C   1 
ATOM   987  O O   . THR A 1 166 ? -3.230  -16.030 -5.502  1.00 25.21 ?  761 THR A O   1 
ATOM   988  C CB  . THR A 1 166 ? -4.213  -13.262 -3.990  1.00 25.95 ?  761 THR A CB  1 
ATOM   989  O OG1 . THR A 1 166 ? -4.161  -12.498 -2.783  1.00 25.72 ?  761 THR A OG1 1 
ATOM   990  C CG2 . THR A 1 166 ? -5.407  -14.191 -3.924  1.00 26.02 ?  761 THR A CG2 1 
ATOM   991  N N   . THR A 1 167 ? -2.733  -14.137 -6.589  1.00 22.64 ?  762 THR A N   1 
ATOM   992  C CA  . THR A 1 167 ? -2.817  -14.813 -7.874  1.00 27.12 ?  762 THR A CA  1 
ATOM   993  C C   . THR A 1 167 ? -1.672  -15.815 -8.054  1.00 22.94 ?  762 THR A C   1 
ATOM   994  O O   . THR A 1 167 ? -1.876  -16.875 -8.643  1.00 27.43 ?  762 THR A O   1 
ATOM   995  C CB  . THR A 1 167 ? -2.849  -13.812 -9.045  1.00 22.78 ?  762 THR A CB  1 
ATOM   996  O OG1 . THR A 1 167 ? -1.644  -13.049 -9.067  1.00 26.94 ?  762 THR A OG1 1 
ATOM   997  C CG2 . THR A 1 167 ? -4.049  -12.879 -8.904  1.00 20.47 ?  762 THR A CG2 1 
ATOM   998  N N   . ASP A 1 168 ? -0.486  -15.513 -7.530  1.00 17.31 ?  763 ASP A N   1 
ATOM   999  C CA  . ASP A 1 168 ? 0.603   -16.496 -7.565  1.00 20.50 ?  763 ASP A CA  1 
ATOM   1000 C C   . ASP A 1 168 ? 0.234   -17.809 -6.865  1.00 24.88 ?  763 ASP A C   1 
ATOM   1001 O O   . ASP A 1 168 ? 0.655   -18.894 -7.284  1.00 23.26 ?  763 ASP A O   1 
ATOM   1002 C CB  . ASP A 1 168 ? 1.876   -15.933 -6.928  1.00 23.99 ?  763 ASP A CB  1 
ATOM   1003 C CG  . ASP A 1 168 ? 2.455   -14.764 -7.700  1.00 32.74 ?  763 ASP A CG  1 
ATOM   1004 O OD1 . ASP A 1 168 ? 2.429   -14.796 -8.950  1.00 44.65 ?  763 ASP A OD1 1 
ATOM   1005 O OD2 . ASP A 1 168 ? 2.955   -13.815 -7.052  1.00 37.09 -1 763 ASP A OD2 1 
ATOM   1006 N N   . LEU A 1 169 ? -0.553  -17.714 -5.796  1.00 23.35 ?  764 LEU A N   1 
ATOM   1007 C CA  . LEU A 1 169 ? -0.979  -18.910 -5.077  1.00 21.09 ?  764 LEU A CA  1 
ATOM   1008 C C   . LEU A 1 169 ? -1.969  -19.730 -5.902  1.00 20.94 ?  764 LEU A C   1 
ATOM   1009 O O   . LEU A 1 169 ? -1.943  -20.963 -5.877  1.00 24.25 ?  764 LEU A O   1 
ATOM   1010 C CB  . LEU A 1 169 ? -1.588  -18.539 -3.723  1.00 21.00 ?  764 LEU A CB  1 
ATOM   1011 C CG  . LEU A 1 169 ? -0.664  -17.784 -2.758  1.00 30.45 ?  764 LEU A CG  1 
ATOM   1012 C CD1 . LEU A 1 169 ? -1.430  -17.372 -1.511  1.00 30.71 ?  764 LEU A CD1 1 
ATOM   1013 C CD2 . LEU A 1 169 ? 0.564   -18.615 -2.384  1.00 20.16 ?  764 LEU A CD2 1 
ATOM   1014 N N   . ILE A 1 170 ? -2.839  -19.057 -6.646  1.00 25.25 ?  765 ILE A N   1 
ATOM   1015 C CA  . ILE A 1 170 ? -3.770  -19.769 -7.515  1.00 28.65 ?  765 ILE A CA  1 
ATOM   1016 C C   . ILE A 1 170 ? -3.012  -20.455 -8.646  1.00 24.05 ?  765 ILE A C   1 
ATOM   1017 O O   . ILE A 1 170 ? -3.327  -21.568 -9.044  1.00 19.25 ?  765 ILE A O   1 
ATOM   1018 C CB  . ILE A 1 170 ? -4.832  -18.831 -8.095  1.00 35.16 ?  765 ILE A CB  1 
ATOM   1019 C CG1 . ILE A 1 170 ? -5.546  -18.114 -6.951  1.00 29.27 ?  765 ILE A CG1 1 
ATOM   1020 C CG2 . ILE A 1 170 ? -5.837  -19.626 -8.928  1.00 28.34 ?  765 ILE A CG2 1 
ATOM   1021 C CD1 . ILE A 1 170 ? -6.135  -19.082 -5.931  1.00 29.91 ?  765 ILE A CD1 1 
ATOM   1022 N N   . VAL A 1 171 ? -1.991  -19.789 -9.155  1.00 18.78 ?  766 VAL A N   1 
ATOM   1023 C CA  . VAL A 1 171 ? -1.185  -20.402 -10.188 1.00 29.05 ?  766 VAL A CA  1 
ATOM   1024 C C   . VAL A 1 171 ? -0.534  -21.684 -9.659  1.00 26.74 ?  766 VAL A C   1 
ATOM   1025 O O   . VAL A 1 171 ? -0.450  -22.681 -10.371 1.00 31.62 ?  766 VAL A O   1 
ATOM   1026 C CB  . VAL A 1 171 ? -0.115  -19.431 -10.709 1.00 27.93 ?  766 VAL A CB  1 
ATOM   1027 C CG1 . VAL A 1 171 ? 0.830   -20.146 -11.635 1.00 18.77 ?  766 VAL A CG1 1 
ATOM   1028 C CG2 . VAL A 1 171 ? -0.777  -18.265 -11.419 1.00 27.63 ?  766 VAL A CG2 1 
ATOM   1029 N N   . ARG A 1 172 ? -0.091  -21.654 -8.404  1.00 23.44 ?  767 ARG A N   1 
ATOM   1030 C CA  . ARG A 1 172 ? 0.503   -22.835 -7.779  1.00 30.18 ?  767 ARG A CA  1 
ATOM   1031 C C   . ARG A 1 172 ? -0.523  -23.954 -7.669  1.00 18.74 ?  767 ARG A C   1 
ATOM   1032 O O   . ARG A 1 172 ? -0.197  -25.118 -7.846  1.00 23.88 ?  767 ARG A O   1 
ATOM   1033 C CB  . ARG A 1 172 ? 1.097   -22.493 -6.398  1.00 22.22 ?  767 ARG A CB  1 
ATOM   1034 C CG  . ARG A 1 172 ? 2.439   -21.760 -6.496  1.00 32.68 ?  767 ARG A CG  1 
ATOM   1035 C CD  . ARG A 1 172 ? 2.845   -21.036 -5.207  1.00 29.20 ?  767 ARG A CD  1 
ATOM   1036 N NE  . ARG A 1 172 ? 2.973   -21.944 -4.068  1.00 27.52 ?  767 ARG A NE  1 
ATOM   1037 C CZ  . ARG A 1 172 ? 3.484   -21.595 -2.891  1.00 23.11 ?  767 ARG A CZ  1 
ATOM   1038 N NH1 . ARG A 1 172 ? 3.560   -22.480 -1.901  1.00 22.86 1  767 ARG A NH1 1 
ATOM   1039 N NH2 . ARG A 1 172 ? 3.931   -20.362 -2.710  1.00 28.21 ?  767 ARG A NH2 1 
ATOM   1040 N N   . ILE A 1 173 ? -1.768  -23.600 -7.392  1.00 27.74 ?  768 ILE A N   1 
ATOM   1041 C CA  . ILE A 1 173 ? -2.827  -24.600 -7.351  1.00 23.99 ?  768 ILE A CA  1 
ATOM   1042 C C   . ILE A 1 173 ? -3.003  -25.240 -8.728  1.00 34.69 ?  768 ILE A C   1 
ATOM   1043 O O   . ILE A 1 173 ? -3.119  -26.461 -8.851  1.00 31.20 ?  768 ILE A O   1 
ATOM   1044 C CB  . ILE A 1 173 ? -4.152  -23.994 -6.905  1.00 20.16 ?  768 ILE A CB  1 
ATOM   1045 C CG1 . ILE A 1 173 ? -4.124  -23.713 -5.402  1.00 19.50 ?  768 ILE A CG1 1 
ATOM   1046 C CG2 . ILE A 1 173 ? -5.307  -24.914 -7.256  1.00 19.06 ?  768 ILE A CG2 1 
ATOM   1047 C CD1 . ILE A 1 173 ? -5.288  -22.866 -4.946  1.00 20.21 ?  768 ILE A CD1 1 
ATOM   1048 N N   . LEU A 1 174 ? -3.004  -24.408 -9.764  1.00 28.98 ?  769 LEU A N   1 
ATOM   1049 C CA  . LEU A 1 174 ? -3.291  -24.879 -11.113 1.00 29.67 ?  769 LEU A CA  1 
ATOM   1050 C C   . LEU A 1 174 ? -2.167  -25.760 -11.647 1.00 29.45 ?  769 LEU A C   1 
ATOM   1051 O O   . LEU A 1 174 ? -2.403  -26.662 -12.441 1.00 32.41 ?  769 LEU A O   1 
ATOM   1052 C CB  . LEU A 1 174 ? -3.538  -23.690 -12.041 1.00 25.43 ?  769 LEU A CB  1 
ATOM   1053 C CG  . LEU A 1 174 ? -4.756  -22.841 -11.641 1.00 29.43 ?  769 LEU A CG  1 
ATOM   1054 C CD1 . LEU A 1 174 ? -4.882  -21.618 -12.524 1.00 32.01 ?  769 LEU A CD1 1 
ATOM   1055 C CD2 . LEU A 1 174 ? -6.044  -23.654 -11.663 1.00 23.20 ?  769 LEU A CD2 1 
ATOM   1056 N N   . LYS A 1 175 ? -0.949  -25.513 -11.184 1.00 36.31 ?  770 LYS A N   1 
ATOM   1057 C CA  . LYS A 1 175 ? 0.211   -26.264 -11.653 1.00 36.43 ?  770 LYS A CA  1 
ATOM   1058 C C   . LYS A 1 175 ? 0.156   -27.744 -11.256 1.00 37.95 ?  770 LYS A C   1 
ATOM   1059 O O   . LYS A 1 175 ? 0.901   -28.562 -11.798 1.00 40.19 ?  770 LYS A O   1 
ATOM   1060 C CB  . LYS A 1 175 ? 1.496   -25.632 -11.124 1.00 40.62 ?  770 LYS A CB  1 
ATOM   1061 C CG  . LYS A 1 175 ? 2.403   -25.048 -12.201 1.00 43.23 ?  770 LYS A CG  1 
ATOM   1062 C CD  . LYS A 1 175 ? 2.005   -23.623 -12.569 1.00 45.35 ?  770 LYS A CD  1 
ATOM   1063 C CE  . LYS A 1 175 ? 3.127   -22.923 -13.348 1.00 48.48 ?  770 LYS A CE  1 
ATOM   1064 N NZ  . LYS A 1 175 ? 4.428   -22.904 -12.606 1.00 42.62 1  770 LYS A NZ  1 
ATOM   1065 N N   . ASN A 1 176 ? -0.728  -28.090 -10.324 1.00 31.19 ?  771 ASN A N   1 
ATOM   1066 C CA  . ASN A 1 176 ? -0.930  -29.489 -9.941  1.00 30.56 ?  771 ASN A CA  1 
ATOM   1067 C C   . ASN A 1 176 ? -1.646  -30.273 -11.033 1.00 34.59 ?  771 ASN A C   1 
ATOM   1068 O O   . ASN A 1 176 ? -1.786  -31.490 -10.959 1.00 35.99 ?  771 ASN A O   1 
ATOM   1069 C CB  . ASN A 1 176 ? -1.746  -29.588 -8.651  1.00 38.65 ?  771 ASN A CB  1 
ATOM   1070 C CG  . ASN A 1 176 ? -1.015  -29.042 -7.442  1.00 36.67 ?  771 ASN A CG  1 
ATOM   1071 O OD1 . ASN A 1 176 ? 0.090   -29.474 -7.110  1.00 35.06 ?  771 ASN A OD1 1 
ATOM   1072 N ND2 . ASN A 1 176 ? -1.638  -28.086 -6.772  1.00 35.81 ?  771 ASN A ND2 1 
ATOM   1073 N N   . TYR A 1 177 ? -2.134  -29.556 -12.033 1.00 38.04 ?  772 TYR A N   1 
ATOM   1074 C CA  . TYR A 1 177 ? -2.853  -30.179 -13.125 1.00 39.24 ?  772 TYR A CA  1 
ATOM   1075 C C   . TYR A 1 177 ? -2.025  -30.031 -14.388 1.00 41.83 ?  772 TYR A C   1 
ATOM   1076 O O   . TYR A 1 177 ? -1.786  -28.919 -14.869 1.00 34.52 ?  772 TYR A O   1 
ATOM   1077 C CB  . TYR A 1 177 ? -4.240  -29.554 -13.269 1.00 33.32 ?  772 TYR A CB  1 
ATOM   1078 C CG  . TYR A 1 177 ? -5.073  -29.716 -12.012 1.00 32.28 ?  772 TYR A CG  1 
ATOM   1079 C CD1 . TYR A 1 177 ? -5.948  -30.781 -11.877 1.00 29.75 ?  772 TYR A CD1 1 
ATOM   1080 C CD2 . TYR A 1 177 ? -4.957  -28.818 -10.945 1.00 30.51 ?  772 TYR A CD2 1 
ATOM   1081 C CE1 . TYR A 1 177 ? -6.706  -30.944 -10.730 1.00 32.90 ?  772 TYR A CE1 1 
ATOM   1082 C CE2 . TYR A 1 177 ? -5.712  -28.975 -9.787  1.00 28.32 ?  772 TYR A CE2 1 
ATOM   1083 C CZ  . TYR A 1 177 ? -6.585  -30.044 -9.686  1.00 29.67 ?  772 TYR A CZ  1 
ATOM   1084 O OH  . TYR A 1 177 ? -7.352  -30.221 -8.551  1.00 35.75 ?  772 TYR A OH  1 
ATOM   1085 N N   . GLU A 1 178 ? -1.554  -31.164 -14.895 1.00 40.08 ?  773 GLU A N   1 
ATOM   1086 C CA  A GLU A 1 178 ? -0.701  -31.176 -16.074 0.50 42.34 ?  773 GLU A CA  1 
ATOM   1087 C CA  B GLU A 1 178 ? -0.703  -31.180 -16.075 0.50 42.34 ?  773 GLU A CA  1 
ATOM   1088 C C   . GLU A 1 178 ? -1.489  -30.841 -17.338 1.00 47.96 ?  773 GLU A C   1 
ATOM   1089 O O   . GLU A 1 178 ? -2.641  -31.264 -17.500 1.00 42.11 ?  773 GLU A O   1 
ATOM   1090 C CB  A GLU A 1 178 ? -0.020  -32.536 -16.222 0.50 41.75 ?  773 GLU A CB  1 
ATOM   1091 C CB  B GLU A 1 178 ? -0.028  -32.544 -16.222 0.50 41.75 ?  773 GLU A CB  1 
ATOM   1092 C CG  A GLU A 1 178 ? 1.036   -32.818 -15.167 0.50 41.65 ?  773 GLU A CG  1 
ATOM   1093 C CG  B GLU A 1 178 ? 1.293   -32.662 -15.485 0.50 42.00 ?  773 GLU A CG  1 
ATOM   1094 C CD  A GLU A 1 178 ? 1.305   -34.301 -15.009 0.50 45.98 ?  773 GLU A CD  1 
ATOM   1095 C CD  B GLU A 1 178 ? 2.480   -32.592 -16.425 0.50 41.56 ?  773 GLU A CD  1 
ATOM   1096 O OE1 A GLU A 1 178 ? 0.337   -35.057 -14.785 0.50 43.25 ?  773 GLU A OE1 1 
ATOM   1097 O OE1 B GLU A 1 178 ? 2.475   -33.323 -17.438 0.50 43.07 ?  773 GLU A OE1 1 
ATOM   1098 O OE2 A GLU A 1 178 ? 2.480   -34.712 -15.111 0.50 49.48 -1 773 GLU A OE2 1 
ATOM   1099 O OE2 B GLU A 1 178 ? 3.412   -31.806 -16.156 0.50 39.79 -1 773 GLU A OE2 1 
ATOM   1100 N N   . ASP A 1 179 ? -0.854  -30.075 -18.223 1.00 45.32 ?  774 ASP A N   1 
ATOM   1101 C CA  . ASP A 1 179 ? -1.440  -29.691 -19.507 1.00 42.68 ?  774 ASP A CA  1 
ATOM   1102 C C   . ASP A 1 179 ? -1.966  -30.902 -20.269 1.00 40.27 ?  774 ASP A C   1 
ATOM   1103 O O   . ASP A 1 179 ? -2.963  -30.807 -20.982 1.00 33.10 ?  774 ASP A O   1 
ATOM   1104 C CB  . ASP A 1 179 ? -0.408  -28.955 -20.370 1.00 42.02 ?  774 ASP A CB  1 
ATOM   1105 C CG  . ASP A 1 179 ? -0.139  -27.546 -19.889 1.00 39.12 ?  774 ASP A CG  1 
ATOM   1106 O OD1 . ASP A 1 179 ? -0.715  -27.149 -18.854 1.00 39.30 ?  774 ASP A OD1 1 
ATOM   1107 O OD2 . ASP A 1 179 ? 0.646   -26.838 -20.556 1.00 46.64 -1 774 ASP A OD2 1 
ATOM   1108 N N   . TYR A 1 180 ? -1.280  -32.033 -20.112 1.00 40.92 ?  775 TYR A N   1 
ATOM   1109 C CA  . TYR A 1 180 ? -1.628  -33.263 -20.814 1.00 37.59 ?  775 TYR A CA  1 
ATOM   1110 C C   . TYR A 1 180 ? -1.507  -34.456 -19.877 1.00 46.79 ?  775 TYR A C   1 
ATOM   1111 O O   . TYR A 1 180 ? -2.280  -35.416 -19.970 1.00 42.03 ?  775 TYR A O   1 
ATOM   1112 C CB  . TYR A 1 180 ? -0.736  -33.462 -22.039 1.00 35.87 ?  775 TYR A CB  1 
ATOM   1113 C CG  . TYR A 1 180 ? -0.721  -32.282 -22.996 1.00 42.23 ?  775 TYR A CG  1 
ATOM   1114 C CD1 . TYR A 1 180 ? 0.157   -31.219 -22.807 1.00 39.44 ?  775 TYR A CD1 1 
ATOM   1115 C CD2 . TYR A 1 180 ? -1.573  -32.238 -24.097 1.00 34.97 ?  775 TYR A CD2 1 
ATOM   1116 C CE1 . TYR A 1 180 ? 0.172   -30.136 -23.671 1.00 37.10 ?  775 TYR A CE1 1 
ATOM   1117 C CE2 . TYR A 1 180 ? -1.554  -31.162 -24.978 1.00 32.72 ?  775 TYR A CE2 1 
ATOM   1118 C CZ  . TYR A 1 180 ? -0.674  -30.117 -24.758 1.00 33.87 ?  775 TYR A CZ  1 
ATOM   1119 O OH  . TYR A 1 180 ? -0.646  -29.043 -25.617 1.00 26.69 ?  775 TYR A OH  1 
ATOM   1120 O OXT . TYR A 1 180 ? -0.634  -34.476 -19.001 1.00 48.34 -1 775 TYR A OXT 1 
HETATM 1121 O O   . HOH B 2 .   ? 12.597  14.287  -9.746  1.00 35.80 ?  801 HOH A O   1 
HETATM 1122 O O   . HOH B 2 .   ? 1.585   -14.857 -0.152  1.00 31.25 ?  802 HOH A O   1 
HETATM 1123 O O   . HOH B 2 .   ? 2.683   -19.161 -8.307  1.00 31.54 ?  803 HOH A O   1 
HETATM 1124 O O   . HOH B 2 .   ? 2.200   12.070  -6.784  1.00 28.57 ?  804 HOH A O   1 
HETATM 1125 O O   . HOH B 2 .   ? -2.381  -27.533 -17.299 1.00 39.67 ?  805 HOH A O   1 
HETATM 1126 O O   . HOH B 2 .   ? 1.414   5.943   16.316  1.00 30.92 ?  806 HOH A O   1 
HETATM 1127 O O   . HOH B 2 .   ? -2.336  -37.767 -20.396 1.00 30.24 ?  807 HOH A O   1 
HETATM 1128 O O   . HOH B 2 .   ? 6.483   -6.987  -0.150  1.00 26.65 ?  808 HOH A O   1 
HETATM 1129 O O   . HOH B 2 .   ? 5.051   14.425  11.433  1.00 24.88 ?  809 HOH A O   1 
HETATM 1130 O O   . HOH B 2 .   ? -9.284  11.298  6.962   1.00 10.97 ?  810 HOH A O   1 
HETATM 1131 O O   . HOH B 2 .   ? 9.567   -5.277  2.147   1.00 33.61 ?  811 HOH A O   1 
HETATM 1132 O O   . HOH B 2 .   ? -7.144  -5.178  1.989   1.00 5.47  ?  812 HOH A O   1 
HETATM 1133 O O   . HOH B 2 .   ? -6.358  -6.166  -7.925  1.00 30.30 ?  813 HOH A O   1 
HETATM 1134 O O   . HOH B 2 .   ? 12.664  10.527  14.992  1.00 36.65 ?  814 HOH A O   1 
HETATM 1135 O O   . HOH B 2 .   ? 11.766  -0.573  7.356   1.00 18.88 ?  815 HOH A O   1 
HETATM 1136 O O   . HOH B 2 .   ? 9.830   15.083  5.996   1.00 29.51 ?  816 HOH A O   1 
HETATM 1137 O O   . HOH B 2 .   ? -3.969  -35.851 -21.843 1.00 18.35 ?  817 HOH A O   1 
HETATM 1138 O O   . HOH B 2 .   ? -1.582  -0.047  15.595  1.00 27.07 ?  818 HOH A O   1 
HETATM 1139 O O   . HOH B 2 .   ? -3.592  14.249  -1.441  1.00 16.07 ?  819 HOH A O   1 
HETATM 1140 O O   . HOH B 2 .   ? -14.988 4.789   3.614   1.00 34.17 ?  820 HOH A O   1 
HETATM 1141 O O   . HOH B 2 .   ? -7.850  -7.717  0.781   1.00 13.38 ?  821 HOH A O   1 
HETATM 1142 O O   . HOH B 2 .   ? 1.142   -0.818  14.762  1.00 17.32 ?  822 HOH A O   1 
HETATM 1143 O O   . HOH B 2 .   ? 13.179  11.109  0.242   1.00 29.73 ?  823 HOH A O   1 
HETATM 1144 O O   . HOH B 2 .   ? 3.764   19.560  2.516   1.00 30.26 ?  824 HOH A O   1 
HETATM 1145 O O   . HOH B 2 .   ? -9.153  7.870   9.084   1.00 29.18 ?  825 HOH A O   1 
HETATM 1146 O O   . HOH B 2 .   ? -8.570  6.933   -4.166  1.00 17.69 ?  826 HOH A O   1 
HETATM 1147 O O   . HOH B 2 .   ? 0.804   15.779  -6.225  1.00 31.74 ?  827 HOH A O   1 
HETATM 1148 O O   . HOH B 2 .   ? -9.527  -9.595  2.193   1.00 26.60 ?  828 HOH A O   1 
HETATM 1149 O O   . HOH B 2 .   ? 10.440  -1.346  -5.601  1.00 47.61 ?  829 HOH A O   1 
HETATM 1150 O O   . HOH B 2 .   ? 8.711   -10.166 7.388   1.00 24.89 ?  830 HOH A O   1 
HETATM 1151 O O   . HOH B 2 .   ? -4.821  17.905  -0.589  1.00 13.87 ?  831 HOH A O   1 
HETATM 1152 O O   . HOH B 2 .   ? -3.025  9.028   -1.382  1.00 17.07 ?  832 HOH A O   1 
HETATM 1153 O O   . HOH B 2 .   ? 11.681  7.447   15.555  1.00 26.14 ?  833 HOH A O   1 
HETATM 1154 O O   . HOH B 2 .   ? 8.712   1.472   14.185  1.00 15.17 ?  834 HOH A O   1 
HETATM 1155 O O   . HOH B 2 .   ? 1.873   -0.387  1.015   1.00 19.58 ?  835 HOH A O   1 
HETATM 1156 O O   . HOH B 2 .   ? -10.619 10.314  3.026   1.00 7.87  ?  836 HOH A O   1 
HETATM 1157 O O   . HOH B 2 .   ? 4.232   -11.108 -5.089  1.00 35.67 ?  837 HOH A O   1 
HETATM 1158 O O   . HOH B 2 .   ? -12.261 -3.822  -11.626 1.00 35.84 ?  838 HOH A O   1 
HETATM 1159 O O   . HOH B 2 .   ? -18.640 -4.575  0.320   1.00 20.19 ?  839 HOH A O   1 
HETATM 1160 O O   . HOH B 2 .   ? -10.870 8.934   -3.133  1.00 9.71  ?  840 HOH A O   1 
HETATM 1161 O O   . HOH B 2 .   ? 11.855  -6.753  11.468  1.00 26.24 ?  841 HOH A O   1 
HETATM 1162 O O   . HOH B 2 .   ? 4.456   0.228   -2.816  1.00 41.68 ?  842 HOH A O   1 
HETATM 1163 O O   . HOH B 2 .   ? 16.382  8.114   7.342   1.00 33.44 ?  843 HOH A O   1 
HETATM 1164 O O   . HOH B 2 .   ? 1.762   -2.645  -0.379  1.00 26.40 ?  844 HOH A O   1 
HETATM 1165 O O   . HOH B 2 .   ? 8.882   -6.627  5.852   1.00 23.40 ?  845 HOH A O   1 
HETATM 1166 O O   . HOH B 2 .   ? 13.365  20.098  -1.953  1.00 25.28 ?  846 HOH A O   1 
HETATM 1167 O O   . HOH B 2 .   ? 1.200   -28.591 -17.052 1.00 46.97 ?  847 HOH A O   1 
HETATM 1168 O O   . HOH B 2 .   ? -7.909  4.432   11.285  1.00 18.86 ?  848 HOH A O   1 
HETATM 1169 O O   . HOH B 2 .   ? -7.807  -2.627  13.941  1.00 21.85 ?  849 HOH A O   1 
HETATM 1170 O O   . HOH B 2 .   ? 10.317  -7.536  4.050   1.00 35.17 ?  850 HOH A O   1 
HETATM 1171 O O   . HOH B 2 .   ? -3.110  21.447  4.494   1.00 28.00 ?  851 HOH A O   1 
HETATM 1172 O O   . HOH B 2 .   ? 3.211   -17.336 -9.975  1.00 31.94 ?  852 HOH A O   1 
HETATM 1173 O O   . HOH B 2 .   ? 8.205   -7.174  14.778  1.00 26.19 ?  853 HOH A O   1 
HETATM 1174 O O   . HOH B 2 .   ? -3.642  -4.850  -4.673  1.00 24.53 ?  854 HOH A O   1 
HETATM 1175 O O   . HOH B 2 .   ? -1.397  -36.389 -16.965 1.00 37.31 ?  855 HOH A O   1 
HETATM 1176 O O   . HOH B 2 .   ? 12.085  10.137  -9.620  1.00 34.68 ?  856 HOH A O   1 
HETATM 1177 O O   . HOH B 2 .   ? 13.411  -0.518  5.087   1.00 32.27 ?  857 HOH A O   1 
HETATM 1178 O O   . HOH B 2 .   ? 14.473  1.906   -4.333  1.00 38.11 ?  858 HOH A O   1 
HETATM 1179 O O   . HOH B 2 .   ? 6.845   2.344   15.729  1.00 12.50 ?  859 HOH A O   1 
HETATM 1180 O O   . HOH B 2 .   ? -11.292 7.280   6.383   1.00 18.27 ?  860 HOH A O   1 
HETATM 1181 O O   . HOH B 2 .   ? 14.439  5.426   0.860   1.00 26.43 ?  861 HOH A O   1 
HETATM 1182 O O   . HOH B 2 .   ? 7.310   -9.879  11.435  1.00 30.42 ?  862 HOH A O   1 
HETATM 1183 O O   . HOH B 2 .   ? 4.491   19.278  4.830   1.00 30.12 ?  863 HOH A O   1 
HETATM 1184 O O   . HOH B 2 .   ? 2.479   1.457   -0.933  1.00 36.45 ?  864 HOH A O   1 
HETATM 1185 O O   . HOH B 2 .   ? 14.845  5.749   14.416  1.00 26.67 ?  865 HOH A O   1 
HETATM 1186 O O   . HOH B 2 .   ? 3.891   12.246  15.033  1.00 33.59 ?  866 HOH A O   1 
HETATM 1187 O O   . HOH B 2 .   ? -17.330 -0.393  -0.435  1.00 17.01 ?  867 HOH A O   1 
HETATM 1188 O O   . HOH B 2 .   ? -8.258  12.447  2.880   1.00 13.19 ?  868 HOH A O   1 
HETATM 1189 O O   . HOH B 2 .   ? 13.200  12.054  9.947   1.00 34.12 ?  869 HOH A O   1 
HETATM 1190 O O   . HOH B 2 .   ? -3.500  -8.665  -5.362  1.00 23.56 ?  870 HOH A O   1 
HETATM 1191 O O   . HOH B 2 .   ? -17.717 -1.427  -5.577  1.00 38.80 ?  871 HOH A O   1 
HETATM 1192 O O   . HOH B 2 .   ? -14.858 3.842   -3.868  1.00 29.64 ?  872 HOH A O   1 
HETATM 1193 O O   . HOH B 2 .   ? 14.070  -0.966  9.034   1.00 21.22 ?  873 HOH A O   1 
HETATM 1194 O O   . HOH B 2 .   ? 3.693   1.583   17.504  1.00 29.16 ?  874 HOH A O   1 
HETATM 1195 O O   . HOH B 2 .   ? -0.420  -3.800  16.603  1.00 25.28 ?  875 HOH A O   1 
HETATM 1196 O O   . HOH B 2 .   ? -0.843  -14.173 1.288   1.00 26.90 ?  876 HOH A O   1 
HETATM 1197 O O   . HOH B 2 .   ? 5.611   -19.504 -5.320  1.00 43.29 ?  877 HOH A O   1 
HETATM 1198 O O   . HOH B 2 .   ? -2.988  -10.950 -6.127  1.00 31.05 ?  878 HOH A O   1 
HETATM 1199 O O   . HOH B 2 .   ? 11.641  -7.314  9.188   1.00 29.53 ?  879 HOH A O   1 
HETATM 1200 O O   . HOH B 2 .   ? -6.632  1.619   -16.994 1.00 51.45 ?  880 HOH A O   1 
HETATM 1201 O O   . HOH B 2 .   ? 5.574   14.010  -9.300  1.00 32.36 ?  881 HOH A O   1 
HETATM 1202 O O   . HOH B 2 .   ? 3.911   -12.670 15.956  1.00 28.85 ?  882 HOH A O   1 
HETATM 1203 O O   . HOH B 2 .   ? -3.083  11.617  -0.445  1.00 24.70 ?  883 HOH A O   1 
HETATM 1204 O O   . HOH B 2 .   ? 15.747  14.344  -5.271  1.00 30.43 ?  884 HOH A O   1 
HETATM 1205 O O   . HOH B 2 .   ? 10.807  13.420  10.094  1.00 34.41 ?  885 HOH A O   1 
HETATM 1206 O O   . HOH B 2 .   ? 5.470   -8.794  16.217  1.00 28.57 ?  886 HOH A O   1 
HETATM 1207 O O   . HOH B 2 .   ? -3.087  -35.017 -16.273 1.00 40.11 ?  887 HOH A O   1 
HETATM 1208 O O   . HOH B 2 .   ? 3.596   14.333  13.504  1.00 35.98 ?  888 HOH A O   1 
HETATM 1209 O O   . HOH B 2 .   ? -17.782 1.377   1.325   1.00 30.21 ?  889 HOH A O   1 
HETATM 1210 O O   . HOH B 2 .   ? -5.466  20.902  2.898   1.00 28.50 ?  890 HOH A O   1 
HETATM 1211 O O   . HOH B 2 .   ? 15.941  3.968   -2.782  1.00 38.13 ?  891 HOH A O   1 
HETATM 1212 O O   . HOH B 2 .   ? -3.961  -31.674 -6.774  1.00 39.74 ?  892 HOH A O   1 
HETATM 1213 O O   . HOH B 2 .   ? 7.112   -5.503  16.103  1.00 20.40 ?  893 HOH A O   1 
HETATM 1214 O O   . HOH B 2 .   ? -6.211  -0.933  -18.682 1.00 42.49 ?  894 HOH A O   1 
HETATM 1215 O O   . HOH B 2 .   ? 15.515  -1.547  6.211   1.00 25.73 ?  895 HOH A O   1 
HETATM 1216 O O   . HOH B 2 .   ? 5.893   18.775  0.722   1.00 18.93 ?  896 HOH A O   1 
HETATM 1217 O O   . HOH B 2 .   ? 14.130  10.989  12.477  1.00 37.63 ?  897 HOH A O   1 
HETATM 1218 O O   . HOH B 2 .   ? -7.614  0.953   16.599  1.00 40.35 ?  898 HOH A O   1 
# 
